data_6GH3
#
_entry.id   6GH3
#
_cell.length_a   146.570
_cell.length_b   146.570
_cell.length_c   222.227
_cell.angle_alpha   90.000
_cell.angle_beta   90.000
_cell.angle_gamma   90.000
#
_symmetry.space_group_name_H-M   'P 41 21 2'
#
loop_
_entity.id
_entity.type
_entity.pdbx_description
1 polymer 'Laminaribiose phosphorylase'
2 non-polymer 'SULFATE ION'
3 non-polymer 1-O-phosphono-alpha-D-mannopyranose
4 non-polymer 1,2-ETHANEDIOL
5 non-polymer 'CHLORIDE ION'
6 water water
#
_entity_poly.entity_id   1
_entity_poly.type   'polypeptide(L)'
_entity_poly.pdbx_seq_one_letter_code
;GPMGQKGWKFQGEQGEFRLEQPEHNSYLYFPLVNEAGMMSAVTPNLHGEITSGHNTFLMEPVSAESLHNSKASRNFWVFI
EGYGAWSVSGNSARQNAARFTGEEERSAVEAGFLWHAVTRENEKAGLKARTVSFVPVTDDKIELMRVTLTNTGNAPLKLT
PTAAIPLYGRSADDLRDHRHVTSLLHRIFTSEYGIEVQPALSFDERGHRVNKVTYGVFGAEAGGTAPAGFFPVTEDFIGE
GGALDWPEAVVANREPDAQAGTAVEGYEAVGALRFAPVELAPGKSVSYVVAMVISGDRIDVGRYAADYLAAGRFDALLEQ
NRAYWRDKLDTVRFSSGDGEQDLWMKWVTLQPILRRLYGNSFLPYHDYGRGGRGWRDLWQDCLALMVMEPAEVRHLLLNN
YAGVRMDGSNATIIGAGPGEFVADRNNIPRVWMDHGAWPLMTTLLYLHQSGDLDLLFQPQSYFRDVFVKRCRERDASWTP
EQGNKLLTADGQIYEGTILEHILLQNIVPFFNVGEHGNIKLEGADWNDGLDLAPERGESVAFTAFYASNLMELSELLLEL
QKRTGKDSLDIAEEMALLLDTLGKPISYDSIQEKRSLLDRYYDAVTPRVSGKKLLLDIRKVAEDLKRKADWAVAHLRGSE
WIQSKEGYAWFNGYYNNDGERVEGDHPDGVRMTLTGQVFAIMGGVATDEQTEKISQAVNRYLKDERIGYRLNSRFGGIQQ
NLGRAFGFAFGHKENGAMFSHMTVMYANALYKRGFVQEGFEVLDSIYRLSADFENSRIYPGVPEYINERGRGMYTYLTGS
ASWLLLTQLTEVYGVKGRFGDLRLEPKLVQAQFDGSGEAAVETLFAGRMLRVVYRNPQAAEHGQYRVDSVSLNGQSVDCQ
NDGAGCLIGRSLIEALPADGVHELIVTLGRNIS
;
_entity_poly.pdbx_strand_id   A,B
#
# COMPACT_ATOMS: atom_id res chain seq x y z
N LYS A 6 -31.55 -16.94 8.16
CA LYS A 6 -32.46 -15.77 8.36
C LYS A 6 -31.82 -14.51 7.76
N GLY A 7 -32.34 -14.12 6.60
CA GLY A 7 -31.94 -12.90 5.93
C GLY A 7 -32.60 -11.67 6.49
N TRP A 8 -32.33 -10.54 5.83
CA TRP A 8 -32.99 -9.29 6.14
C TRP A 8 -34.48 -9.35 5.76
N LYS A 9 -35.27 -8.51 6.44
CA LYS A 9 -36.70 -8.37 6.15
C LYS A 9 -37.03 -6.91 6.04
N PHE A 10 -37.71 -6.50 4.98
CA PHE A 10 -38.22 -5.15 4.88
C PHE A 10 -39.26 -4.86 5.97
N GLN A 11 -39.25 -3.63 6.47
CA GLN A 11 -40.23 -3.13 7.43
C GLN A 11 -40.81 -1.87 6.88
N GLY A 12 -42.13 -1.73 6.96
CA GLY A 12 -42.80 -0.55 6.41
C GLY A 12 -42.74 -0.59 4.90
N GLU A 13 -43.02 0.55 4.28
CA GLU A 13 -43.19 0.65 2.83
C GLU A 13 -42.24 1.62 2.12
N GLN A 14 -41.21 2.09 2.81
CA GLN A 14 -40.25 3.01 2.23
C GLN A 14 -38.86 2.42 2.07
N GLY A 15 -38.71 1.11 2.34
CA GLY A 15 -37.48 0.39 2.01
C GLY A 15 -36.59 0.09 3.18
N GLU A 16 -37.01 0.51 4.37
CA GLU A 16 -36.28 0.17 5.59
C GLU A 16 -36.23 -1.37 5.75
N PHE A 17 -35.11 -1.88 6.22
CA PHE A 17 -34.95 -3.29 6.51
C PHE A 17 -34.29 -3.52 7.85
N ARG A 18 -34.44 -4.75 8.34
CA ARG A 18 -33.81 -5.21 9.57
C ARG A 18 -33.18 -6.58 9.31
N LEU A 19 -32.02 -6.79 9.91
CA LEU A 19 -31.33 -8.08 9.90
C LEU A 19 -30.95 -8.44 11.34
N GLU A 20 -31.43 -9.60 11.82
CA GLU A 20 -31.05 -10.12 13.13
C GLU A 20 -29.68 -10.78 13.09
N GLN A 21 -28.94 -10.74 14.21
CA GLN A 21 -27.60 -11.32 14.32
C GLN A 21 -26.70 -11.01 13.12
N PRO A 22 -26.63 -9.73 12.74
CA PRO A 22 -25.97 -9.36 11.49
C PRO A 22 -24.48 -9.68 11.45
N GLU A 23 -23.79 -9.65 12.59
CA GLU A 23 -22.36 -9.98 12.60
C GLU A 23 -22.10 -11.48 12.43
N HIS A 24 -23.15 -12.32 12.34
CA HIS A 24 -22.98 -13.75 11.98
C HIS A 24 -22.71 -13.95 10.47
N ASN A 25 -22.44 -12.87 9.73
CA ASN A 25 -22.22 -12.88 8.31
C ASN A 25 -20.92 -12.14 8.02
N SER A 26 -20.01 -12.73 7.26
CA SER A 26 -18.76 -12.08 6.98
C SER A 26 -18.97 -11.02 5.90
N TYR A 27 -18.15 -9.98 5.98
CA TYR A 27 -17.96 -8.99 4.92
C TYR A 27 -19.10 -7.99 4.66
N LEU A 28 -20.17 -7.99 5.45
CA LEU A 28 -21.25 -7.03 5.27
C LEU A 28 -20.81 -5.60 5.54
N TYR A 29 -21.27 -4.68 4.69
CA TYR A 29 -21.14 -3.25 4.98
C TYR A 29 -22.21 -2.42 4.27
N PHE A 30 -22.42 -1.21 4.77
CA PHE A 30 -23.50 -0.30 4.38
C PHE A 30 -22.91 1.08 4.09
N PRO A 31 -23.40 1.78 3.05
CA PRO A 31 -22.78 3.04 2.66
C PRO A 31 -23.47 4.28 3.28
N LEU A 32 -22.66 5.24 3.71
CA LEU A 32 -23.14 6.55 4.18
C LEU A 32 -22.31 7.62 3.49
N VAL A 33 -22.97 8.55 2.80
CA VAL A 33 -22.29 9.49 1.92
C VAL A 33 -23.09 10.76 1.72
N ASN A 34 -22.40 11.86 1.45
CA ASN A 34 -23.05 13.10 1.00
C ASN A 34 -22.33 13.73 -0.19
N GLU A 35 -22.96 14.75 -0.76
CA GLU A 35 -22.42 15.47 -1.92
C GLU A 35 -21.19 16.28 -1.54
N ALA A 36 -21.12 16.71 -0.28
CA ALA A 36 -19.98 17.49 0.21
C ALA A 36 -18.66 16.69 0.10
N GLY A 37 -18.78 15.36 0.14
CA GLY A 37 -17.65 14.47 -0.09
C GLY A 37 -17.23 13.60 1.07
N MET A 38 -18.04 13.47 2.13
CA MET A 38 -17.77 12.45 3.15
C MET A 38 -18.24 11.09 2.62
N MET A 39 -17.33 10.12 2.61
CA MET A 39 -17.60 8.80 2.05
C MET A 39 -17.24 7.74 3.08
N SER A 40 -18.25 7.03 3.59
CA SER A 40 -18.08 6.05 4.66
C SER A 40 -18.70 4.71 4.35
N ALA A 41 -18.19 3.71 5.04
CA ALA A 41 -18.78 2.39 5.06
C ALA A 41 -18.88 1.97 6.51
N VAL A 42 -19.96 1.29 6.86
CA VAL A 42 -20.18 0.82 8.21
C VAL A 42 -20.66 -0.63 8.22
N THR A 43 -20.02 -1.46 9.05
CA THR A 43 -20.35 -2.87 9.18
C THR A 43 -21.22 -3.07 10.41
N PRO A 44 -21.71 -4.31 10.63
CA PRO A 44 -22.53 -4.56 11.82
C PRO A 44 -21.84 -4.33 13.17
N ASN A 45 -20.49 -4.37 13.23
CA ASN A 45 -19.77 -4.08 14.48
C ASN A 45 -19.13 -2.67 14.46
N LEU A 46 -19.54 -1.85 13.48
CA LEU A 46 -19.12 -0.46 13.26
C LEU A 46 -17.74 -0.28 12.64
N HIS A 47 -17.20 -1.37 12.06
CA HIS A 47 -16.00 -1.25 11.25
C HIS A 47 -16.36 -0.62 9.92
N GLY A 48 -15.35 -0.46 9.05
CA GLY A 48 -15.53 0.12 7.73
C GLY A 48 -14.42 1.12 7.52
N GLU A 49 -14.78 2.27 6.97
CA GLU A 49 -13.80 3.30 6.70
C GLU A 49 -14.52 4.63 6.55
N ILE A 50 -13.77 5.71 6.66
CA ILE A 50 -14.28 7.06 6.57
C ILE A 50 -13.21 7.83 5.84
N THR A 51 -13.59 8.49 4.75
CA THR A 51 -12.63 9.20 3.96
C THR A 51 -13.28 10.27 3.11
N SER A 52 -12.49 11.25 2.69
CA SER A 52 -12.89 12.21 1.70
C SER A 52 -12.11 12.08 0.42
N GLY A 53 -11.26 11.05 0.28
CA GLY A 53 -10.45 10.94 -0.93
C GLY A 53 -9.28 10.05 -0.70
N HIS A 54 -8.57 9.72 -1.76
CA HIS A 54 -7.45 8.80 -1.67
C HIS A 54 -6.38 9.27 -0.66
N ASN A 55 -6.18 10.58 -0.59
CA ASN A 55 -5.13 11.14 0.26
C ASN A 55 -5.60 11.58 1.65
N THR A 56 -6.91 11.45 1.93
CA THR A 56 -7.50 12.00 3.15
C THR A 56 -8.47 11.06 3.85
N PHE A 57 -7.91 9.94 4.31
CA PHE A 57 -8.64 8.95 5.10
C PHE A 57 -8.66 9.32 6.58
N LEU A 58 -9.84 9.42 7.17
CA LEU A 58 -9.96 9.68 8.60
C LEU A 58 -9.73 8.38 9.37
N MET A 59 -10.38 7.32 8.95
CA MET A 59 -10.10 5.97 9.46
C MET A 59 -9.21 5.22 8.47
N GLU A 60 -8.55 4.16 8.95
CA GLU A 60 -7.56 3.40 8.14
C GLU A 60 -8.24 2.86 6.89
N PRO A 61 -7.58 2.94 5.73
CA PRO A 61 -8.08 2.30 4.52
C PRO A 61 -8.20 0.78 4.74
N VAL A 62 -9.28 0.19 4.24
CA VAL A 62 -9.50 -1.25 4.41
C VAL A 62 -9.75 -1.91 3.08
N SER A 63 -9.62 -3.24 3.07
CA SER A 63 -10.21 -4.07 2.04
C SER A 63 -11.16 -5.03 2.76
N ALA A 64 -11.69 -6.02 2.06
CA ALA A 64 -12.67 -6.96 2.64
C ALA A 64 -12.15 -7.73 3.87
N GLU A 65 -10.93 -8.27 3.80
CA GLU A 65 -10.40 -9.08 4.91
C GLU A 65 -10.21 -8.25 6.20
N SER A 66 -9.94 -6.96 6.08
CA SER A 66 -9.86 -6.06 7.24
C SER A 66 -11.12 -6.08 8.11
N LEU A 67 -12.28 -6.35 7.51
CA LEU A 67 -13.52 -6.20 8.24
C LEU A 67 -13.65 -7.19 9.39
N HIS A 68 -12.96 -8.34 9.27
CA HIS A 68 -12.80 -9.27 10.38
C HIS A 68 -11.43 -9.20 11.06
N ASN A 69 -10.37 -8.92 10.29
CA ASN A 69 -9.03 -9.07 10.79
C ASN A 69 -8.47 -7.87 11.58
N SER A 70 -8.99 -6.68 11.35
CA SER A 70 -8.57 -5.47 12.04
C SER A 70 -9.48 -5.21 13.20
N LYS A 71 -8.89 -4.83 14.33
CA LYS A 71 -9.65 -4.55 15.54
C LYS A 71 -10.19 -3.13 15.60
N ALA A 72 -9.78 -2.30 14.64
CA ALA A 72 -9.99 -0.85 14.68
C ALA A 72 -11.34 -0.40 14.11
N SER A 73 -12.42 -0.95 14.63
CA SER A 73 -13.74 -0.46 14.29
C SER A 73 -13.97 0.90 14.99
N ARG A 74 -14.97 1.64 14.52
CA ARG A 74 -15.55 2.66 15.36
C ARG A 74 -15.99 1.92 16.62
N ASN A 75 -15.93 2.56 17.76
CA ASN A 75 -16.37 1.87 18.96
C ASN A 75 -16.93 2.84 19.96
N PHE A 76 -17.78 2.32 20.84
CA PHE A 76 -18.25 3.04 21.98
C PHE A 76 -18.35 2.03 23.10
N TRP A 77 -17.70 2.37 24.19
CA TRP A 77 -17.52 1.49 25.31
C TRP A 77 -18.30 1.95 26.50
N VAL A 78 -18.72 0.97 27.28
CA VAL A 78 -19.34 1.23 28.56
C VAL A 78 -18.63 0.33 29.55
N PHE A 79 -18.09 0.91 30.61
CA PHE A 79 -17.61 0.15 31.74
C PHE A 79 -18.77 0.05 32.69
N ILE A 80 -19.33 -1.16 32.80
CA ILE A 80 -20.52 -1.40 33.60
C ILE A 80 -20.10 -1.89 34.97
N GLU A 81 -20.50 -1.20 36.04
CA GLU A 81 -20.20 -1.68 37.40
C GLU A 81 -20.80 -3.09 37.57
N GLY A 82 -20.00 -4.03 38.09
CA GLY A 82 -20.40 -5.44 38.24
C GLY A 82 -20.16 -6.32 37.02
N TYR A 83 -19.78 -5.73 35.89
CA TYR A 83 -19.61 -6.48 34.64
C TYR A 83 -18.26 -6.14 33.98
N GLY A 84 -17.95 -4.85 33.85
CA GLY A 84 -16.70 -4.39 33.26
C GLY A 84 -16.90 -3.81 31.87
N ALA A 85 -15.88 -3.87 31.05
CA ALA A 85 -15.88 -3.29 29.72
C ALA A 85 -16.84 -4.00 28.77
N TRP A 86 -17.56 -3.22 27.96
CA TRP A 86 -18.56 -3.74 27.01
C TRP A 86 -18.69 -2.78 25.82
N SER A 87 -18.65 -3.34 24.61
CA SER A 87 -18.76 -2.57 23.38
C SER A 87 -20.20 -2.58 22.91
N VAL A 88 -20.74 -1.41 22.60
CA VAL A 88 -22.12 -1.31 22.12
C VAL A 88 -22.37 -1.98 20.76
N SER A 89 -21.29 -2.26 20.01
CA SER A 89 -21.39 -2.96 18.72
C SER A 89 -20.92 -4.40 18.78
N GLY A 90 -20.58 -4.87 19.97
CA GLY A 90 -20.00 -6.20 20.14
C GLY A 90 -18.55 -6.36 19.77
N ASN A 91 -17.85 -5.28 19.45
CA ASN A 91 -16.45 -5.42 19.12
C ASN A 91 -15.56 -5.25 20.34
N SER A 92 -15.58 -6.26 21.20
CA SER A 92 -14.62 -6.41 22.27
C SER A 92 -14.13 -7.83 22.24
N ALA A 93 -12.91 -8.04 22.74
CA ALA A 93 -12.36 -9.38 22.81
C ALA A 93 -13.30 -10.31 23.56
N ARG A 94 -13.91 -9.82 24.65
CA ARG A 94 -14.77 -10.62 25.47
C ARG A 94 -16.03 -11.02 24.71
N GLN A 95 -16.69 -10.05 24.07
CA GLN A 95 -17.89 -10.33 23.30
C GLN A 95 -17.61 -11.20 22.07
N ASN A 96 -16.51 -10.95 21.38
CA ASN A 96 -16.15 -11.78 20.20
C ASN A 96 -15.89 -13.25 20.59
N ALA A 97 -15.38 -13.46 21.80
CA ALA A 97 -15.12 -14.81 22.30
C ALA A 97 -16.38 -15.68 22.51
N ALA A 98 -17.56 -15.06 22.50
CA ALA A 98 -18.83 -15.77 22.55
C ALA A 98 -19.27 -16.29 21.17
N ARG A 99 -18.69 -15.77 20.09
CA ARG A 99 -19.03 -16.27 18.76
C ARG A 99 -18.78 -17.79 18.65
N PHE A 100 -19.75 -18.47 18.06
CA PHE A 100 -19.75 -19.92 17.84
C PHE A 100 -19.90 -20.77 19.10
N THR A 101 -20.28 -20.17 20.22
CA THR A 101 -20.47 -20.92 21.47
C THR A 101 -21.96 -21.04 21.83
N GLY A 102 -22.83 -20.47 21.01
CA GLY A 102 -24.27 -20.41 21.30
C GLY A 102 -24.64 -19.46 22.44
N GLU A 103 -23.71 -18.60 22.87
CA GLU A 103 -23.92 -17.65 23.98
C GLU A 103 -23.87 -16.19 23.50
N GLU A 104 -24.01 -15.96 22.19
CA GLU A 104 -23.87 -14.63 21.61
C GLU A 104 -25.01 -13.74 22.12
N GLU A 105 -24.70 -12.46 22.29
CA GLU A 105 -25.71 -11.48 22.61
C GLU A 105 -26.64 -11.24 21.44
N ARG A 106 -27.86 -10.87 21.75
CA ARG A 106 -28.84 -10.49 20.73
C ARG A 106 -28.48 -9.14 20.14
N SER A 107 -28.48 -9.08 18.81
CA SER A 107 -28.07 -7.91 18.07
C SER A 107 -28.90 -7.79 16.79
N ALA A 108 -28.89 -6.60 16.21
CA ALA A 108 -29.56 -6.35 14.95
C ALA A 108 -29.01 -5.12 14.24
N VAL A 109 -29.13 -5.14 12.92
CA VAL A 109 -28.93 -3.97 12.07
C VAL A 109 -30.29 -3.57 11.53
N GLU A 110 -30.59 -2.28 11.58
CA GLU A 110 -31.70 -1.69 10.80
C GLU A 110 -31.11 -0.61 9.95
N ALA A 111 -31.60 -0.46 8.72
CA ALA A 111 -31.16 0.65 7.88
C ALA A 111 -32.23 1.17 6.95
N GLY A 112 -32.00 2.37 6.48
CA GLY A 112 -32.93 3.04 5.57
C GLY A 112 -32.18 4.06 4.77
N PHE A 113 -32.92 4.98 4.16
CA PHE A 113 -32.34 5.95 3.25
C PHE A 113 -32.09 7.29 3.99
N LEU A 114 -30.84 7.65 4.35
CA LEU A 114 -29.60 6.86 4.27
C LEU A 114 -28.95 6.89 5.64
N TRP A 115 -29.19 5.83 6.41
CA TRP A 115 -28.82 5.74 7.81
C TRP A 115 -28.76 4.28 8.20
N HIS A 116 -28.11 3.99 9.32
CA HIS A 116 -27.78 2.65 9.77
C HIS A 116 -27.86 2.62 11.30
N ALA A 117 -28.42 1.55 11.84
CA ALA A 117 -28.58 1.42 13.28
C ALA A 117 -28.14 0.04 13.75
N VAL A 118 -27.23 0.00 14.72
CA VAL A 118 -26.85 -1.28 15.36
C VAL A 118 -27.41 -1.34 16.76
N THR A 119 -28.09 -2.44 17.09
CA THR A 119 -28.63 -2.65 18.43
C THR A 119 -27.95 -3.85 19.06
N ARG A 120 -27.81 -3.81 20.39
CA ARG A 120 -27.26 -4.93 21.15
C ARG A 120 -27.79 -4.95 22.56
N GLU A 121 -27.92 -6.15 23.12
CA GLU A 121 -28.46 -6.35 24.46
C GLU A 121 -27.48 -7.14 25.33
N ASN A 122 -27.15 -6.60 26.49
CA ASN A 122 -26.40 -7.31 27.52
C ASN A 122 -27.44 -7.79 28.52
N GLU A 123 -27.80 -9.07 28.42
CA GLU A 123 -28.79 -9.69 29.31
C GLU A 123 -28.25 -9.84 30.73
N LYS A 124 -26.97 -10.14 30.90
CA LYS A 124 -26.35 -10.25 32.23
C LYS A 124 -26.44 -8.95 33.06
N ALA A 125 -26.12 -7.82 32.44
CA ALA A 125 -26.11 -6.53 33.12
C ALA A 125 -27.47 -5.84 33.08
N GLY A 126 -28.32 -6.23 32.13
CA GLY A 126 -29.60 -5.54 31.91
C GLY A 126 -29.39 -4.19 31.25
N LEU A 127 -28.65 -4.19 30.14
CA LEU A 127 -28.36 -2.97 29.37
C LEU A 127 -28.61 -3.23 27.90
N LYS A 128 -29.25 -2.28 27.23
CA LYS A 128 -29.45 -2.30 25.79
C LYS A 128 -28.79 -1.07 25.19
N ALA A 129 -28.24 -1.18 23.99
CA ALA A 129 -27.66 -0.07 23.26
C ALA A 129 -28.18 -0.01 21.84
N ARG A 130 -28.28 1.21 21.31
CA ARG A 130 -28.68 1.46 19.93
C ARG A 130 -27.79 2.54 19.39
N THR A 131 -27.08 2.26 18.31
CA THR A 131 -26.13 3.21 17.74
C THR A 131 -26.53 3.52 16.32
N VAL A 132 -26.89 4.79 16.07
CA VAL A 132 -27.33 5.27 14.76
C VAL A 132 -26.22 6.07 14.08
N SER A 133 -25.84 5.66 12.86
CA SER A 133 -24.85 6.35 12.05
C SER A 133 -25.53 6.94 10.80
N PHE A 134 -25.21 8.20 10.52
CA PHE A 134 -25.51 8.76 9.21
C PHE A 134 -24.57 9.92 8.87
N VAL A 135 -24.49 10.23 7.58
CA VAL A 135 -23.81 11.41 7.05
C VAL A 135 -24.88 12.47 6.80
N PRO A 136 -24.83 13.57 7.55
CA PRO A 136 -25.77 14.66 7.25
C PRO A 136 -25.67 15.16 5.81
N VAL A 137 -26.76 15.71 5.32
CA VAL A 137 -26.88 16.28 3.99
C VAL A 137 -26.46 17.78 3.96
N THR A 138 -25.66 18.23 4.93
CA THR A 138 -25.14 19.59 5.01
C THR A 138 -23.88 19.73 4.14
N ASP A 139 -23.31 20.94 4.07
CA ASP A 139 -22.10 21.21 3.27
C ASP A 139 -20.77 20.83 3.93
N ASP A 140 -20.78 20.03 5.00
CA ASP A 140 -19.60 19.64 5.74
C ASP A 140 -19.27 18.19 5.44
N LYS A 141 -17.99 17.83 5.53
CA LYS A 141 -17.59 16.43 5.45
C LYS A 141 -17.62 15.87 6.87
N ILE A 142 -18.73 15.26 7.21
CA ILE A 142 -19.00 14.82 8.57
C ILE A 142 -19.89 13.57 8.60
N GLU A 143 -19.56 12.67 9.53
CA GLU A 143 -20.38 11.53 9.89
C GLU A 143 -20.74 11.71 11.37
N LEU A 144 -22.00 11.43 11.70
CA LEU A 144 -22.50 11.47 13.07
C LEU A 144 -22.86 10.11 13.59
N MET A 145 -22.70 9.95 14.90
CA MET A 145 -23.05 8.71 15.59
C MET A 145 -23.82 9.09 16.84
N ARG A 146 -24.96 8.47 17.08
CA ARG A 146 -25.66 8.61 18.35
C ARG A 146 -25.78 7.26 19.01
N VAL A 147 -25.29 7.16 20.24
CA VAL A 147 -25.39 5.94 21.02
C VAL A 147 -26.40 6.21 22.12
N THR A 148 -27.44 5.38 22.20
CA THR A 148 -28.43 5.46 23.25
C THR A 148 -28.32 4.20 24.09
N LEU A 149 -28.13 4.37 25.40
CA LEU A 149 -28.02 3.29 26.36
C LEU A 149 -29.29 3.25 27.19
N THR A 150 -29.85 2.07 27.39
CA THR A 150 -31.10 1.91 28.14
C THR A 150 -30.96 0.82 29.20
N ASN A 151 -31.35 1.13 30.43
CA ASN A 151 -31.37 0.15 31.51
C ASN A 151 -32.69 -0.66 31.41
N THR A 152 -32.55 -1.93 31.02
CA THR A 152 -33.68 -2.88 30.92
C THR A 152 -33.90 -3.73 32.16
N GLY A 153 -33.03 -3.60 33.18
CA GLY A 153 -33.12 -4.37 34.41
C GLY A 153 -33.90 -3.71 35.54
N ASN A 154 -33.74 -4.26 36.75
CA ASN A 154 -34.59 -3.94 37.92
C ASN A 154 -34.01 -2.88 38.86
N ALA A 155 -32.69 -2.70 38.83
CA ALA A 155 -32.00 -1.77 39.71
C ALA A 155 -31.18 -0.76 38.90
N PRO A 156 -30.81 0.38 39.53
CA PRO A 156 -29.93 1.34 38.86
C PRO A 156 -28.63 0.72 38.33
N LEU A 157 -28.17 1.17 37.16
CA LEU A 157 -26.87 0.81 36.60
C LEU A 157 -25.91 2.00 36.66
N LYS A 158 -24.67 1.76 37.08
CA LYS A 158 -23.62 2.78 37.07
C LYS A 158 -22.67 2.48 35.90
N LEU A 159 -22.52 3.45 35.00
CA LEU A 159 -21.87 3.26 33.72
C LEU A 159 -20.86 4.37 33.48
N THR A 160 -19.70 4.00 32.94
CA THR A 160 -18.68 4.97 32.50
C THR A 160 -18.51 4.83 30.99
N PRO A 161 -18.92 5.84 30.20
CA PRO A 161 -18.84 5.72 28.73
C PRO A 161 -17.57 6.28 28.12
N THR A 162 -17.08 5.61 27.06
CA THR A 162 -15.95 6.08 26.29
C THR A 162 -16.19 5.87 24.82
N ALA A 163 -16.26 6.93 24.04
CA ALA A 163 -16.28 6.82 22.59
C ALA A 163 -14.85 6.59 22.13
N ALA A 164 -14.64 5.82 21.06
CA ALA A 164 -13.30 5.56 20.54
C ALA A 164 -13.34 5.35 19.02
N ILE A 165 -13.02 6.40 18.28
CA ILE A 165 -12.87 6.36 16.84
C ILE A 165 -11.40 6.35 16.49
N PRO A 166 -10.86 5.20 16.02
CA PRO A 166 -9.42 5.19 15.70
C PRO A 166 -9.16 6.03 14.49
N LEU A 167 -8.08 6.82 14.56
CA LEU A 167 -7.75 7.76 13.52
C LEU A 167 -6.54 7.28 12.74
N TYR A 168 -6.52 7.69 11.48
CA TYR A 168 -5.44 7.44 10.57
C TYR A 168 -4.95 8.79 10.05
N GLY A 169 -5.81 9.51 9.36
CA GLY A 169 -5.58 10.93 9.08
C GLY A 169 -4.48 11.23 8.09
N ARG A 170 -4.41 10.43 7.02
CA ARG A 170 -3.46 10.68 5.95
C ARG A 170 -3.79 9.84 4.71
N SER A 171 -2.87 9.78 3.76
CA SER A 171 -3.09 9.06 2.51
C SER A 171 -3.08 7.55 2.67
N ALA A 172 -3.92 6.89 1.87
CA ALA A 172 -3.85 5.45 1.72
C ALA A 172 -2.47 4.98 1.25
N ASP A 173 -1.69 5.84 0.59
CA ASP A 173 -0.31 5.48 0.23
C ASP A 173 0.53 5.07 1.45
N ASP A 174 0.19 5.58 2.64
CA ASP A 174 0.96 5.33 3.85
C ASP A 174 0.50 4.09 4.62
N LEU A 175 -0.36 3.26 4.05
CA LEU A 175 -0.98 2.17 4.83
C LEU A 175 0.08 1.32 5.50
N ARG A 176 1.07 0.89 4.73
CA ARG A 176 2.26 0.26 5.28
C ARG A 176 3.53 1.05 4.94
N ASP A 177 3.66 1.43 3.67
CA ASP A 177 4.84 2.11 3.13
C ASP A 177 5.00 3.45 3.89
N HIS A 178 6.02 3.54 4.75
CA HIS A 178 6.25 4.71 5.60
C HIS A 178 5.11 4.94 6.58
N ARG A 179 4.40 3.88 6.95
CA ARG A 179 3.30 4.00 7.90
C ARG A 179 3.83 4.60 9.24
N HIS A 180 4.90 4.02 9.74
CA HIS A 180 5.41 4.46 11.00
C HIS A 180 6.04 5.87 10.94
N VAL A 181 6.92 6.06 9.98
CA VAL A 181 7.51 7.38 9.74
C VAL A 181 6.46 8.47 9.64
N THR A 182 5.34 8.22 8.96
CA THR A 182 4.35 9.29 8.78
C THR A 182 3.58 9.55 10.07
N SER A 183 3.54 8.57 10.97
CA SER A 183 2.94 8.82 12.30
C SER A 183 3.70 9.90 13.09
N LEU A 184 4.98 10.05 12.82
CA LEU A 184 5.82 11.06 13.47
C LEU A 184 5.42 12.51 13.09
N LEU A 185 4.71 12.66 11.96
CA LEU A 185 4.23 13.93 11.49
C LEU A 185 2.90 14.36 12.15
N HIS A 186 2.23 13.45 12.84
CA HIS A 186 0.97 13.74 13.52
C HIS A 186 1.13 14.88 14.56
N ARG A 187 0.09 15.70 14.63
CA ARG A 187 -0.03 16.74 15.65
C ARG A 187 -1.46 16.62 16.13
N ILE A 188 -1.62 16.45 17.44
CA ILE A 188 -2.91 16.24 18.03
C ILE A 188 -3.21 17.41 18.93
N PHE A 189 -4.42 17.96 18.81
CA PHE A 189 -4.85 19.13 19.60
C PHE A 189 -6.16 18.78 20.26
N THR A 190 -6.22 18.88 21.57
CA THR A 190 -7.48 18.64 22.25
C THR A 190 -8.14 19.97 22.58
N SER A 191 -9.47 19.96 22.56
CA SER A 191 -10.26 21.08 22.95
C SER A 191 -11.50 20.57 23.73
N GLU A 192 -12.40 21.47 24.08
CA GLU A 192 -13.49 21.12 25.00
C GLU A 192 -14.27 19.89 24.56
N TYR A 193 -14.62 19.82 23.27
CA TYR A 193 -15.49 18.78 22.75
C TYR A 193 -14.75 17.61 22.06
N GLY A 194 -13.42 17.69 21.91
CA GLY A 194 -12.69 16.57 21.32
C GLY A 194 -11.31 16.85 20.81
N ILE A 195 -10.97 16.13 19.73
CA ILE A 195 -9.61 15.91 19.31
C ILE A 195 -9.47 16.23 17.83
N GLU A 196 -8.46 17.03 17.49
CA GLU A 196 -8.09 17.33 16.12
C GLU A 196 -6.72 16.74 15.81
N VAL A 197 -6.57 16.16 14.62
CA VAL A 197 -5.26 15.71 14.13
C VAL A 197 -4.98 16.44 12.84
N GLN A 198 -3.86 17.14 12.80
CA GLN A 198 -3.45 17.89 11.64
C GLN A 198 -1.99 17.60 11.45
N PRO A 199 -1.67 16.61 10.59
CA PRO A 199 -0.28 16.33 10.35
C PRO A 199 0.47 17.58 9.87
N ALA A 200 1.72 17.71 10.28
CA ALA A 200 2.52 18.87 9.89
C ALA A 200 2.84 18.85 8.39
N LEU A 201 3.15 17.64 7.90
CA LEU A 201 3.49 17.38 6.51
C LEU A 201 2.73 16.13 6.04
N SER A 202 2.64 15.97 4.73
CA SER A 202 2.15 14.73 4.10
C SER A 202 3.29 14.17 3.29
N PHE A 203 3.55 12.86 3.45
CA PHE A 203 4.48 12.11 2.59
C PHE A 203 3.63 11.05 1.87
N ASP A 204 3.45 11.19 0.56
CA ASP A 204 2.69 10.21 -0.22
C ASP A 204 3.13 10.27 -1.69
N GLU A 205 2.39 9.71 -2.62
CA GLU A 205 2.81 9.75 -4.03
C GLU A 205 2.77 11.16 -4.63
N ARG A 206 2.16 12.14 -3.96
CA ARG A 206 2.27 13.54 -4.41
C ARG A 206 3.63 14.13 -4.09
N GLY A 207 4.41 13.46 -3.24
CA GLY A 207 5.66 14.01 -2.73
C GLY A 207 5.53 14.36 -1.25
N HIS A 208 6.43 15.22 -0.82
CA HIS A 208 6.52 15.70 0.56
C HIS A 208 6.02 17.14 0.52
N ARG A 209 4.90 17.40 1.20
N ARG A 209 4.90 17.40 1.20
CA ARG A 209 4.29 18.72 1.19
CA ARG A 209 4.29 18.72 1.19
C ARG A 209 3.82 19.13 2.58
C ARG A 209 3.82 19.13 2.58
N VAL A 210 3.60 20.42 2.75
CA VAL A 210 2.97 20.95 3.94
C VAL A 210 1.52 20.46 3.92
N ASN A 211 0.99 20.09 5.08
CA ASN A 211 -0.41 19.69 5.21
C ASN A 211 -1.17 20.64 6.12
N LYS A 212 -2.41 20.96 5.74
CA LYS A 212 -3.36 21.66 6.62
C LYS A 212 -4.63 20.87 6.92
N VAL A 213 -4.87 19.81 6.16
CA VAL A 213 -6.07 18.99 6.39
C VAL A 213 -6.10 18.50 7.84
N THR A 214 -7.28 18.60 8.43
CA THR A 214 -7.50 18.28 9.81
C THR A 214 -8.64 17.28 9.95
N TYR A 215 -8.42 16.31 10.83
CA TYR A 215 -9.35 15.24 11.11
C TYR A 215 -9.79 15.38 12.56
N GLY A 216 -11.10 15.42 12.79
CA GLY A 216 -11.64 15.66 14.13
C GLY A 216 -12.60 14.58 14.61
N VAL A 217 -12.55 14.30 15.91
CA VAL A 217 -13.55 13.49 16.58
C VAL A 217 -14.02 14.31 17.77
N PHE A 218 -15.31 14.64 17.79
CA PHE A 218 -15.91 15.47 18.84
C PHE A 218 -17.15 14.79 19.38
N GLY A 219 -17.55 15.14 20.59
CA GLY A 219 -18.71 14.52 21.20
C GLY A 219 -19.29 15.29 22.35
N ALA A 220 -20.53 14.93 22.71
CA ALA A 220 -21.23 15.48 23.84
C ALA A 220 -22.31 14.53 24.31
N GLU A 221 -22.71 14.67 25.57
CA GLU A 221 -23.92 14.03 26.07
C GLU A 221 -25.09 14.65 25.34
N ALA A 222 -26.24 13.97 25.39
CA ALA A 222 -27.45 14.45 24.75
C ALA A 222 -27.81 15.88 25.14
N GLY A 223 -27.66 16.22 26.40
CA GLY A 223 -27.99 17.56 26.89
C GLY A 223 -26.92 18.63 26.66
N GLY A 224 -25.82 18.28 26.00
CA GLY A 224 -24.83 19.24 25.55
C GLY A 224 -23.53 19.24 26.33
N THR A 225 -23.45 18.39 27.36
CA THR A 225 -22.30 18.37 28.25
C THR A 225 -21.10 17.78 27.53
N ALA A 226 -19.97 18.47 27.62
CA ALA A 226 -18.72 18.03 27.00
C ALA A 226 -18.17 16.72 27.62
N PRO A 227 -17.29 16.03 26.91
CA PRO A 227 -16.55 14.93 27.55
C PRO A 227 -15.77 15.36 28.80
N ALA A 228 -15.61 14.43 29.74
CA ALA A 228 -14.83 14.66 30.96
C ALA A 228 -13.36 14.65 30.67
N GLY A 229 -12.94 14.00 29.59
CA GLY A 229 -11.54 14.02 29.20
C GLY A 229 -11.29 13.12 28.03
N PHE A 230 -10.01 12.94 27.70
CA PHE A 230 -9.58 12.31 26.45
C PHE A 230 -8.41 11.35 26.62
N PHE A 231 -8.31 10.40 25.69
CA PHE A 231 -7.13 9.58 25.53
C PHE A 231 -6.72 9.70 24.07
N PRO A 232 -6.05 10.79 23.69
CA PRO A 232 -5.83 11.04 22.26
C PRO A 232 -4.73 10.20 21.58
N VAL A 233 -3.86 9.59 22.36
CA VAL A 233 -2.72 8.85 21.83
C VAL A 233 -3.09 7.39 21.87
N THR A 234 -3.07 6.76 20.70
CA THR A 234 -3.49 5.36 20.56
C THR A 234 -2.75 4.40 21.47
N GLU A 235 -1.43 4.47 21.51
CA GLU A 235 -0.69 3.49 22.35
C GLU A 235 -0.96 3.64 23.85
N ASP A 236 -1.31 4.85 24.30
CA ASP A 236 -1.68 5.10 25.70
C ASP A 236 -3.11 4.67 25.97
N PHE A 237 -4.00 4.88 25.01
CA PHE A 237 -5.38 4.39 25.13
C PHE A 237 -5.44 2.87 25.25
N ILE A 238 -4.75 2.16 24.36
CA ILE A 238 -4.78 0.68 24.39
C ILE A 238 -3.94 0.08 25.51
N GLY A 239 -2.88 0.79 25.88
CA GLY A 239 -1.99 0.33 26.93
C GLY A 239 -0.93 -0.61 26.39
N GLU A 240 0.12 -0.81 27.19
CA GLU A 240 1.19 -1.72 26.83
C GLU A 240 0.64 -3.16 26.67
N GLY A 241 0.79 -3.72 25.50
CA GLY A 241 0.21 -5.02 25.17
C GLY A 241 -1.28 -5.03 24.88
N GLY A 242 -1.91 -3.86 24.78
CA GLY A 242 -3.36 -3.79 24.51
C GLY A 242 -3.68 -3.69 23.03
N ALA A 243 -4.97 -3.57 22.75
CA ALA A 243 -5.49 -3.47 21.40
C ALA A 243 -6.78 -2.68 21.44
N LEU A 244 -7.23 -2.20 20.28
CA LEU A 244 -8.43 -1.39 20.18
C LEU A 244 -9.73 -2.14 20.47
N ASP A 245 -9.69 -3.47 20.44
CA ASP A 245 -10.85 -4.24 20.89
C ASP A 245 -10.76 -4.69 22.34
N TRP A 246 -9.70 -4.26 23.05
CA TRP A 246 -9.59 -4.49 24.49
C TRP A 246 -8.61 -3.49 25.09
N PRO A 247 -9.00 -2.21 25.14
CA PRO A 247 -8.02 -1.16 25.51
C PRO A 247 -7.95 -0.93 27.01
N GLU A 248 -6.74 -0.86 27.55
CA GLU A 248 -6.56 -0.69 28.99
C GLU A 248 -7.32 0.49 29.58
N ALA A 249 -7.36 1.61 28.88
CA ALA A 249 -8.00 2.82 29.41
C ALA A 249 -9.45 2.56 29.76
N VAL A 250 -10.10 1.69 28.97
CA VAL A 250 -11.49 1.29 29.22
C VAL A 250 -11.52 0.13 30.17
N VAL A 251 -10.75 -0.92 29.88
CA VAL A 251 -10.83 -2.17 30.62
C VAL A 251 -10.46 -1.99 32.11
N ALA A 252 -9.42 -1.20 32.39
CA ALA A 252 -9.03 -0.87 33.76
C ALA A 252 -9.68 0.45 34.24
N ASN A 253 -10.58 1.03 33.45
CA ASN A 253 -11.28 2.27 33.82
C ASN A 253 -10.33 3.36 34.36
N ARG A 254 -9.30 3.69 33.57
CA ARG A 254 -8.29 4.68 33.94
C ARG A 254 -8.88 6.09 33.84
N GLU A 255 -8.31 7.01 34.61
CA GLU A 255 -8.66 8.43 34.49
C GLU A 255 -8.06 8.97 33.19
N PRO A 256 -8.74 9.92 32.53
CA PRO A 256 -8.25 10.48 31.26
C PRO A 256 -6.83 11.01 31.24
N ASP A 257 -6.17 10.87 30.09
CA ASP A 257 -4.79 11.29 29.92
C ASP A 257 -4.65 12.79 29.68
N ALA A 258 -5.69 13.40 29.12
CA ALA A 258 -5.60 14.74 28.59
C ALA A 258 -6.91 15.45 28.76
N GLN A 259 -6.84 16.74 28.95
CA GLN A 259 -7.98 17.63 28.99
C GLN A 259 -7.87 18.60 27.84
N ALA A 260 -8.90 19.41 27.63
CA ALA A 260 -8.87 20.53 26.68
C ALA A 260 -7.59 21.39 26.77
N GLY A 261 -7.05 21.75 25.60
CA GLY A 261 -5.84 22.58 25.49
C GLY A 261 -4.50 21.85 25.43
N THR A 262 -4.51 20.53 25.56
CA THR A 262 -3.32 19.71 25.45
C THR A 262 -2.95 19.51 23.96
N ALA A 263 -1.66 19.63 23.63
CA ALA A 263 -1.16 19.25 22.32
C ALA A 263 -0.16 18.10 22.45
N VAL A 264 -0.25 17.09 21.58
CA VAL A 264 0.70 15.98 21.58
C VAL A 264 1.19 15.74 20.16
N GLU A 265 2.50 15.60 19.99
N GLU A 265 2.50 15.59 19.99
CA GLU A 265 3.08 15.42 18.67
CA GLU A 265 3.08 15.42 18.66
C GLU A 265 3.71 14.05 18.49
C GLU A 265 3.72 14.05 18.50
N GLY A 266 3.55 13.48 17.30
CA GLY A 266 4.38 12.34 16.85
C GLY A 266 3.84 10.94 17.04
N TYR A 267 2.56 10.83 17.34
CA TYR A 267 1.92 9.53 17.70
C TYR A 267 0.61 9.30 16.92
N GLU A 268 0.37 8.02 16.57
CA GLU A 268 -0.96 7.62 16.08
C GLU A 268 -1.99 8.04 17.09
N ALA A 269 -3.12 8.51 16.56
CA ALA A 269 -4.16 9.13 17.36
C ALA A 269 -5.43 8.31 17.34
N VAL A 270 -6.21 8.45 18.41
CA VAL A 270 -7.54 7.86 18.52
C VAL A 270 -8.49 8.91 19.11
N GLY A 271 -9.69 9.04 18.55
CA GLY A 271 -10.68 9.93 19.11
C GLY A 271 -11.38 9.22 20.23
N ALA A 272 -10.68 9.17 21.38
CA ALA A 272 -11.20 8.53 22.58
C ALA A 272 -11.70 9.59 23.55
N LEU A 273 -13.02 9.65 23.71
CA LEU A 273 -13.69 10.66 24.47
C LEU A 273 -14.32 9.97 25.67
N ARG A 274 -13.84 10.29 26.87
CA ARG A 274 -14.38 9.75 28.11
C ARG A 274 -15.49 10.69 28.58
N PHE A 275 -16.68 10.16 28.80
CA PHE A 275 -17.79 10.94 29.31
C PHE A 275 -17.89 10.72 30.81
N ALA A 276 -18.62 11.61 31.48
CA ALA A 276 -18.86 11.51 32.91
C ALA A 276 -19.57 10.20 33.25
N PRO A 277 -19.19 9.58 34.37
CA PRO A 277 -19.96 8.42 34.80
C PRO A 277 -21.40 8.82 35.11
N VAL A 278 -22.31 7.88 34.94
CA VAL A 278 -23.73 8.18 35.04
C VAL A 278 -24.46 7.01 35.70
N GLU A 279 -25.46 7.34 36.49
CA GLU A 279 -26.34 6.36 37.11
C GLU A 279 -27.64 6.39 36.31
N LEU A 280 -27.96 5.24 35.72
CA LEU A 280 -29.07 5.09 34.82
C LEU A 280 -30.19 4.35 35.55
N ALA A 281 -31.36 4.97 35.70
CA ALA A 281 -32.48 4.35 36.42
C ALA A 281 -33.14 3.23 35.58
N PRO A 282 -33.85 2.30 36.24
CA PRO A 282 -34.56 1.26 35.49
C PRO A 282 -35.51 1.88 34.45
N GLY A 283 -35.44 1.38 33.21
CA GLY A 283 -36.28 1.88 32.13
C GLY A 283 -35.85 3.19 31.49
N LYS A 284 -34.79 3.82 31.96
CA LYS A 284 -34.40 5.13 31.44
C LYS A 284 -33.21 4.98 30.48
N SER A 285 -33.06 6.02 29.67
CA SER A 285 -32.01 6.10 28.68
C SER A 285 -31.09 7.33 28.89
N VAL A 286 -29.84 7.18 28.45
CA VAL A 286 -28.90 8.30 28.22
C VAL A 286 -28.36 8.16 26.80
N SER A 287 -28.12 9.30 26.16
N SER A 287 -28.11 9.30 26.16
CA SER A 287 -27.58 9.32 24.80
CA SER A 287 -27.57 9.32 24.80
C SER A 287 -26.32 10.21 24.68
C SER A 287 -26.32 10.21 24.68
N TYR A 288 -25.49 9.87 23.69
CA TYR A 288 -24.23 10.55 23.38
C TYR A 288 -24.18 10.76 21.88
N VAL A 289 -23.66 11.92 21.45
CA VAL A 289 -23.46 12.18 20.02
C VAL A 289 -21.98 12.36 19.75
N VAL A 290 -21.49 11.66 18.72
CA VAL A 290 -20.10 11.74 18.29
C VAL A 290 -20.08 12.20 16.83
N ALA A 291 -19.17 13.11 16.52
CA ALA A 291 -19.01 13.65 15.19
C ALA A 291 -17.57 13.39 14.68
N MET A 292 -17.47 12.94 13.44
CA MET A 292 -16.19 12.66 12.79
C MET A 292 -16.10 13.59 11.60
N VAL A 293 -15.05 14.41 11.56
CA VAL A 293 -15.01 15.57 10.65
C VAL A 293 -13.71 15.60 9.87
N ILE A 294 -13.81 15.92 8.59
CA ILE A 294 -12.64 16.16 7.76
C ILE A 294 -12.77 17.58 7.23
N SER A 295 -11.72 18.37 7.42
CA SER A 295 -11.71 19.75 6.95
C SER A 295 -10.39 20.13 6.32
N GLY A 296 -10.42 21.09 5.41
CA GLY A 296 -9.22 21.58 4.73
C GLY A 296 -8.21 22.38 5.59
N ASP A 297 -8.62 22.79 6.79
CA ASP A 297 -7.74 23.47 7.74
C ASP A 297 -8.28 23.18 9.15
N ARG A 298 -7.69 23.80 10.17
CA ARG A 298 -8.11 23.58 11.54
C ARG A 298 -9.61 23.86 11.68
N ILE A 299 -10.28 23.04 12.49
CA ILE A 299 -11.73 23.03 12.54
C ILE A 299 -12.24 24.08 13.54
N ASP A 300 -13.26 24.82 13.14
CA ASP A 300 -13.96 25.70 14.06
C ASP A 300 -14.84 24.83 14.96
N VAL A 301 -14.27 24.38 16.08
CA VAL A 301 -14.92 23.35 16.87
C VAL A 301 -16.19 23.87 17.53
N GLY A 302 -16.18 25.14 17.93
CA GLY A 302 -17.36 25.82 18.41
C GLY A 302 -18.54 25.80 17.47
N ARG A 303 -18.32 26.11 16.18
CA ARG A 303 -19.41 26.05 15.20
C ARG A 303 -19.93 24.62 15.05
N TYR A 304 -19.02 23.64 14.94
CA TYR A 304 -19.43 22.24 14.83
C TYR A 304 -20.20 21.76 16.06
N ALA A 305 -19.77 22.16 17.26
CA ALA A 305 -20.52 21.83 18.48
C ALA A 305 -21.95 22.37 18.44
N ALA A 306 -22.10 23.63 18.02
CA ALA A 306 -23.43 24.23 17.94
C ALA A 306 -24.28 23.56 16.86
N ASP A 307 -23.66 23.27 15.72
CA ASP A 307 -24.39 22.72 14.58
C ASP A 307 -24.73 21.23 14.73
N TYR A 308 -23.88 20.45 15.40
CA TYR A 308 -24.02 18.99 15.43
C TYR A 308 -24.16 18.35 16.80
N LEU A 309 -23.65 18.98 17.86
CA LEU A 309 -23.65 18.38 19.21
C LEU A 309 -24.68 18.98 20.17
N ALA A 310 -25.25 20.14 19.83
CA ALA A 310 -26.24 20.76 20.70
C ALA A 310 -27.48 19.86 20.78
N ALA A 311 -28.26 20.06 21.84
CA ALA A 311 -29.44 19.20 22.10
C ALA A 311 -30.42 19.29 20.93
N GLY A 312 -30.81 18.13 20.40
CA GLY A 312 -31.78 18.08 19.29
C GLY A 312 -31.23 18.19 17.87
N ARG A 313 -29.93 18.47 17.70
N ARG A 313 -29.93 18.47 17.70
CA ARG A 313 -29.36 18.64 16.37
CA ARG A 313 -29.36 18.64 16.37
C ARG A 313 -29.27 17.30 15.61
C ARG A 313 -29.27 17.30 15.61
N PHE A 314 -28.80 16.25 16.28
CA PHE A 314 -28.69 14.91 15.65
C PHE A 314 -30.06 14.51 15.06
N ASP A 315 -31.09 14.63 15.88
CA ASP A 315 -32.44 14.20 15.48
C ASP A 315 -32.99 15.06 14.34
N ALA A 316 -32.72 16.37 14.36
CA ALA A 316 -33.19 17.27 13.27
C ALA A 316 -32.48 16.97 11.95
N LEU A 317 -31.18 16.72 12.04
CA LEU A 317 -30.35 16.43 10.88
C LEU A 317 -30.66 15.06 10.29
N LEU A 318 -30.96 14.11 11.16
CA LEU A 318 -31.43 12.77 10.72
C LEU A 318 -32.75 12.88 9.94
N GLU A 319 -33.71 13.66 10.44
CA GLU A 319 -34.94 13.92 9.69
C GLU A 319 -34.65 14.61 8.35
N GLN A 320 -33.72 15.56 8.33
CA GLN A 320 -33.34 16.24 7.07
C GLN A 320 -32.71 15.24 6.06
N ASN A 321 -31.82 14.37 6.54
CA ASN A 321 -31.24 13.29 5.72
C ASN A 321 -32.36 12.41 5.12
N ARG A 322 -33.26 11.94 5.99
CA ARG A 322 -34.37 11.07 5.55
C ARG A 322 -35.22 11.75 4.46
N ALA A 323 -35.55 13.02 4.67
CA ALA A 323 -36.35 13.77 3.67
C ALA A 323 -35.58 14.03 2.35
N TYR A 324 -34.27 14.28 2.44
CA TYR A 324 -33.49 14.52 1.21
C TYR A 324 -33.42 13.24 0.36
N TRP A 325 -33.12 12.13 1.01
CA TRP A 325 -33.00 10.86 0.29
C TRP A 325 -34.36 10.40 -0.24
N ARG A 326 -35.40 10.54 0.59
CA ARG A 326 -36.78 10.21 0.15
C ARG A 326 -37.11 11.00 -1.12
N ASP A 327 -36.79 12.28 -1.11
CA ASP A 327 -37.00 13.13 -2.27
C ASP A 327 -36.23 12.69 -3.54
N LYS A 328 -34.95 12.36 -3.41
CA LYS A 328 -34.16 11.84 -4.54
C LYS A 328 -34.73 10.55 -5.14
N LEU A 329 -35.15 9.64 -4.26
CA LEU A 329 -35.60 8.32 -4.68
C LEU A 329 -37.08 8.27 -5.14
N ASP A 330 -37.91 9.21 -4.68
CA ASP A 330 -39.30 9.32 -5.14
C ASP A 330 -39.48 9.68 -6.64
N THR A 331 -38.41 9.94 -7.37
CA THR A 331 -38.50 10.21 -8.82
C THR A 331 -38.83 8.97 -9.69
N VAL A 332 -38.62 7.77 -9.13
CA VAL A 332 -38.95 6.49 -9.76
C VAL A 332 -39.49 5.57 -8.69
N ARG A 333 -40.75 5.15 -8.82
CA ARG A 333 -41.34 4.19 -7.89
C ARG A 333 -42.12 3.13 -8.66
N PHE A 334 -41.84 1.86 -8.35
CA PHE A 334 -42.53 0.74 -8.96
C PHE A 334 -43.53 0.16 -7.98
N SER A 335 -44.65 -0.29 -8.51
CA SER A 335 -45.68 -0.91 -7.70
C SER A 335 -46.29 -2.07 -8.50
N SER A 336 -46.13 -3.28 -7.97
CA SER A 336 -46.51 -4.50 -8.67
C SER A 336 -47.00 -5.56 -7.69
N GLY A 337 -47.32 -6.75 -8.21
CA GLY A 337 -47.67 -7.89 -7.39
C GLY A 337 -46.57 -8.47 -6.57
N ASP A 338 -45.32 -8.06 -6.86
CA ASP A 338 -44.14 -8.48 -6.13
C ASP A 338 -43.65 -7.28 -5.25
N GLY A 339 -44.31 -7.14 -4.09
CA GLY A 339 -44.05 -6.04 -3.14
C GLY A 339 -42.61 -6.00 -2.69
N GLU A 340 -42.04 -7.18 -2.39
CA GLU A 340 -40.64 -7.29 -2.01
C GLU A 340 -39.71 -6.79 -3.12
N GLN A 341 -39.94 -7.19 -4.36
CA GLN A 341 -39.08 -6.73 -5.47
C GLN A 341 -39.21 -5.20 -5.71
N ASP A 342 -40.39 -4.63 -5.51
CA ASP A 342 -40.61 -3.18 -5.61
C ASP A 342 -39.73 -2.40 -4.63
N LEU A 343 -39.58 -2.94 -3.42
CA LEU A 343 -38.78 -2.28 -2.38
C LEU A 343 -37.29 -2.50 -2.61
N TRP A 344 -36.94 -3.70 -3.04
CA TRP A 344 -35.60 -3.99 -3.47
C TRP A 344 -35.17 -3.05 -4.59
N MET A 345 -36.07 -2.75 -5.51
CA MET A 345 -35.78 -1.80 -6.60
C MET A 345 -35.52 -0.36 -6.14
N LYS A 346 -36.04 0.04 -4.98
CA LYS A 346 -35.72 1.37 -4.45
C LYS A 346 -34.23 1.46 -4.06
N TRP A 347 -33.68 0.37 -3.53
CA TRP A 347 -32.27 0.27 -3.25
C TRP A 347 -31.44 0.26 -4.53
N VAL A 348 -31.92 -0.43 -5.57
CA VAL A 348 -31.28 -0.38 -6.88
C VAL A 348 -31.29 1.07 -7.41
N THR A 349 -32.37 1.78 -7.16
CA THR A 349 -32.52 3.17 -7.59
C THR A 349 -31.53 4.12 -6.92
N LEU A 350 -31.15 3.80 -5.69
CA LEU A 350 -30.13 4.54 -4.94
C LEU A 350 -28.75 4.37 -5.55
N GLN A 351 -28.47 3.19 -6.08
CA GLN A 351 -27.11 2.83 -6.47
C GLN A 351 -26.42 3.75 -7.46
N PRO A 352 -27.12 4.24 -8.51
CA PRO A 352 -26.44 5.12 -9.45
C PRO A 352 -25.92 6.43 -8.79
N ILE A 353 -26.68 6.93 -7.81
CA ILE A 353 -26.26 8.09 -7.02
C ILE A 353 -24.98 7.78 -6.23
N LEU A 354 -24.97 6.61 -5.59
CA LEU A 354 -23.81 6.14 -4.83
C LEU A 354 -22.56 6.04 -5.71
N ARG A 355 -22.73 5.49 -6.92
CA ARG A 355 -21.60 5.39 -7.82
C ARG A 355 -21.03 6.77 -8.13
N ARG A 356 -21.89 7.74 -8.40
CA ARG A 356 -21.43 9.12 -8.61
C ARG A 356 -20.69 9.67 -7.39
N LEU A 357 -21.23 9.47 -6.20
CA LEU A 357 -20.72 10.15 -5.00
C LEU A 357 -19.49 9.47 -4.42
N TYR A 358 -19.29 8.19 -4.69
CA TYR A 358 -18.09 7.46 -4.27
C TYR A 358 -17.04 7.45 -5.36
N GLY A 359 -17.38 7.88 -6.57
CA GLY A 359 -16.45 7.75 -7.70
C GLY A 359 -15.97 6.31 -7.86
N ASN A 360 -16.91 5.37 -7.72
CA ASN A 360 -16.61 3.95 -7.82
C ASN A 360 -15.47 3.43 -6.92
N SER A 361 -15.30 4.04 -5.75
CA SER A 361 -14.15 3.78 -4.86
C SER A 361 -14.57 3.84 -3.43
N PHE A 362 -13.63 3.55 -2.54
CA PHE A 362 -13.79 3.82 -1.10
C PHE A 362 -14.94 3.08 -0.43
N LEU A 363 -15.20 1.87 -0.87
CA LEU A 363 -15.95 0.90 -0.10
C LEU A 363 -15.06 -0.34 -0.02
N PRO A 364 -15.22 -1.18 1.02
CA PRO A 364 -14.20 -2.22 1.26
C PRO A 364 -13.79 -3.13 0.08
N TYR A 365 -14.73 -3.64 -0.73
CA TYR A 365 -14.31 -4.47 -1.89
C TYR A 365 -13.61 -3.61 -2.95
N HIS A 366 -14.07 -2.37 -3.11
CA HIS A 366 -13.52 -1.45 -4.11
C HIS A 366 -12.24 -0.83 -3.56
N ASP A 367 -11.26 -1.68 -3.35
CA ASP A 367 -10.02 -1.35 -2.66
C ASP A 367 -8.93 -0.73 -3.57
N TYR A 368 -9.23 -0.54 -4.87
CA TYR A 368 -8.26 0.01 -5.83
C TYR A 368 -8.66 1.40 -6.35
N GLY A 369 -9.93 1.75 -6.29
CA GLY A 369 -10.34 3.05 -6.83
C GLY A 369 -9.73 4.23 -6.04
N ARG A 370 -9.40 5.31 -6.76
CA ARG A 370 -8.93 6.57 -6.14
C ARG A 370 -9.92 7.72 -6.34
N GLY A 371 -11.17 7.39 -6.65
CA GLY A 371 -12.27 8.33 -6.69
C GLY A 371 -12.53 9.05 -8.00
N GLY A 372 -11.72 8.76 -9.02
CA GLY A 372 -11.90 9.37 -10.35
C GLY A 372 -13.12 8.89 -11.13
N ARG A 373 -13.24 9.37 -12.34
CA ARG A 373 -14.24 8.92 -13.28
C ARG A 373 -13.51 8.42 -14.52
N GLY A 374 -14.03 7.38 -15.15
CA GLY A 374 -13.56 6.92 -16.46
C GLY A 374 -14.48 7.42 -17.57
N TRP A 375 -14.05 7.21 -18.81
CA TRP A 375 -14.82 7.58 -19.98
C TRP A 375 -16.21 6.96 -19.94
N ARG A 376 -16.28 5.67 -19.62
CA ARG A 376 -17.58 5.00 -19.58
C ARG A 376 -18.56 5.64 -18.61
N ASP A 377 -18.06 6.03 -17.44
CA ASP A 377 -18.85 6.68 -16.39
C ASP A 377 -19.50 7.96 -16.88
N LEU A 378 -18.83 8.71 -17.74
CA LEU A 378 -19.40 9.97 -18.24
C LEU A 378 -20.74 9.77 -18.92
N TRP A 379 -20.84 8.65 -19.64
CA TRP A 379 -22.05 8.33 -20.40
C TRP A 379 -23.01 7.57 -19.50
N GLN A 380 -22.51 6.60 -18.76
CA GLN A 380 -23.38 5.77 -17.93
C GLN A 380 -24.07 6.57 -16.84
N ASP A 381 -23.40 7.56 -16.25
CA ASP A 381 -24.01 8.40 -15.22
C ASP A 381 -25.23 9.16 -15.80
N CYS A 382 -25.24 9.44 -17.10
CA CYS A 382 -26.40 10.08 -17.72
C CYS A 382 -27.67 9.22 -17.77
N LEU A 383 -27.53 7.90 -17.70
CA LEU A 383 -28.71 7.00 -17.78
C LEU A 383 -29.65 7.24 -16.60
N ALA A 384 -29.13 7.11 -15.38
CA ALA A 384 -29.93 7.37 -14.19
C ALA A 384 -30.42 8.81 -14.10
N LEU A 385 -29.60 9.75 -14.49
CA LEU A 385 -29.97 11.17 -14.43
C LEU A 385 -31.14 11.48 -15.36
N MET A 386 -31.17 10.86 -16.52
CA MET A 386 -32.29 11.04 -17.46
C MET A 386 -33.65 10.69 -16.88
N VAL A 387 -33.67 9.73 -15.98
CA VAL A 387 -34.86 9.27 -15.31
C VAL A 387 -35.13 9.98 -13.96
N MET A 388 -34.05 10.42 -13.30
CA MET A 388 -34.11 10.94 -11.93
C MET A 388 -33.89 12.46 -11.74
N GLU A 389 -33.10 13.06 -12.62
CA GLU A 389 -32.69 14.47 -12.52
C GLU A 389 -32.28 14.95 -13.91
N PRO A 390 -33.25 15.07 -14.83
CA PRO A 390 -32.86 15.26 -16.23
C PRO A 390 -32.26 16.63 -16.61
N ALA A 391 -32.42 17.64 -15.74
CA ALA A 391 -31.94 19.01 -16.01
C ALA A 391 -30.44 19.08 -16.32
N GLU A 392 -29.63 18.24 -15.67
CA GLU A 392 -28.18 18.28 -15.85
C GLU A 392 -27.67 17.61 -17.16
N VAL A 393 -28.47 16.72 -17.76
CA VAL A 393 -27.95 15.80 -18.77
C VAL A 393 -27.42 16.46 -20.04
N ARG A 394 -28.17 17.45 -20.55
CA ARG A 394 -27.78 18.12 -21.77
C ARG A 394 -26.35 18.67 -21.67
N HIS A 395 -26.07 19.45 -20.62
CA HIS A 395 -24.73 20.03 -20.42
C HIS A 395 -23.65 18.94 -20.24
N LEU A 396 -23.98 17.85 -19.54
CA LEU A 396 -23.02 16.74 -19.36
C LEU A 396 -22.63 16.10 -20.69
N LEU A 397 -23.62 15.83 -21.54
CA LEU A 397 -23.34 15.21 -22.83
C LEU A 397 -22.44 16.09 -23.68
N LEU A 398 -22.77 17.38 -23.81
CA LEU A 398 -21.95 18.33 -24.57
C LEU A 398 -20.50 18.36 -24.10
N ASN A 399 -20.34 18.49 -22.79
CA ASN A 399 -19.00 18.49 -22.17
C ASN A 399 -18.23 17.22 -22.48
N ASN A 400 -18.91 16.06 -22.43
CA ASN A 400 -18.27 14.77 -22.68
C ASN A 400 -17.64 14.67 -24.06
N TYR A 401 -18.30 15.20 -25.09
CA TYR A 401 -17.78 15.12 -26.45
C TYR A 401 -16.44 15.84 -26.67
N ALA A 402 -16.07 16.76 -25.77
CA ALA A 402 -14.75 17.43 -25.85
C ALA A 402 -13.58 16.44 -25.71
N GLY A 403 -13.86 15.26 -25.13
CA GLY A 403 -12.87 14.21 -24.93
C GLY A 403 -12.52 13.37 -26.16
N VAL A 404 -13.30 13.48 -27.23
CA VAL A 404 -13.09 12.64 -28.41
C VAL A 404 -11.89 13.18 -29.21
N ARG A 405 -11.02 12.28 -29.66
CA ARG A 405 -9.94 12.65 -30.60
C ARG A 405 -10.44 12.55 -32.04
N MET A 406 -9.69 13.18 -32.94
CA MET A 406 -9.99 13.17 -34.37
C MET A 406 -9.78 11.81 -35.06
N ASP A 407 -9.30 10.81 -34.33
CA ASP A 407 -9.27 9.43 -34.83
C ASP A 407 -10.38 8.56 -34.25
N GLY A 408 -11.36 9.17 -33.60
CA GLY A 408 -12.48 8.46 -33.01
C GLY A 408 -12.25 7.89 -31.62
N SER A 409 -10.97 7.85 -31.18
CA SER A 409 -10.63 7.40 -29.83
C SER A 409 -10.94 8.53 -28.85
N ASN A 410 -10.50 8.43 -27.60
CA ASN A 410 -10.84 9.45 -26.62
C ASN A 410 -9.86 9.52 -25.48
N ALA A 411 -9.88 10.66 -24.79
CA ALA A 411 -9.18 10.81 -23.52
C ALA A 411 -9.72 9.76 -22.57
N THR A 412 -8.85 9.27 -21.71
CA THR A 412 -9.21 8.27 -20.72
C THR A 412 -8.98 8.71 -19.29
N ILE A 413 -8.40 9.89 -19.05
CA ILE A 413 -8.31 10.48 -17.70
C ILE A 413 -9.19 11.72 -17.68
N ILE A 414 -10.14 11.76 -16.73
CA ILE A 414 -11.14 12.82 -16.64
C ILE A 414 -10.73 13.81 -15.56
N GLY A 415 -10.67 15.09 -15.92
CA GLY A 415 -10.21 16.16 -15.03
C GLY A 415 -11.29 16.72 -14.11
N ALA A 416 -10.91 17.75 -13.36
CA ALA A 416 -11.80 18.40 -12.39
C ALA A 416 -12.96 19.18 -13.06
N GLY A 417 -12.64 20.10 -13.98
CA GLY A 417 -13.64 21.00 -14.57
C GLY A 417 -14.61 20.42 -15.61
N PRO A 418 -15.69 21.18 -15.94
CA PRO A 418 -16.65 20.73 -16.98
C PRO A 418 -16.00 20.58 -18.35
N GLY A 419 -15.98 19.36 -18.89
CA GLY A 419 -15.30 19.07 -20.15
C GLY A 419 -13.77 19.13 -20.11
N GLU A 420 -13.20 19.04 -18.90
CA GLU A 420 -11.75 18.96 -18.72
C GLU A 420 -11.31 17.50 -18.84
N PHE A 421 -10.33 17.27 -19.71
CA PHE A 421 -9.70 15.97 -19.89
C PHE A 421 -8.20 16.17 -19.72
N VAL A 422 -7.51 15.15 -19.23
CA VAL A 422 -6.07 15.24 -18.89
C VAL A 422 -5.25 14.33 -19.80
N ALA A 423 -4.20 14.88 -20.42
CA ALA A 423 -3.23 14.05 -21.18
C ALA A 423 -2.25 13.40 -20.21
N ASP A 424 -1.88 12.14 -20.44
CA ASP A 424 -0.70 11.54 -19.79
C ASP A 424 0.36 11.30 -20.86
N ARG A 425 1.43 12.10 -20.84
CA ARG A 425 2.43 12.09 -21.93
C ARG A 425 3.48 10.97 -21.77
N ASN A 426 3.82 10.60 -20.53
CA ASN A 426 4.88 9.60 -20.26
C ASN A 426 4.45 8.13 -20.40
N ASN A 427 3.20 7.84 -20.03
CA ASN A 427 2.74 6.46 -19.88
C ASN A 427 1.84 6.11 -21.07
N ILE A 428 2.17 5.03 -21.79
CA ILE A 428 1.45 4.69 -23.03
C ILE A 428 0.04 4.16 -22.73
N PRO A 429 -1.01 4.83 -23.22
CA PRO A 429 -2.36 4.55 -22.79
C PRO A 429 -3.05 3.48 -23.63
N ARG A 430 -3.73 2.54 -22.98
CA ARG A 430 -4.62 1.61 -23.69
C ARG A 430 -5.70 2.38 -24.45
N VAL A 431 -6.17 1.78 -25.52
CA VAL A 431 -7.41 2.16 -26.17
C VAL A 431 -8.40 1.02 -25.92
N TRP A 432 -9.60 1.38 -25.47
CA TRP A 432 -10.70 0.43 -25.31
C TRP A 432 -11.62 0.60 -26.54
N MET A 433 -11.78 -0.48 -27.32
CA MET A 433 -12.48 -0.39 -28.63
C MET A 433 -13.96 -0.03 -28.50
N ASP A 434 -14.57 -0.40 -27.38
CA ASP A 434 -15.98 -0.09 -27.08
C ASP A 434 -16.27 1.37 -26.72
N HIS A 435 -15.24 2.14 -26.39
CA HIS A 435 -15.46 3.50 -25.89
C HIS A 435 -16.22 4.41 -26.84
N GLY A 436 -16.04 4.21 -28.15
CA GLY A 436 -16.79 4.95 -29.14
C GLY A 436 -18.26 4.57 -29.33
N ALA A 437 -18.69 3.42 -28.79
CA ALA A 437 -20.04 2.88 -29.03
C ALA A 437 -21.07 3.43 -28.05
N TRP A 438 -20.70 3.56 -26.78
CA TRP A 438 -21.64 3.96 -25.73
C TRP A 438 -22.23 5.37 -25.87
N PRO A 439 -21.45 6.35 -26.37
CA PRO A 439 -21.95 7.73 -26.47
C PRO A 439 -23.21 7.89 -27.34
N LEU A 440 -23.21 7.32 -28.54
CA LEU A 440 -24.42 7.34 -29.37
C LEU A 440 -25.58 6.68 -28.64
N MET A 441 -25.36 5.53 -28.00
CA MET A 441 -26.46 4.87 -27.28
C MET A 441 -27.07 5.80 -26.23
N THR A 442 -26.21 6.44 -25.45
CA THR A 442 -26.67 7.37 -24.41
C THR A 442 -27.34 8.62 -25.02
N THR A 443 -26.73 9.15 -26.07
CA THR A 443 -27.21 10.35 -26.71
C THR A 443 -28.57 10.15 -27.38
N LEU A 444 -28.74 9.00 -28.03
CA LEU A 444 -30.03 8.63 -28.62
C LEU A 444 -31.11 8.56 -27.57
N LEU A 445 -30.80 7.97 -26.42
CA LEU A 445 -31.75 7.95 -25.32
C LEU A 445 -32.17 9.36 -24.92
N TYR A 446 -31.19 10.25 -24.78
CA TYR A 446 -31.48 11.64 -24.47
C TYR A 446 -32.40 12.29 -25.53
N LEU A 447 -32.08 12.09 -26.81
CA LEU A 447 -32.85 12.67 -27.89
C LEU A 447 -34.30 12.21 -27.85
N HIS A 448 -34.51 10.92 -27.54
CA HIS A 448 -35.86 10.35 -27.50
C HIS A 448 -36.63 10.78 -26.25
N GLN A 449 -35.97 10.93 -25.10
CA GLN A 449 -36.65 11.43 -23.87
C GLN A 449 -37.00 12.92 -23.92
N SER A 450 -36.13 13.73 -24.50
CA SER A 450 -36.21 15.19 -24.46
C SER A 450 -36.84 15.80 -25.71
N GLY A 451 -36.58 15.18 -26.87
CA GLY A 451 -36.96 15.75 -28.15
C GLY A 451 -36.01 16.85 -28.61
N ASP A 452 -34.84 16.97 -27.96
CA ASP A 452 -33.92 18.10 -28.19
C ASP A 452 -32.91 17.74 -29.30
N LEU A 453 -33.42 17.69 -30.52
CA LEU A 453 -32.62 17.28 -31.69
C LEU A 453 -31.53 18.29 -32.05
N ASP A 454 -31.70 19.55 -31.65
CA ASP A 454 -30.70 20.59 -31.88
C ASP A 454 -29.37 20.33 -31.15
N LEU A 455 -29.38 19.47 -30.11
CA LEU A 455 -28.13 19.04 -29.46
C LEU A 455 -27.07 18.62 -30.46
N LEU A 456 -27.50 17.90 -31.50
CA LEU A 456 -26.59 17.34 -32.52
C LEU A 456 -25.77 18.37 -33.29
N PHE A 457 -26.27 19.61 -33.38
CA PHE A 457 -25.61 20.65 -34.14
C PHE A 457 -24.87 21.66 -33.25
N GLN A 458 -24.67 21.34 -31.98
CA GLN A 458 -23.88 22.22 -31.11
C GLN A 458 -22.40 22.07 -31.45
N PRO A 459 -21.63 23.15 -31.33
CA PRO A 459 -20.18 23.05 -31.59
C PRO A 459 -19.42 22.42 -30.42
N GLN A 460 -18.33 21.72 -30.73
CA GLN A 460 -17.45 21.22 -29.70
C GLN A 460 -16.05 20.93 -30.25
N SER A 461 -15.05 21.13 -29.39
CA SER A 461 -13.67 20.82 -29.73
C SER A 461 -13.39 19.31 -29.68
N TYR A 462 -12.17 18.97 -30.10
CA TYR A 462 -11.70 17.60 -30.04
C TYR A 462 -10.44 17.58 -29.18
N PHE A 463 -10.27 16.50 -28.43
CA PHE A 463 -9.11 16.30 -27.57
C PHE A 463 -7.87 15.96 -28.40
N ARG A 464 -6.71 16.43 -27.93
CA ARG A 464 -5.45 16.27 -28.66
C ARG A 464 -4.35 16.13 -27.62
N ASP A 465 -3.51 15.10 -27.76
CA ASP A 465 -2.34 14.93 -26.91
C ASP A 465 -1.25 14.34 -27.78
N VAL A 466 -0.17 13.88 -27.17
CA VAL A 466 0.94 13.30 -27.93
C VAL A 466 0.58 12.03 -28.74
N PHE A 467 -0.48 11.32 -28.36
CA PHE A 467 -0.85 10.04 -28.98
C PHE A 467 -1.76 10.18 -30.19
N VAL A 468 -1.31 9.63 -31.31
CA VAL A 468 -2.07 9.67 -32.56
C VAL A 468 -2.27 8.28 -33.20
N LYS A 469 -3.17 8.22 -34.19
CA LYS A 469 -3.57 6.97 -34.87
C LYS A 469 -4.03 5.93 -33.86
N ARG A 470 -4.96 6.36 -32.99
CA ARG A 470 -5.53 5.52 -31.94
C ARG A 470 -4.41 4.96 -31.01
N CYS A 471 -3.54 5.87 -30.58
CA CYS A 471 -2.40 5.57 -29.72
C CYS A 471 -1.39 4.55 -30.26
N ARG A 472 -1.29 4.45 -31.58
CA ARG A 472 -0.35 3.54 -32.26
C ARG A 472 1.04 4.20 -32.41
N GLU A 473 1.08 5.52 -32.36
CA GLU A 473 2.30 6.30 -32.55
C GLU A 473 2.31 7.54 -31.66
N ARG A 474 3.52 8.05 -31.41
CA ARG A 474 3.72 9.33 -30.71
C ARG A 474 3.98 10.39 -31.78
N ASP A 475 3.28 11.51 -31.69
CA ASP A 475 3.49 12.60 -32.66
C ASP A 475 4.78 13.37 -32.32
N ALA A 476 5.71 13.41 -33.28
CA ALA A 476 6.96 14.17 -33.14
C ALA A 476 6.73 15.68 -32.99
N SER A 477 5.74 16.21 -33.72
CA SER A 477 5.43 17.65 -33.75
C SER A 477 4.68 18.23 -32.53
N TRP A 478 4.29 17.41 -31.56
N TRP A 478 4.29 17.41 -31.56
CA TRP A 478 3.54 17.95 -30.41
CA TRP A 478 3.56 17.92 -30.38
C TRP A 478 4.44 18.73 -29.45
C TRP A 478 4.45 18.73 -29.45
N THR A 479 3.90 19.80 -28.86
CA THR A 479 4.57 20.57 -27.79
C THR A 479 3.55 20.99 -26.72
N PRO A 480 4.03 21.39 -25.53
CA PRO A 480 3.07 21.83 -24.48
C PRO A 480 2.29 23.10 -24.81
N GLU A 481 2.88 23.97 -25.64
CA GLU A 481 2.28 25.29 -25.98
C GLU A 481 1.12 25.22 -27.00
N GLN A 482 0.93 24.07 -27.67
CA GLN A 482 -0.24 23.92 -28.54
C GLN A 482 -1.54 23.78 -27.74
N GLY A 483 -1.49 23.18 -26.56
CA GLY A 483 -2.68 22.98 -25.71
C GLY A 483 -3.28 21.63 -26.02
N ASN A 484 -4.37 21.30 -25.32
CA ASN A 484 -5.00 19.94 -25.35
C ASN A 484 -6.20 19.82 -26.31
N LYS A 485 -6.23 20.67 -27.33
CA LYS A 485 -7.31 20.70 -28.30
C LYS A 485 -6.76 20.65 -29.73
N LEU A 486 -7.51 19.97 -30.59
CA LEU A 486 -7.12 19.81 -31.99
C LEU A 486 -7.08 21.17 -32.66
N LEU A 487 -6.03 21.40 -33.45
CA LEU A 487 -5.82 22.69 -34.10
C LEU A 487 -6.01 22.57 -35.60
N THR A 488 -6.39 23.69 -36.22
CA THR A 488 -6.47 23.82 -37.67
C THR A 488 -5.12 24.20 -38.28
N ALA A 489 -5.04 24.20 -39.61
CA ALA A 489 -3.85 24.65 -40.33
C ALA A 489 -3.35 26.03 -39.89
N ASP A 490 -4.27 27.00 -39.71
CA ASP A 490 -3.85 28.34 -39.27
C ASP A 490 -3.75 28.52 -37.75
N GLY A 491 -3.74 27.43 -36.99
CA GLY A 491 -3.55 27.47 -35.53
C GLY A 491 -4.76 27.86 -34.69
N GLN A 492 -5.97 27.69 -35.24
CA GLN A 492 -7.23 27.91 -34.49
C GLN A 492 -7.76 26.57 -33.96
N ILE A 493 -8.53 26.63 -32.87
CA ILE A 493 -9.07 25.42 -32.28
C ILE A 493 -10.23 24.94 -33.17
N TYR A 494 -10.14 23.71 -33.67
CA TYR A 494 -11.19 23.18 -34.52
C TYR A 494 -12.43 22.86 -33.71
N GLU A 495 -13.58 23.26 -34.24
CA GLU A 495 -14.86 22.86 -33.67
C GLU A 495 -15.74 22.21 -34.73
N GLY A 496 -16.31 21.07 -34.37
CA GLY A 496 -17.23 20.36 -35.21
C GLY A 496 -18.50 20.12 -34.41
N THR A 497 -19.57 19.83 -35.13
CA THR A 497 -20.83 19.48 -34.49
C THR A 497 -20.73 18.22 -33.64
N ILE A 498 -21.63 18.12 -32.68
CA ILE A 498 -21.76 16.90 -31.89
C ILE A 498 -21.97 15.71 -32.83
N LEU A 499 -22.77 15.91 -33.87
CA LEU A 499 -23.03 14.86 -34.85
C LEU A 499 -21.77 14.40 -35.56
N GLU A 500 -20.87 15.34 -35.87
CA GLU A 500 -19.58 15.00 -36.49
C GLU A 500 -18.76 14.09 -35.58
N HIS A 501 -18.77 14.41 -34.28
CA HIS A 501 -18.08 13.62 -33.26
C HIS A 501 -18.62 12.18 -33.26
N ILE A 502 -19.95 12.08 -33.24
CA ILE A 502 -20.63 10.79 -33.23
C ILE A 502 -20.29 9.95 -34.47
N LEU A 503 -20.39 10.57 -35.63
CA LEU A 503 -20.04 9.91 -36.90
C LEU A 503 -18.63 9.35 -36.87
N LEU A 504 -17.70 10.18 -36.42
CA LEU A 504 -16.31 9.78 -36.34
C LEU A 504 -16.09 8.55 -35.45
N GLN A 505 -16.66 8.58 -34.25
CA GLN A 505 -16.56 7.47 -33.29
C GLN A 505 -17.04 6.12 -33.82
N ASN A 506 -17.99 6.16 -34.74
CA ASN A 506 -18.60 4.92 -35.25
C ASN A 506 -18.05 4.50 -36.59
N ILE A 507 -17.68 5.44 -37.46
CA ILE A 507 -17.13 5.08 -38.75
C ILE A 507 -15.67 4.64 -38.67
N VAL A 508 -14.88 5.19 -37.75
CA VAL A 508 -13.47 4.79 -37.68
C VAL A 508 -13.36 3.28 -37.32
N PRO A 509 -14.07 2.82 -36.28
CA PRO A 509 -14.02 1.38 -35.97
C PRO A 509 -14.41 0.49 -37.13
N PHE A 510 -15.37 0.92 -37.94
CA PHE A 510 -15.76 0.17 -39.13
C PHE A 510 -14.56 -0.24 -40.00
N PHE A 511 -13.61 0.68 -40.19
CA PHE A 511 -12.44 0.38 -41.01
C PHE A 511 -11.31 -0.29 -40.27
N ASN A 512 -11.36 -0.31 -38.93
CA ASN A 512 -10.24 -0.75 -38.10
C ASN A 512 -10.36 -2.24 -37.83
N VAL A 513 -10.18 -3.03 -38.90
CA VAL A 513 -10.52 -4.46 -38.88
C VAL A 513 -9.28 -5.34 -38.79
N GLY A 514 -9.44 -6.50 -38.18
CA GLY A 514 -8.39 -7.50 -38.09
C GLY A 514 -8.42 -8.44 -39.27
N GLU A 515 -7.61 -9.48 -39.19
CA GLU A 515 -7.40 -10.42 -40.28
C GLU A 515 -8.63 -11.30 -40.58
N HIS A 516 -9.58 -11.41 -39.65
CA HIS A 516 -10.86 -12.08 -39.92
C HIS A 516 -12.03 -11.13 -40.25
N GLY A 517 -11.74 -9.83 -40.38
CA GLY A 517 -12.69 -8.85 -40.93
C GLY A 517 -13.60 -8.14 -39.94
N ASN A 518 -13.46 -8.47 -38.66
CA ASN A 518 -14.24 -7.84 -37.60
C ASN A 518 -13.39 -6.79 -36.96
N ILE A 519 -14.00 -5.95 -36.14
CA ILE A 519 -13.33 -4.79 -35.58
C ILE A 519 -12.31 -5.23 -34.50
N LYS A 520 -11.13 -4.60 -34.52
CA LYS A 520 -10.04 -4.93 -33.59
C LYS A 520 -10.42 -4.74 -32.13
N LEU A 521 -9.96 -5.68 -31.31
CA LEU A 521 -10.13 -5.63 -29.86
C LEU A 521 -9.39 -4.47 -29.20
N GLU A 522 -8.26 -4.08 -29.81
CA GLU A 522 -7.38 -3.07 -29.24
C GLU A 522 -7.01 -3.51 -27.80
N GLY A 523 -7.07 -2.60 -26.82
CA GLY A 523 -6.66 -2.90 -25.45
C GLY A 523 -7.65 -3.69 -24.60
N ALA A 524 -8.88 -3.81 -25.11
CA ALA A 524 -10.02 -4.53 -24.50
C ALA A 524 -11.30 -3.87 -25.02
N ASP A 525 -12.43 -4.55 -24.84
CA ASP A 525 -13.75 -3.95 -25.04
C ASP A 525 -14.37 -3.70 -23.66
N TRP A 526 -15.69 -3.82 -23.53
CA TRP A 526 -16.36 -3.69 -22.23
C TRP A 526 -15.71 -4.54 -21.16
N ASN A 527 -15.27 -5.74 -21.55
CA ASN A 527 -14.59 -6.63 -20.64
C ASN A 527 -13.14 -6.15 -20.49
N ASP A 528 -12.88 -5.48 -19.39
CA ASP A 528 -11.52 -4.95 -19.10
C ASP A 528 -10.48 -6.03 -18.99
N GLY A 529 -10.92 -7.26 -18.72
CA GLY A 529 -10.04 -8.40 -18.62
C GLY A 529 -9.60 -9.07 -19.90
N LEU A 530 -10.11 -8.60 -21.05
CA LEU A 530 -9.67 -9.07 -22.36
C LEU A 530 -8.62 -8.11 -22.92
N ASP A 531 -7.48 -8.11 -22.23
CA ASP A 531 -6.41 -7.13 -22.43
C ASP A 531 -5.14 -7.71 -23.05
N LEU A 532 -5.15 -8.98 -23.45
CA LEU A 532 -3.92 -9.58 -23.98
C LEU A 532 -3.99 -9.93 -25.47
N ALA A 533 -4.89 -9.25 -26.20
CA ALA A 533 -4.93 -9.44 -27.63
C ALA A 533 -4.94 -8.13 -28.43
N PRO A 534 -4.06 -7.17 -28.09
CA PRO A 534 -4.03 -5.93 -28.87
C PRO A 534 -3.53 -6.06 -30.30
N GLU A 535 -2.66 -7.02 -30.60
CA GLU A 535 -2.08 -7.13 -31.95
C GLU A 535 -3.07 -7.73 -32.96
N ARG A 536 -3.66 -8.87 -32.63
CA ARG A 536 -4.51 -9.62 -33.56
C ARG A 536 -5.92 -9.93 -33.07
N GLY A 537 -6.27 -9.53 -31.85
CA GLY A 537 -7.59 -9.82 -31.29
C GLY A 537 -8.68 -9.00 -31.99
N GLU A 538 -9.88 -9.56 -31.99
CA GLU A 538 -11.05 -8.93 -32.59
C GLU A 538 -12.20 -9.08 -31.63
N SER A 539 -12.97 -8.02 -31.45
CA SER A 539 -14.24 -8.08 -30.73
C SER A 539 -15.40 -8.13 -31.71
N VAL A 540 -15.79 -9.35 -32.07
CA VAL A 540 -16.99 -9.54 -32.86
C VAL A 540 -18.19 -9.01 -32.07
N ALA A 541 -18.15 -9.20 -30.76
CA ALA A 541 -19.23 -8.77 -29.86
C ALA A 541 -19.58 -7.30 -30.07
N PHE A 542 -18.56 -6.44 -30.08
CA PHE A 542 -18.79 -5.01 -30.30
C PHE A 542 -18.83 -4.58 -31.76
N THR A 543 -18.40 -5.44 -32.69
CA THR A 543 -18.67 -5.20 -34.11
C THR A 543 -20.18 -5.15 -34.36
N ALA A 544 -20.94 -6.02 -33.68
CA ALA A 544 -22.41 -6.02 -33.77
C ALA A 544 -23.01 -4.69 -33.24
N PHE A 545 -22.41 -4.16 -32.18
CA PHE A 545 -22.81 -2.89 -31.55
C PHE A 545 -22.53 -1.74 -32.55
N TYR A 546 -21.34 -1.68 -33.14
CA TYR A 546 -21.03 -0.65 -34.11
C TYR A 546 -21.89 -0.79 -35.38
N ALA A 547 -22.20 -2.02 -35.78
CA ALA A 547 -23.07 -2.24 -36.94
C ALA A 547 -24.44 -1.64 -36.70
N SER A 548 -24.97 -1.91 -35.52
CA SER A 548 -26.26 -1.38 -35.08
C SER A 548 -26.24 0.15 -34.96
N ASN A 549 -25.18 0.70 -34.38
CA ASN A 549 -25.02 2.14 -34.26
C ASN A 549 -25.07 2.83 -35.63
N LEU A 550 -24.35 2.29 -36.61
CA LEU A 550 -24.33 2.85 -37.95
C LEU A 550 -25.72 2.85 -38.59
N MET A 551 -26.46 1.76 -38.40
CA MET A 551 -27.85 1.62 -38.88
C MET A 551 -28.76 2.64 -38.21
N GLU A 552 -28.63 2.80 -36.89
CA GLU A 552 -29.45 3.77 -36.17
C GLU A 552 -29.11 5.18 -36.60
N LEU A 553 -27.85 5.43 -36.87
CA LEU A 553 -27.40 6.73 -37.34
C LEU A 553 -28.02 7.08 -38.66
N SER A 554 -27.98 6.13 -39.61
CA SER A 554 -28.69 6.27 -40.89
C SER A 554 -30.14 6.63 -40.67
N GLU A 555 -30.85 5.87 -39.84
CA GLU A 555 -32.27 6.14 -39.56
C GLU A 555 -32.46 7.51 -38.89
N LEU A 556 -31.59 7.84 -37.95
CA LEU A 556 -31.61 9.15 -37.30
C LEU A 556 -31.49 10.32 -38.29
N LEU A 557 -30.53 10.24 -39.21
CA LEU A 557 -30.35 11.31 -40.19
C LEU A 557 -31.56 11.51 -41.07
N LEU A 558 -32.18 10.41 -41.52
CA LEU A 558 -33.39 10.50 -42.33
C LEU A 558 -34.54 11.04 -41.50
N GLU A 559 -34.62 10.69 -40.22
CA GLU A 559 -35.67 11.24 -39.35
C GLU A 559 -35.44 12.74 -39.06
N LEU A 560 -34.17 13.16 -38.98
CA LEU A 560 -33.83 14.59 -38.85
C LEU A 560 -34.37 15.42 -40.02
N GLN A 561 -34.20 14.89 -41.23
CA GLN A 561 -34.73 15.55 -42.43
C GLN A 561 -36.26 15.59 -42.38
N LYS A 562 -36.88 14.43 -42.14
CA LYS A 562 -38.34 14.29 -42.09
C LYS A 562 -38.99 15.20 -41.04
N ARG A 563 -38.32 15.40 -39.90
CA ARG A 563 -38.87 16.16 -38.77
C ARG A 563 -38.43 17.62 -38.68
N THR A 564 -37.15 17.89 -38.95
CA THR A 564 -36.60 19.24 -38.88
C THR A 564 -36.65 19.97 -40.24
N GLY A 565 -36.55 19.23 -41.35
CA GLY A 565 -36.31 19.82 -42.68
C GLY A 565 -34.82 19.97 -43.04
N LYS A 566 -33.93 19.56 -42.13
CA LYS A 566 -32.47 19.70 -42.33
C LYS A 566 -32.00 18.83 -43.50
N ASP A 567 -31.30 19.46 -44.45
CA ASP A 567 -30.86 18.82 -45.69
C ASP A 567 -29.33 18.56 -45.80
N SER A 568 -28.53 19.18 -44.92
CA SER A 568 -27.08 19.11 -45.03
C SER A 568 -26.44 18.82 -43.68
N LEU A 569 -25.20 18.33 -43.72
CA LEU A 569 -24.40 18.15 -42.54
C LEU A 569 -23.05 18.79 -42.76
N ASP A 570 -22.65 19.67 -41.84
CA ASP A 570 -21.34 20.32 -41.92
C ASP A 570 -20.33 19.36 -41.27
N ILE A 571 -19.36 18.89 -42.07
CA ILE A 571 -18.39 17.88 -41.67
C ILE A 571 -16.99 18.27 -42.13
N ALA A 572 -15.97 17.97 -41.31
CA ALA A 572 -14.58 18.26 -41.68
C ALA A 572 -14.21 17.58 -42.99
N GLU A 573 -13.56 18.32 -43.90
CA GLU A 573 -13.27 17.82 -45.27
C GLU A 573 -12.59 16.44 -45.29
N GLU A 574 -11.68 16.22 -44.34
CA GLU A 574 -10.90 14.97 -44.24
C GLU A 574 -11.77 13.74 -43.95
N MET A 575 -12.85 13.94 -43.21
CA MET A 575 -13.81 12.87 -42.94
C MET A 575 -14.52 12.35 -44.19
N ALA A 576 -14.57 13.14 -45.26
CA ALA A 576 -15.11 12.67 -46.54
C ALA A 576 -14.39 11.42 -47.08
N LEU A 577 -13.10 11.26 -46.75
CA LEU A 577 -12.39 10.03 -47.13
C LEU A 577 -13.07 8.78 -46.57
N LEU A 578 -13.64 8.88 -45.37
CA LEU A 578 -14.28 7.76 -44.66
C LEU A 578 -15.72 7.50 -45.11
N LEU A 579 -16.34 8.53 -45.69
CA LEU A 579 -17.63 8.39 -46.34
C LEU A 579 -17.42 8.13 -47.84
N ASP A 580 -16.69 7.04 -48.13
CA ASP A 580 -16.25 6.72 -49.50
C ASP A 580 -17.38 6.49 -50.51
N THR A 581 -18.57 6.11 -50.02
CA THR A 581 -19.75 5.99 -50.87
C THR A 581 -20.06 7.27 -51.65
N LEU A 582 -19.72 8.43 -51.11
CA LEU A 582 -19.96 9.71 -51.78
C LEU A 582 -18.95 10.07 -52.87
N GLY A 583 -17.73 9.52 -52.79
CA GLY A 583 -16.66 9.80 -53.76
C GLY A 583 -16.35 8.58 -54.62
N LYS A 584 -15.15 8.02 -54.48
CA LYS A 584 -14.74 6.77 -55.16
C LYS A 584 -14.87 5.60 -54.16
N PRO A 585 -15.94 4.79 -54.28
CA PRO A 585 -16.12 3.74 -53.26
C PRO A 585 -14.99 2.71 -53.26
N ILE A 586 -14.58 2.25 -52.07
CA ILE A 586 -13.64 1.13 -51.96
C ILE A 586 -14.47 -0.14 -51.76
N SER A 587 -13.82 -1.29 -51.87
CA SER A 587 -14.49 -2.57 -51.59
C SER A 587 -14.45 -2.82 -50.08
N TYR A 588 -15.62 -2.93 -49.47
CA TYR A 588 -15.71 -3.27 -48.06
C TYR A 588 -15.39 -4.74 -47.79
N ASP A 589 -15.35 -5.57 -48.84
CA ASP A 589 -14.88 -6.95 -48.72
C ASP A 589 -13.36 -7.07 -48.50
N SER A 590 -12.61 -6.01 -48.82
CA SER A 590 -11.14 -6.02 -48.71
C SER A 590 -10.71 -5.40 -47.38
N ILE A 591 -10.07 -6.23 -46.55
CA ILE A 591 -9.44 -5.78 -45.32
C ILE A 591 -8.35 -4.77 -45.65
N GLN A 592 -7.48 -5.12 -46.60
CA GLN A 592 -6.37 -4.25 -47.03
C GLN A 592 -6.86 -2.86 -47.41
N GLU A 593 -7.90 -2.79 -48.26
CA GLU A 593 -8.45 -1.49 -48.71
C GLU A 593 -9.09 -0.70 -47.58
N LYS A 594 -9.73 -1.37 -46.63
CA LYS A 594 -10.31 -0.66 -45.48
C LYS A 594 -9.22 -0.06 -44.58
N ARG A 595 -8.16 -0.84 -44.33
CA ARG A 595 -7.04 -0.43 -43.49
C ARG A 595 -6.25 0.70 -44.17
N SER A 596 -6.07 0.60 -45.49
CA SER A 596 -5.36 1.65 -46.25
C SER A 596 -6.09 2.98 -46.26
N LEU A 597 -7.42 2.92 -46.43
CA LEU A 597 -8.26 4.11 -46.37
C LEU A 597 -8.22 4.77 -44.99
N LEU A 598 -8.21 3.95 -43.93
CA LEU A 598 -8.07 4.47 -42.57
C LEU A 598 -6.71 5.14 -42.33
N ASP A 599 -5.64 4.52 -42.83
CA ASP A 599 -4.29 5.11 -42.76
C ASP A 599 -4.20 6.45 -43.50
N ARG A 600 -4.84 6.54 -44.67
CA ARG A 600 -4.95 7.79 -45.43
C ARG A 600 -5.67 8.84 -44.60
N TYR A 601 -6.77 8.44 -43.93
CA TYR A 601 -7.52 9.37 -43.07
C TYR A 601 -6.66 9.88 -41.92
N TYR A 602 -5.98 8.97 -41.23
CA TYR A 602 -5.08 9.36 -40.14
C TYR A 602 -4.01 10.36 -40.57
N ASP A 603 -3.42 10.11 -41.75
CA ASP A 603 -2.41 11.01 -42.33
C ASP A 603 -2.98 12.38 -42.62
N ALA A 604 -4.22 12.43 -43.11
CA ALA A 604 -4.87 13.69 -43.44
C ALA A 604 -5.19 14.57 -42.21
N VAL A 605 -5.35 13.96 -41.02
CA VAL A 605 -5.70 14.69 -39.79
C VAL A 605 -4.60 14.79 -38.71
N THR A 606 -3.38 14.31 -39.01
CA THR A 606 -2.28 14.34 -38.02
C THR A 606 -1.12 15.09 -38.67
N PRO A 607 -0.60 16.15 -38.05
CA PRO A 607 -0.93 16.61 -36.69
C PRO A 607 -2.16 17.53 -36.56
N ARG A 608 -2.60 18.12 -37.68
CA ARG A 608 -3.67 19.13 -37.67
C ARG A 608 -4.70 18.83 -38.77
N VAL A 609 -5.89 19.39 -38.63
CA VAL A 609 -6.88 19.41 -39.72
C VAL A 609 -6.70 20.69 -40.50
N SER A 610 -7.28 20.74 -41.70
CA SER A 610 -7.21 21.96 -42.53
C SER A 610 -8.13 23.03 -41.96
N GLY A 611 -9.18 22.61 -41.27
CA GLY A 611 -10.19 23.52 -40.76
C GLY A 611 -11.36 23.71 -41.69
N LYS A 612 -11.15 23.39 -42.99
CA LYS A 612 -12.20 23.50 -44.00
C LYS A 612 -13.24 22.39 -43.81
N LYS A 613 -14.50 22.76 -44.04
CA LYS A 613 -15.64 21.85 -43.92
C LYS A 613 -16.35 21.69 -45.24
N LEU A 614 -16.88 20.48 -45.49
CA LEU A 614 -17.76 20.22 -46.62
C LEU A 614 -19.19 20.12 -46.11
N LEU A 615 -20.14 20.61 -46.89
CA LEU A 615 -21.57 20.36 -46.65
C LEU A 615 -22.04 19.20 -47.53
N LEU A 616 -22.55 18.15 -46.89
CA LEU A 616 -22.93 16.90 -47.58
C LEU A 616 -24.42 16.67 -47.45
N ASP A 617 -25.04 16.13 -48.51
CA ASP A 617 -26.48 15.79 -48.50
C ASP A 617 -26.75 14.77 -47.39
N ILE A 618 -27.69 15.09 -46.50
CA ILE A 618 -27.96 14.24 -45.32
C ILE A 618 -28.47 12.86 -45.71
N ARG A 619 -29.18 12.76 -46.83
CA ARG A 619 -29.62 11.48 -47.41
C ARG A 619 -28.46 10.64 -47.96
N LYS A 620 -27.49 11.29 -48.59
CA LYS A 620 -26.32 10.59 -49.13
C LYS A 620 -25.39 10.09 -48.02
N VAL A 621 -25.26 10.85 -46.92
CA VAL A 621 -24.49 10.40 -45.75
C VAL A 621 -25.20 9.20 -45.12
N ALA A 622 -26.52 9.32 -44.97
CA ALA A 622 -27.36 8.21 -44.49
C ALA A 622 -27.20 6.94 -45.34
N GLU A 623 -27.15 7.11 -46.65
CA GLU A 623 -26.90 6.00 -47.56
C GLU A 623 -25.52 5.36 -47.33
N ASP A 624 -24.50 6.17 -47.11
CA ASP A 624 -23.17 5.64 -46.80
C ASP A 624 -23.19 4.83 -45.49
N LEU A 625 -23.88 5.37 -44.48
CA LEU A 625 -23.95 4.71 -43.18
C LEU A 625 -24.70 3.39 -43.26
N LYS A 626 -25.80 3.37 -44.01
CA LYS A 626 -26.58 2.16 -44.21
C LYS A 626 -25.81 1.08 -44.98
N ARG A 627 -25.02 1.48 -45.97
CA ARG A 627 -24.15 0.56 -46.69
C ARG A 627 -23.13 -0.11 -45.76
N LYS A 628 -22.47 0.69 -44.92
CA LYS A 628 -21.58 0.15 -43.89
C LYS A 628 -22.31 -0.83 -42.98
N ALA A 629 -23.48 -0.42 -42.48
CA ALA A 629 -24.22 -1.26 -41.53
C ALA A 629 -24.69 -2.56 -42.21
N ASP A 630 -25.21 -2.46 -43.43
CA ASP A 630 -25.61 -3.62 -44.21
C ASP A 630 -24.46 -4.59 -44.49
N TRP A 631 -23.29 -4.05 -44.79
CA TRP A 631 -22.11 -4.88 -45.02
C TRP A 631 -21.77 -5.65 -43.73
N ALA A 632 -21.75 -4.95 -42.60
CA ALA A 632 -21.39 -5.57 -41.34
C ALA A 632 -22.41 -6.62 -40.91
N VAL A 633 -23.69 -6.32 -41.05
CA VAL A 633 -24.76 -7.27 -40.71
C VAL A 633 -24.59 -8.56 -41.51
N ALA A 634 -24.43 -8.44 -42.83
CA ALA A 634 -24.23 -9.61 -43.69
C ALA A 634 -22.97 -10.39 -43.36
N HIS A 635 -21.88 -9.69 -43.08
CA HIS A 635 -20.62 -10.36 -42.71
C HIS A 635 -20.72 -11.13 -41.39
N LEU A 636 -21.35 -10.54 -40.38
CA LEU A 636 -21.52 -11.23 -39.10
C LEU A 636 -22.44 -12.45 -39.26
N ARG A 637 -23.55 -12.29 -39.97
CA ARG A 637 -24.49 -13.40 -40.16
C ARG A 637 -23.90 -14.55 -40.97
N GLY A 638 -23.07 -14.22 -41.97
CA GLY A 638 -22.49 -15.20 -42.88
C GLY A 638 -21.17 -15.81 -42.42
N SER A 639 -20.46 -15.12 -41.53
CA SER A 639 -19.12 -15.58 -41.11
C SER A 639 -18.94 -15.87 -39.64
N GLU A 640 -19.76 -15.29 -38.77
CA GLU A 640 -19.54 -15.41 -37.33
C GLU A 640 -20.65 -16.13 -36.59
N TRP A 641 -21.62 -16.66 -37.33
CA TRP A 641 -22.67 -17.49 -36.78
C TRP A 641 -22.10 -18.90 -36.69
N ILE A 642 -22.02 -19.46 -35.49
CA ILE A 642 -21.37 -20.77 -35.31
C ILE A 642 -22.31 -21.79 -34.67
N GLN A 643 -21.90 -23.06 -34.74
CA GLN A 643 -22.73 -24.15 -34.24
C GLN A 643 -21.86 -25.18 -33.52
N SER A 644 -22.32 -25.70 -32.39
CA SER A 644 -21.63 -26.82 -31.78
C SER A 644 -22.10 -28.13 -32.42
N LYS A 645 -21.30 -29.18 -32.30
CA LYS A 645 -21.71 -30.53 -32.75
C LYS A 645 -22.99 -31.01 -32.06
N GLU A 646 -23.20 -30.61 -30.82
CA GLU A 646 -24.42 -30.91 -30.12
C GLU A 646 -25.67 -30.24 -30.76
N GLY A 647 -25.50 -29.19 -31.55
CA GLY A 647 -26.60 -28.60 -32.33
C GLY A 647 -27.05 -27.20 -31.91
N TYR A 648 -26.39 -26.63 -30.91
CA TYR A 648 -26.70 -25.26 -30.49
C TYR A 648 -25.97 -24.31 -31.41
N ALA A 649 -26.53 -23.12 -31.60
CA ALA A 649 -25.93 -22.12 -32.45
C ALA A 649 -25.99 -20.73 -31.81
N TRP A 650 -24.97 -19.93 -32.08
CA TRP A 650 -24.84 -18.60 -31.49
C TRP A 650 -23.76 -17.78 -32.22
N PHE A 651 -23.55 -16.52 -31.84
CA PHE A 651 -22.50 -15.70 -32.47
C PHE A 651 -21.13 -15.82 -31.76
N ASN A 652 -20.09 -16.12 -32.51
CA ASN A 652 -18.74 -15.98 -31.99
C ASN A 652 -18.50 -14.55 -31.58
N GLY A 653 -17.92 -14.36 -30.40
CA GLY A 653 -17.67 -13.04 -29.85
C GLY A 653 -16.28 -12.47 -30.07
N TYR A 654 -15.29 -13.37 -30.25
CA TYR A 654 -13.87 -12.98 -30.19
C TYR A 654 -12.95 -13.78 -31.09
N TYR A 655 -11.87 -13.12 -31.50
CA TYR A 655 -10.66 -13.78 -31.96
C TYR A 655 -9.52 -13.40 -31.00
N ASN A 656 -8.63 -14.35 -30.73
CA ASN A 656 -7.56 -14.14 -29.76
C ASN A 656 -6.32 -13.57 -30.46
N ASN A 657 -5.24 -13.43 -29.71
CA ASN A 657 -4.03 -12.80 -30.23
C ASN A 657 -3.23 -13.69 -31.17
N ASP A 658 -3.64 -14.95 -31.33
CA ASP A 658 -3.11 -15.80 -32.40
C ASP A 658 -4.00 -15.84 -33.64
N GLY A 659 -4.99 -14.93 -33.71
CA GLY A 659 -5.95 -14.92 -34.80
C GLY A 659 -6.90 -16.11 -34.87
N GLU A 660 -7.12 -16.78 -33.74
CA GLU A 660 -7.98 -17.95 -33.67
C GLU A 660 -9.35 -17.56 -33.14
N ARG A 661 -10.37 -18.18 -33.72
CA ARG A 661 -11.75 -18.06 -33.23
C ARG A 661 -11.83 -18.56 -31.79
N VAL A 662 -12.43 -17.76 -30.91
CA VAL A 662 -12.42 -18.10 -29.48
C VAL A 662 -13.51 -19.10 -29.16
N GLU A 663 -14.72 -18.88 -29.69
CA GLU A 663 -15.89 -19.64 -29.28
C GLU A 663 -16.16 -20.85 -30.16
N GLY A 664 -16.89 -21.81 -29.60
CA GLY A 664 -17.27 -23.06 -30.28
C GLY A 664 -16.80 -24.28 -29.52
N ASP A 665 -16.84 -25.44 -30.17
CA ASP A 665 -16.31 -26.66 -29.59
C ASP A 665 -14.83 -26.56 -29.25
N HIS A 666 -14.45 -27.22 -28.16
CA HIS A 666 -13.08 -27.17 -27.68
C HIS A 666 -12.87 -28.41 -26.81
N PRO A 667 -11.63 -28.94 -26.78
CA PRO A 667 -11.28 -29.90 -25.71
C PRO A 667 -11.67 -29.38 -24.31
N ASP A 668 -12.18 -30.27 -23.48
CA ASP A 668 -12.66 -29.94 -22.12
C ASP A 668 -13.94 -29.10 -22.08
N GLY A 669 -14.54 -28.77 -23.21
CA GLY A 669 -15.87 -28.17 -23.23
C GLY A 669 -16.04 -26.96 -24.12
N VAL A 670 -17.27 -26.76 -24.57
CA VAL A 670 -17.66 -25.64 -25.40
C VAL A 670 -17.32 -24.29 -24.76
N ARG A 671 -16.76 -23.40 -25.56
CA ARG A 671 -16.46 -22.02 -25.17
C ARG A 671 -17.47 -21.08 -25.71
N MET A 672 -18.14 -20.34 -24.84
CA MET A 672 -19.17 -19.37 -25.22
C MET A 672 -19.08 -18.15 -24.30
N THR A 673 -19.37 -16.95 -24.84
CA THR A 673 -19.45 -15.73 -24.06
C THR A 673 -20.84 -15.14 -24.15
N LEU A 674 -21.31 -14.56 -23.05
CA LEU A 674 -22.54 -13.81 -23.06
C LEU A 674 -22.39 -12.53 -23.87
N THR A 675 -21.24 -11.88 -23.76
CA THR A 675 -20.99 -10.61 -24.42
C THR A 675 -21.15 -10.66 -25.93
N GLY A 676 -20.71 -11.77 -26.52
CA GLY A 676 -20.88 -12.01 -27.95
C GLY A 676 -22.31 -12.11 -28.46
N GLN A 677 -23.27 -12.23 -27.56
CA GLN A 677 -24.68 -12.37 -27.90
C GLN A 677 -25.45 -11.07 -27.70
N VAL A 678 -25.08 -10.28 -26.69
CA VAL A 678 -25.97 -9.22 -26.18
C VAL A 678 -26.27 -8.13 -27.20
N PHE A 679 -25.22 -7.63 -27.85
CA PHE A 679 -25.39 -6.52 -28.80
C PHE A 679 -25.91 -6.97 -30.17
N ALA A 680 -25.58 -8.19 -30.56
CA ALA A 680 -26.20 -8.81 -31.74
C ALA A 680 -27.73 -8.83 -31.60
N ILE A 681 -28.21 -9.23 -30.43
CA ILE A 681 -29.64 -9.24 -30.15
C ILE A 681 -30.21 -7.82 -30.05
N MET A 682 -29.58 -6.98 -29.24
CA MET A 682 -30.11 -5.65 -28.96
C MET A 682 -30.24 -4.80 -30.21
N GLY A 683 -29.25 -4.91 -31.09
CA GLY A 683 -29.11 -4.05 -32.25
C GLY A 683 -29.66 -4.57 -33.56
N GLY A 684 -30.00 -5.85 -33.62
CA GLY A 684 -30.66 -6.43 -34.78
C GLY A 684 -29.76 -7.23 -35.70
N VAL A 685 -28.46 -7.34 -35.40
CA VAL A 685 -27.60 -8.26 -36.18
C VAL A 685 -28.18 -9.68 -36.13
N ALA A 686 -28.60 -10.10 -34.95
CA ALA A 686 -29.32 -11.36 -34.79
C ALA A 686 -30.74 -11.21 -35.32
N THR A 687 -31.13 -12.06 -36.26
CA THR A 687 -32.55 -12.20 -36.70
C THR A 687 -33.39 -12.72 -35.53
N ASP A 688 -34.70 -12.71 -35.68
CA ASP A 688 -35.57 -13.32 -34.65
C ASP A 688 -35.24 -14.81 -34.45
N GLU A 689 -34.97 -15.51 -35.55
CA GLU A 689 -34.66 -16.95 -35.48
C GLU A 689 -33.30 -17.16 -34.80
N GLN A 690 -32.31 -16.32 -35.15
CA GLN A 690 -31.02 -16.38 -34.49
C GLN A 690 -31.11 -16.07 -33.00
N THR A 691 -31.96 -15.11 -32.64
CA THR A 691 -32.17 -14.73 -31.25
C THR A 691 -32.78 -15.88 -30.43
N GLU A 692 -33.77 -16.58 -31.00
CA GLU A 692 -34.33 -17.75 -30.34
C GLU A 692 -33.23 -18.79 -30.09
N LYS A 693 -32.41 -19.04 -31.10
CA LYS A 693 -31.34 -20.01 -31.00
C LYS A 693 -30.26 -19.57 -30.01
N ILE A 694 -29.91 -18.29 -30.02
CA ILE A 694 -28.96 -17.76 -29.05
C ILE A 694 -29.47 -18.02 -27.63
N SER A 695 -30.74 -17.71 -27.38
N SER A 695 -30.74 -17.71 -27.38
CA SER A 695 -31.33 -17.89 -26.07
CA SER A 695 -31.33 -17.89 -26.07
C SER A 695 -31.24 -19.35 -25.60
C SER A 695 -31.24 -19.35 -25.60
N GLN A 696 -31.47 -20.29 -26.52
CA GLN A 696 -31.27 -21.72 -26.23
C GLN A 696 -29.82 -22.07 -25.89
N ALA A 697 -28.87 -21.53 -26.67
CA ALA A 697 -27.45 -21.75 -26.40
C ALA A 697 -27.01 -21.16 -25.05
N VAL A 698 -27.47 -19.94 -24.76
CA VAL A 698 -27.22 -19.31 -23.46
C VAL A 698 -27.74 -20.19 -22.32
N ASN A 699 -28.97 -20.64 -22.43
CA ASN A 699 -29.56 -21.47 -21.38
C ASN A 699 -28.84 -22.80 -21.23
N ARG A 700 -28.29 -23.32 -22.33
CA ARG A 700 -27.56 -24.57 -22.33
C ARG A 700 -26.16 -24.45 -21.71
N TYR A 701 -25.41 -23.43 -22.14
CA TYR A 701 -23.97 -23.33 -21.85
C TYR A 701 -23.62 -22.34 -20.74
N LEU A 702 -24.48 -21.35 -20.52
CA LEU A 702 -24.19 -20.27 -19.58
C LEU A 702 -25.08 -20.23 -18.34
N LYS A 703 -26.31 -20.74 -18.41
CA LYS A 703 -27.27 -20.57 -17.33
C LYS A 703 -26.99 -21.65 -16.29
N ASP A 704 -26.46 -21.22 -15.16
CA ASP A 704 -26.12 -22.12 -14.08
C ASP A 704 -27.31 -22.21 -13.13
N GLU A 705 -27.63 -23.42 -12.70
CA GLU A 705 -28.79 -23.61 -11.81
C GLU A 705 -28.63 -22.89 -10.44
N ARG A 706 -27.39 -22.76 -9.94
CA ARG A 706 -27.11 -22.13 -8.66
C ARG A 706 -26.88 -20.62 -8.78
N ILE A 707 -26.11 -20.18 -9.77
CA ILE A 707 -25.69 -18.79 -9.83
C ILE A 707 -26.18 -17.96 -11.03
N GLY A 708 -27.05 -18.53 -11.87
CA GLY A 708 -27.64 -17.78 -12.97
C GLY A 708 -26.78 -17.66 -14.23
N TYR A 709 -26.98 -16.58 -14.97
CA TYR A 709 -26.44 -16.44 -16.32
C TYR A 709 -24.99 -15.99 -16.26
N ARG A 710 -24.07 -16.92 -16.51
CA ARG A 710 -22.65 -16.63 -16.46
C ARG A 710 -22.19 -15.80 -17.63
N LEU A 711 -21.09 -15.07 -17.41
CA LEU A 711 -20.50 -14.22 -18.41
C LEU A 711 -19.85 -15.00 -19.53
N ASN A 712 -19.38 -16.21 -19.20
CA ASN A 712 -18.73 -17.09 -20.16
C ASN A 712 -18.72 -18.48 -19.57
N SER A 713 -18.55 -19.49 -20.42
CA SER A 713 -18.31 -20.85 -19.97
C SER A 713 -16.84 -21.00 -19.58
N ARG A 714 -16.50 -22.14 -19.01
CA ARG A 714 -15.16 -22.39 -18.51
C ARG A 714 -14.11 -22.64 -19.61
N PHE A 715 -13.07 -21.83 -19.62
CA PHE A 715 -11.87 -22.07 -20.42
C PHE A 715 -10.89 -22.64 -19.40
N GLY A 716 -10.32 -23.81 -19.63
CA GLY A 716 -9.38 -24.36 -18.64
C GLY A 716 -8.06 -23.59 -18.55
N GLY A 717 -7.72 -23.09 -17.36
CA GLY A 717 -6.46 -22.42 -17.13
C GLY A 717 -6.35 -21.00 -17.70
N ILE A 718 -5.17 -20.41 -17.50
CA ILE A 718 -4.89 -19.04 -17.99
C ILE A 718 -4.89 -18.99 -19.52
N GLN A 719 -5.20 -17.82 -20.05
CA GLN A 719 -5.38 -17.62 -21.48
C GLN A 719 -4.57 -16.40 -21.87
N GLN A 720 -3.24 -16.60 -21.96
CA GLN A 720 -2.30 -15.47 -22.15
C GLN A 720 -2.28 -14.83 -23.55
N ASN A 721 -3.03 -15.40 -24.48
CA ASN A 721 -3.28 -14.79 -25.79
C ASN A 721 -4.67 -14.13 -25.85
N LEU A 722 -5.33 -13.96 -24.72
CA LEU A 722 -6.65 -13.37 -24.71
C LEU A 722 -6.84 -12.35 -23.60
N GLY A 723 -6.66 -12.76 -22.35
CA GLY A 723 -6.85 -11.81 -21.27
C GLY A 723 -6.53 -12.29 -19.89
N ARG A 724 -6.19 -11.32 -19.01
CA ARG A 724 -5.86 -11.58 -17.62
C ARG A 724 -7.07 -12.06 -16.83
N ALA A 725 -8.28 -11.80 -17.33
CA ALA A 725 -9.50 -12.32 -16.70
C ALA A 725 -9.43 -13.82 -16.41
N PHE A 726 -8.81 -14.56 -17.31
CA PHE A 726 -8.75 -16.01 -17.17
C PHE A 726 -7.79 -16.50 -16.11
N GLY A 727 -7.01 -15.60 -15.49
CA GLY A 727 -6.28 -15.90 -14.29
C GLY A 727 -7.14 -15.92 -13.04
N PHE A 728 -8.31 -15.27 -13.09
CA PHE A 728 -9.25 -15.36 -12.00
C PHE A 728 -9.84 -16.77 -11.96
N ALA A 729 -10.15 -17.25 -10.76
CA ALA A 729 -10.88 -18.49 -10.61
C ALA A 729 -12.22 -18.38 -11.33
N PHE A 730 -12.65 -19.51 -11.92
CA PHE A 730 -13.91 -19.57 -12.65
C PHE A 730 -15.07 -19.26 -11.69
N GLY A 731 -15.96 -18.41 -12.14
CA GLY A 731 -17.05 -17.93 -11.28
C GLY A 731 -16.78 -16.66 -10.50
N HIS A 732 -15.76 -15.89 -10.87
CA HIS A 732 -15.42 -14.68 -10.13
C HIS A 732 -15.03 -13.58 -11.10
N LYS A 733 -15.56 -12.38 -10.86
CA LYS A 733 -15.22 -11.19 -11.63
C LYS A 733 -15.55 -11.45 -13.11
N GLU A 734 -14.68 -11.07 -14.05
CA GLU A 734 -14.99 -11.25 -15.45
C GLU A 734 -14.71 -12.70 -15.96
N ASN A 735 -14.31 -13.63 -15.10
CA ASN A 735 -14.20 -15.02 -15.52
C ASN A 735 -15.38 -15.87 -15.04
N GLY A 736 -16.47 -15.78 -15.81
CA GLY A 736 -17.60 -16.70 -15.65
C GLY A 736 -18.48 -16.53 -14.43
N ALA A 737 -18.39 -15.36 -13.77
CA ALA A 737 -19.34 -15.06 -12.72
C ALA A 737 -20.67 -14.65 -13.38
N MET A 738 -21.72 -14.55 -12.58
CA MET A 738 -22.94 -13.91 -13.01
C MET A 738 -22.63 -12.41 -12.89
N PHE A 739 -22.24 -11.80 -14.00
CA PHE A 739 -21.82 -10.42 -14.01
C PHE A 739 -23.01 -9.53 -14.36
N SER A 740 -23.55 -8.89 -13.33
CA SER A 740 -24.87 -8.26 -13.40
C SER A 740 -25.04 -7.31 -14.55
N HIS A 741 -24.02 -6.51 -14.82
CA HIS A 741 -24.13 -5.50 -15.86
C HIS A 741 -24.42 -6.15 -17.22
N MET A 742 -23.69 -7.21 -17.55
CA MET A 742 -23.90 -7.84 -18.84
C MET A 742 -25.24 -8.61 -18.88
N THR A 743 -25.60 -9.23 -17.77
CA THR A 743 -26.83 -10.00 -17.68
C THR A 743 -28.04 -9.10 -17.80
N VAL A 744 -28.01 -7.94 -17.17
CA VAL A 744 -29.09 -6.95 -17.33
C VAL A 744 -29.19 -6.51 -18.80
N MET A 745 -28.05 -6.25 -19.43
CA MET A 745 -28.06 -5.86 -20.83
C MET A 745 -28.61 -6.96 -21.74
N TYR A 746 -28.30 -8.21 -21.44
CA TYR A 746 -28.92 -9.35 -22.09
C TYR A 746 -30.44 -9.32 -21.97
N ALA A 747 -30.96 -9.14 -20.76
CA ALA A 747 -32.42 -9.01 -20.55
C ALA A 747 -33.01 -7.84 -21.34
N ASN A 748 -32.34 -6.69 -21.27
CA ASN A 748 -32.78 -5.51 -22.01
C ASN A 748 -32.91 -5.84 -23.50
N ALA A 749 -31.88 -6.48 -24.05
CA ALA A 749 -31.88 -6.87 -25.44
C ALA A 749 -33.08 -7.81 -25.77
N LEU A 750 -33.31 -8.80 -24.92
CA LEU A 750 -34.45 -9.70 -25.09
C LEU A 750 -35.79 -8.97 -25.09
N TYR A 751 -36.02 -8.11 -24.10
CA TYR A 751 -37.25 -7.32 -24.05
C TYR A 751 -37.42 -6.45 -25.31
N LYS A 752 -36.35 -5.77 -25.71
CA LYS A 752 -36.34 -4.95 -26.92
C LYS A 752 -36.84 -5.72 -28.14
N ARG A 753 -36.44 -6.98 -28.26
CA ARG A 753 -36.78 -7.81 -29.41
C ARG A 753 -38.10 -8.58 -29.28
N GLY A 754 -38.83 -8.38 -28.18
CA GLY A 754 -40.10 -9.03 -27.94
C GLY A 754 -40.02 -10.39 -27.26
N PHE A 755 -38.83 -10.81 -26.82
CA PHE A 755 -38.69 -12.07 -26.09
C PHE A 755 -38.93 -11.84 -24.62
N VAL A 756 -40.19 -11.57 -24.28
CA VAL A 756 -40.57 -11.06 -22.95
C VAL A 756 -40.44 -12.11 -21.84
N GLN A 757 -40.90 -13.34 -22.08
CA GLN A 757 -40.78 -14.40 -21.06
C GLN A 757 -39.32 -14.71 -20.77
N GLU A 758 -38.48 -14.66 -21.80
CA GLU A 758 -37.08 -14.95 -21.66
C GLU A 758 -36.41 -13.79 -20.89
N GLY A 759 -36.72 -12.57 -21.30
CA GLY A 759 -36.27 -11.39 -20.60
C GLY A 759 -36.65 -11.37 -19.14
N PHE A 760 -37.91 -11.70 -18.85
CA PHE A 760 -38.40 -11.77 -17.48
C PHE A 760 -37.60 -12.75 -16.64
N GLU A 761 -37.33 -13.95 -17.19
CA GLU A 761 -36.55 -14.98 -16.50
C GLU A 761 -35.19 -14.43 -16.09
N VAL A 762 -34.57 -13.67 -16.99
CA VAL A 762 -33.23 -13.12 -16.73
C VAL A 762 -33.27 -12.09 -15.58
N LEU A 763 -34.17 -11.12 -15.67
CA LEU A 763 -34.29 -10.10 -14.64
C LEU A 763 -34.70 -10.67 -13.29
N ASP A 764 -35.66 -11.59 -13.29
CA ASP A 764 -36.06 -12.26 -12.06
C ASP A 764 -34.92 -13.06 -11.40
N SER A 765 -34.07 -13.71 -12.21
N SER A 765 -34.08 -13.71 -12.20
CA SER A 765 -32.92 -14.43 -11.69
CA SER A 765 -32.92 -14.42 -11.69
C SER A 765 -31.94 -13.51 -10.93
C SER A 765 -31.94 -13.51 -10.93
N ILE A 766 -31.71 -12.31 -11.47
CA ILE A 766 -30.84 -11.32 -10.81
C ILE A 766 -31.40 -10.95 -9.43
N TYR A 767 -32.68 -10.61 -9.39
CA TYR A 767 -33.34 -10.32 -8.11
C TYR A 767 -33.29 -11.51 -7.14
N ARG A 768 -33.67 -12.69 -7.61
CA ARG A 768 -33.72 -13.87 -6.72
C ARG A 768 -32.34 -14.22 -6.15
N LEU A 769 -31.31 -14.18 -6.98
CA LEU A 769 -29.94 -14.42 -6.51
C LEU A 769 -29.52 -13.36 -5.49
N SER A 770 -29.78 -12.09 -5.79
CA SER A 770 -29.39 -10.97 -4.92
C SER A 770 -30.06 -11.05 -3.57
N ALA A 771 -31.34 -11.41 -3.57
CA ALA A 771 -32.15 -11.43 -2.34
C ALA A 771 -32.13 -12.76 -1.58
N ASP A 772 -31.46 -13.79 -2.09
CA ASP A 772 -31.34 -15.08 -1.39
C ASP A 772 -30.16 -14.99 -0.40
N PHE A 773 -30.43 -14.33 0.73
CA PHE A 773 -29.39 -13.88 1.66
C PHE A 773 -28.48 -15.01 2.16
N GLU A 774 -29.04 -16.18 2.42
CA GLU A 774 -28.24 -17.34 2.85
C GLU A 774 -27.01 -17.55 1.94
N ASN A 775 -27.17 -17.32 0.65
CA ASN A 775 -26.06 -17.41 -0.29
C ASN A 775 -25.45 -16.05 -0.64
N SER A 776 -26.28 -15.05 -0.94
CA SER A 776 -25.77 -13.75 -1.39
C SER A 776 -25.02 -12.98 -0.29
N ARG A 777 -25.50 -13.10 0.95
CA ARG A 777 -24.93 -12.41 2.10
C ARG A 777 -24.75 -10.90 1.88
N ILE A 778 -25.70 -10.28 1.20
CA ILE A 778 -25.67 -8.85 0.98
C ILE A 778 -27.01 -8.23 1.38
N TYR A 779 -26.94 -6.94 1.65
CA TYR A 779 -28.10 -6.11 1.90
C TYR A 779 -28.87 -5.87 0.57
N PRO A 780 -30.08 -5.33 0.65
CA PRO A 780 -30.81 -5.01 -0.58
C PRO A 780 -30.01 -4.17 -1.55
N GLY A 781 -30.06 -4.59 -2.81
CA GLY A 781 -29.30 -3.96 -3.90
C GLY A 781 -28.84 -5.04 -4.84
N VAL A 782 -28.32 -4.60 -5.98
CA VAL A 782 -27.76 -5.51 -6.99
C VAL A 782 -26.23 -5.42 -6.92
N PRO A 783 -25.54 -6.56 -6.75
CA PRO A 783 -24.07 -6.51 -6.67
C PRO A 783 -23.46 -6.48 -8.06
N GLU A 784 -22.17 -6.19 -8.16
CA GLU A 784 -21.47 -6.29 -9.43
C GLU A 784 -21.53 -7.71 -10.01
N TYR A 785 -21.33 -8.70 -9.14
CA TYR A 785 -21.45 -10.07 -9.56
C TYR A 785 -21.89 -10.98 -8.44
N ILE A 786 -22.46 -12.10 -8.86
CA ILE A 786 -22.75 -13.24 -7.99
C ILE A 786 -21.69 -14.25 -8.37
N ASN A 787 -20.98 -14.75 -7.36
CA ASN A 787 -19.82 -15.57 -7.59
C ASN A 787 -20.14 -17.07 -7.55
N GLU A 788 -19.10 -17.87 -7.69
CA GLU A 788 -19.22 -19.32 -7.74
C GLU A 788 -19.93 -19.93 -6.56
N ARG A 789 -19.90 -19.27 -5.40
CA ARG A 789 -20.56 -19.78 -4.21
C ARG A 789 -21.88 -19.10 -3.96
N GLY A 790 -22.33 -18.28 -4.91
CA GLY A 790 -23.58 -17.54 -4.80
C GLY A 790 -23.52 -16.26 -4.05
N ARG A 791 -22.32 -15.80 -3.67
CA ARG A 791 -22.14 -14.59 -2.84
C ARG A 791 -22.21 -13.35 -3.73
N GLY A 792 -22.85 -12.30 -3.20
CA GLY A 792 -22.85 -11.00 -3.84
C GLY A 792 -21.55 -10.25 -3.57
N MET A 793 -20.93 -9.76 -4.63
CA MET A 793 -19.60 -9.20 -4.58
C MET A 793 -19.60 -7.80 -5.20
N TYR A 794 -18.81 -6.91 -4.58
CA TYR A 794 -18.65 -5.51 -5.04
C TYR A 794 -19.99 -4.83 -5.06
N THR A 795 -20.51 -4.57 -3.87
CA THR A 795 -21.85 -4.09 -3.68
C THR A 795 -21.96 -2.61 -3.99
N TYR A 796 -23.18 -2.17 -4.25
CA TYR A 796 -23.58 -0.76 -4.35
C TYR A 796 -23.10 0.02 -5.57
N LEU A 797 -21.80 -0.02 -5.91
CA LEU A 797 -21.28 0.95 -6.88
C LEU A 797 -21.44 0.55 -8.36
N THR A 798 -21.91 -0.67 -8.59
CA THR A 798 -22.01 -1.25 -9.93
C THR A 798 -22.90 -0.48 -10.91
N GLY A 799 -22.41 -0.29 -12.13
CA GLY A 799 -23.19 0.23 -13.24
C GLY A 799 -24.43 -0.58 -13.65
N SER A 800 -24.51 -1.81 -13.19
CA SER A 800 -25.67 -2.64 -13.45
C SER A 800 -26.97 -2.02 -12.91
N ALA A 801 -26.87 -1.27 -11.81
CA ALA A 801 -28.06 -0.66 -11.23
C ALA A 801 -28.71 0.32 -12.20
N SER A 802 -27.89 1.12 -12.85
CA SER A 802 -28.40 2.08 -13.85
C SER A 802 -29.19 1.34 -14.94
N TRP A 803 -28.59 0.28 -15.45
CA TRP A 803 -29.23 -0.53 -16.49
C TRP A 803 -30.47 -1.23 -16.03
N LEU A 804 -30.45 -1.73 -14.80
CA LEU A 804 -31.62 -2.42 -14.24
C LEU A 804 -32.78 -1.43 -14.10
N LEU A 805 -32.52 -0.26 -13.51
CA LEU A 805 -33.50 0.83 -13.40
C LEU A 805 -34.06 1.18 -14.78
N LEU A 806 -33.17 1.45 -15.73
CA LEU A 806 -33.60 1.81 -17.07
C LEU A 806 -34.44 0.73 -17.76
N THR A 807 -34.04 -0.52 -17.59
CA THR A 807 -34.73 -1.62 -18.23
C THR A 807 -36.14 -1.83 -17.66
N GLN A 808 -36.23 -1.79 -16.32
CA GLN A 808 -37.53 -1.89 -15.67
C GLN A 808 -38.49 -0.77 -16.12
N LEU A 809 -37.97 0.45 -16.21
CA LEU A 809 -38.80 1.61 -16.57
C LEU A 809 -39.18 1.61 -18.06
N THR A 810 -38.17 1.46 -18.93
CA THR A 810 -38.35 1.71 -20.37
C THR A 810 -38.72 0.49 -21.19
N GLU A 811 -38.42 -0.71 -20.68
CA GLU A 811 -38.76 -1.95 -21.37
C GLU A 811 -39.86 -2.75 -20.70
N VAL A 812 -39.72 -3.01 -19.41
CA VAL A 812 -40.68 -3.84 -18.70
C VAL A 812 -42.02 -3.11 -18.56
N TYR A 813 -42.01 -1.94 -17.91
CA TYR A 813 -43.21 -1.08 -17.82
C TYR A 813 -43.42 -0.32 -19.14
N GLY A 814 -42.36 -0.19 -19.93
CA GLY A 814 -42.47 0.31 -21.29
C GLY A 814 -42.83 1.78 -21.39
N VAL A 815 -42.34 2.58 -20.45
CA VAL A 815 -42.56 4.02 -20.44
C VAL A 815 -41.28 4.70 -20.94
N LYS A 816 -41.32 5.25 -22.16
CA LYS A 816 -40.13 5.76 -22.82
C LYS A 816 -40.51 6.82 -23.84
N GLY A 817 -39.54 7.68 -24.13
CA GLY A 817 -39.68 8.66 -25.16
C GLY A 817 -39.47 8.13 -26.57
N ARG A 818 -40.12 8.76 -27.53
CA ARG A 818 -39.83 8.62 -28.96
C ARG A 818 -39.85 10.04 -29.52
N PHE A 819 -38.68 10.57 -29.87
CA PHE A 819 -38.48 11.96 -30.26
C PHE A 819 -39.22 12.96 -29.37
N GLY A 820 -39.25 12.70 -28.07
CA GLY A 820 -39.85 13.59 -27.09
C GLY A 820 -41.32 13.33 -26.78
N ASP A 821 -42.02 12.60 -27.66
CA ASP A 821 -43.37 12.12 -27.36
C ASP A 821 -43.27 10.92 -26.43
N LEU A 822 -44.34 10.66 -25.68
CA LEU A 822 -44.38 9.56 -24.71
C LEU A 822 -44.96 8.33 -25.37
N ARG A 823 -44.20 7.24 -25.34
CA ARG A 823 -44.66 5.95 -25.85
C ARG A 823 -44.88 5.04 -24.65
N LEU A 824 -46.06 4.39 -24.63
CA LEU A 824 -46.42 3.39 -23.64
C LEU A 824 -46.52 2.03 -24.34
N GLU A 825 -45.67 1.08 -23.94
CA GLU A 825 -45.64 -0.27 -24.53
C GLU A 825 -45.35 -1.33 -23.44
N PRO A 826 -46.35 -1.65 -22.60
CA PRO A 826 -46.08 -2.55 -21.48
C PRO A 826 -45.61 -3.93 -21.94
N LYS A 827 -44.61 -4.48 -21.24
CA LYS A 827 -44.17 -5.85 -21.46
C LYS A 827 -44.16 -6.58 -20.12
N LEU A 828 -45.22 -6.34 -19.35
CA LEU A 828 -45.40 -6.95 -18.05
C LEU A 828 -46.02 -8.32 -18.25
N VAL A 829 -45.55 -9.31 -17.53
CA VAL A 829 -46.22 -10.63 -17.51
C VAL A 829 -47.34 -10.62 -16.48
N GLN A 830 -48.25 -11.59 -16.59
CA GLN A 830 -49.46 -11.67 -15.74
C GLN A 830 -49.12 -11.76 -14.26
N ALA A 831 -48.08 -12.51 -13.92
CA ALA A 831 -47.63 -12.61 -12.53
C ALA A 831 -47.20 -11.28 -11.91
N GLN A 832 -46.89 -10.26 -12.72
CA GLN A 832 -46.47 -8.96 -12.19
C GLN A 832 -47.62 -8.07 -11.72
N PHE A 833 -48.86 -8.40 -12.07
CA PHE A 833 -49.99 -7.57 -11.65
C PHE A 833 -50.41 -7.88 -10.22
N ASP A 834 -50.78 -6.86 -9.46
CA ASP A 834 -51.16 -7.02 -8.05
C ASP A 834 -52.57 -7.60 -7.84
N GLY A 835 -52.98 -7.71 -6.58
CA GLY A 835 -54.32 -8.20 -6.21
C GLY A 835 -55.53 -7.46 -6.76
N SER A 836 -55.36 -6.20 -7.15
CA SER A 836 -56.43 -5.45 -7.83
C SER A 836 -56.24 -5.39 -9.34
N GLY A 837 -55.33 -6.22 -9.88
CA GLY A 837 -55.08 -6.30 -11.33
C GLY A 837 -54.30 -5.14 -11.91
N GLU A 838 -53.40 -4.56 -11.11
CA GLU A 838 -52.72 -3.33 -11.48
C GLU A 838 -51.23 -3.46 -11.33
N ALA A 839 -50.50 -2.76 -12.18
CA ALA A 839 -49.07 -2.54 -12.00
C ALA A 839 -48.82 -1.12 -12.40
N ALA A 840 -48.00 -0.42 -11.61
CA ALA A 840 -47.81 1.01 -11.83
C ALA A 840 -46.38 1.44 -11.70
N VAL A 841 -46.02 2.52 -12.40
CA VAL A 841 -44.72 3.16 -12.23
C VAL A 841 -44.91 4.67 -12.15
N GLU A 842 -44.31 5.29 -11.14
CA GLU A 842 -44.26 6.75 -11.05
C GLU A 842 -42.91 7.19 -11.59
N THR A 843 -42.93 8.18 -12.48
CA THR A 843 -41.75 8.57 -13.22
C THR A 843 -41.90 9.99 -13.75
N LEU A 844 -40.77 10.66 -13.92
CA LEU A 844 -40.72 12.01 -14.45
C LEU A 844 -40.67 11.95 -15.99
N PHE A 845 -41.57 12.66 -16.67
CA PHE A 845 -41.47 12.82 -18.13
C PHE A 845 -41.83 14.22 -18.60
N ALA A 846 -40.95 14.78 -19.44
CA ALA A 846 -41.11 16.14 -19.98
C ALA A 846 -41.41 17.16 -18.86
N GLY A 847 -40.67 17.03 -17.76
CA GLY A 847 -40.82 17.89 -16.59
C GLY A 847 -42.07 17.71 -15.73
N ARG A 848 -42.74 16.56 -15.82
CA ARG A 848 -43.95 16.29 -15.01
C ARG A 848 -43.89 14.91 -14.37
N MET A 849 -44.36 14.77 -13.13
CA MET A 849 -44.49 13.44 -12.48
C MET A 849 -45.77 12.74 -12.95
N LEU A 850 -45.60 11.58 -13.59
CA LEU A 850 -46.68 10.73 -14.04
C LEU A 850 -46.71 9.45 -13.22
N ARG A 851 -47.90 9.00 -12.87
CA ARG A 851 -48.15 7.65 -12.36
C ARG A 851 -48.85 6.88 -13.48
N VAL A 852 -48.09 6.07 -14.20
CA VAL A 852 -48.63 5.24 -15.27
C VAL A 852 -49.14 3.95 -14.64
N VAL A 853 -50.47 3.77 -14.67
CA VAL A 853 -51.10 2.60 -14.07
C VAL A 853 -51.66 1.68 -15.18
N TYR A 854 -51.15 0.46 -15.26
CA TYR A 854 -51.64 -0.53 -16.18
C TYR A 854 -52.67 -1.42 -15.46
N ARG A 855 -53.88 -1.45 -15.99
CA ARG A 855 -54.97 -2.32 -15.47
C ARG A 855 -55.15 -3.52 -16.40
N ASN A 856 -55.12 -4.71 -15.81
CA ASN A 856 -55.27 -5.96 -16.56
C ASN A 856 -56.39 -6.76 -15.89
N PRO A 857 -57.63 -6.23 -15.93
CA PRO A 857 -58.74 -6.86 -15.22
C PRO A 857 -59.10 -8.26 -15.74
N GLN A 858 -58.84 -8.52 -17.02
CA GLN A 858 -59.04 -9.84 -17.61
C GLN A 858 -57.87 -10.81 -17.31
N ALA A 859 -56.85 -10.33 -16.61
CA ALA A 859 -55.69 -11.14 -16.22
C ALA A 859 -55.05 -11.86 -17.42
N ALA A 860 -54.93 -11.13 -18.53
CA ALA A 860 -54.28 -11.66 -19.73
C ALA A 860 -52.75 -11.70 -19.58
N GLU A 861 -52.15 -12.76 -20.11
CA GLU A 861 -50.70 -12.88 -20.21
C GLU A 861 -50.15 -11.92 -21.29
N HIS A 862 -48.87 -11.53 -21.20
CA HIS A 862 -48.24 -10.75 -22.29
C HIS A 862 -48.35 -11.55 -23.58
N GLY A 863 -48.62 -10.85 -24.68
CA GLY A 863 -48.96 -11.50 -25.96
C GLY A 863 -50.45 -11.72 -26.19
N GLN A 864 -51.22 -11.82 -25.11
N GLN A 864 -51.22 -11.82 -25.11
CA GLN A 864 -52.68 -11.93 -25.19
CA GLN A 864 -52.68 -11.93 -25.19
C GLN A 864 -53.38 -10.59 -24.89
C GLN A 864 -53.38 -10.59 -24.89
N TYR A 865 -52.63 -9.54 -24.56
CA TYR A 865 -53.25 -8.21 -24.29
C TYR A 865 -52.85 -7.11 -25.25
N ARG A 866 -53.71 -6.09 -25.30
CA ARG A 866 -53.50 -4.88 -26.08
C ARG A 866 -54.03 -3.71 -25.25
N VAL A 867 -53.72 -2.49 -25.68
CA VAL A 867 -54.24 -1.29 -25.02
C VAL A 867 -55.68 -0.99 -25.47
N ASP A 868 -56.63 -1.03 -24.54
CA ASP A 868 -58.07 -0.74 -24.85
C ASP A 868 -58.43 0.74 -24.71
N SER A 869 -57.84 1.43 -23.74
CA SER A 869 -58.01 2.88 -23.59
C SER A 869 -56.99 3.48 -22.64
N VAL A 870 -56.82 4.81 -22.77
CA VAL A 870 -55.89 5.59 -21.95
C VAL A 870 -56.60 6.85 -21.48
N SER A 871 -56.57 7.12 -20.19
CA SER A 871 -57.10 8.38 -19.63
C SER A 871 -56.01 9.13 -18.86
N LEU A 872 -56.09 10.45 -18.85
CA LEU A 872 -55.07 11.32 -18.24
C LEU A 872 -55.74 12.38 -17.38
N ASN A 873 -55.52 12.32 -16.06
CA ASN A 873 -56.17 13.20 -15.07
C ASN A 873 -57.72 13.26 -15.19
N GLY A 874 -58.33 12.12 -15.57
CA GLY A 874 -59.81 12.04 -15.74
C GLY A 874 -60.39 12.51 -17.08
N GLN A 875 -59.57 12.56 -18.12
CA GLN A 875 -60.01 12.85 -19.50
C GLN A 875 -59.43 11.81 -20.46
N SER A 876 -60.13 11.56 -21.56
CA SER A 876 -59.76 10.57 -22.57
C SER A 876 -58.59 11.07 -23.43
N VAL A 877 -57.65 10.17 -23.77
CA VAL A 877 -56.44 10.52 -24.56
C VAL A 877 -56.41 9.82 -25.92
N ASP A 878 -56.06 10.55 -26.98
CA ASP A 878 -55.89 10.00 -28.33
C ASP A 878 -54.52 9.36 -28.46
N CYS A 879 -54.37 8.41 -29.40
CA CYS A 879 -53.06 7.77 -29.67
C CYS A 879 -52.68 7.73 -31.14
N CYS A 886 -48.39 2.47 -28.00
CA CYS A 886 -49.33 3.59 -27.96
C CYS A 886 -48.60 4.91 -27.62
N LEU A 887 -48.93 5.98 -28.35
CA LEU A 887 -48.06 7.18 -28.44
C LEU A 887 -48.82 8.47 -28.09
N ILE A 888 -48.32 9.20 -27.08
CA ILE A 888 -48.95 10.44 -26.59
C ILE A 888 -48.07 11.65 -26.91
N GLY A 889 -48.63 12.65 -27.60
CA GLY A 889 -47.87 13.86 -27.95
C GLY A 889 -47.34 14.62 -26.74
N ARG A 890 -46.14 15.17 -26.85
CA ARG A 890 -45.47 15.82 -25.70
C ARG A 890 -46.26 17.02 -25.14
N SER A 891 -46.99 17.75 -26.00
CA SER A 891 -47.81 18.88 -25.59
C SER A 891 -48.84 18.55 -24.51
N LEU A 892 -49.44 17.36 -24.61
CA LEU A 892 -50.47 16.93 -23.65
C LEU A 892 -49.88 16.72 -22.24
N ILE A 893 -48.63 16.27 -22.18
CA ILE A 893 -47.95 16.11 -20.90
C ILE A 893 -47.56 17.49 -20.37
N GLU A 894 -47.00 18.33 -21.23
CA GLU A 894 -46.55 19.70 -20.87
C GLU A 894 -47.68 20.62 -20.41
N ALA A 895 -48.88 20.43 -20.94
CA ALA A 895 -50.06 21.20 -20.50
C ALA A 895 -50.54 20.86 -19.08
N LEU A 896 -50.08 19.75 -18.50
CA LEU A 896 -50.42 19.40 -17.10
C LEU A 896 -49.79 20.39 -16.11
N PRO A 897 -50.42 20.58 -14.92
CA PRO A 897 -49.81 21.39 -13.86
C PRO A 897 -48.44 20.89 -13.41
N ALA A 898 -47.59 21.81 -12.96
CA ALA A 898 -46.23 21.49 -12.52
C ALA A 898 -46.22 20.65 -11.23
N ASP A 899 -46.99 21.06 -10.23
CA ASP A 899 -47.05 20.34 -8.95
C ASP A 899 -47.94 19.10 -9.05
N GLY A 900 -47.60 18.09 -8.25
CA GLY A 900 -48.42 16.90 -8.09
C GLY A 900 -48.01 15.75 -9.00
N VAL A 901 -48.58 14.58 -8.72
CA VAL A 901 -48.41 13.39 -9.54
C VAL A 901 -49.70 13.20 -10.35
N HIS A 902 -49.57 13.14 -11.68
CA HIS A 902 -50.70 13.02 -12.59
C HIS A 902 -50.89 11.55 -13.02
N GLU A 903 -52.09 11.03 -12.78
CA GLU A 903 -52.38 9.62 -13.00
C GLU A 903 -52.74 9.38 -14.46
N LEU A 904 -52.09 8.40 -15.08
CA LEU A 904 -52.30 8.02 -16.48
C LEU A 904 -52.73 6.55 -16.47
N ILE A 905 -54.00 6.28 -16.74
CA ILE A 905 -54.55 4.94 -16.60
C ILE A 905 -54.66 4.26 -17.96
N VAL A 906 -53.89 3.19 -18.15
CA VAL A 906 -53.90 2.43 -19.38
C VAL A 906 -54.65 1.13 -19.10
N THR A 907 -55.80 0.96 -19.76
CA THR A 907 -56.63 -0.21 -19.55
C THR A 907 -56.30 -1.25 -20.63
N LEU A 908 -55.84 -2.42 -20.19
CA LEU A 908 -55.52 -3.55 -21.09
C LEU A 908 -56.69 -4.54 -21.25
N GLY A 909 -56.94 -4.95 -22.49
CA GLY A 909 -57.93 -6.01 -22.79
C GLY A 909 -57.39 -7.05 -23.74
N ARG A 910 -58.15 -8.13 -23.92
CA ARG A 910 -57.72 -9.28 -24.73
C ARG A 910 -57.77 -9.01 -26.24
N ASN A 911 -56.97 -9.75 -27.00
CA ASN A 911 -57.02 -9.72 -28.48
C ASN A 911 -58.23 -10.43 -29.04
N ILE A 912 -58.60 -10.04 -30.26
CA ILE A 912 -59.60 -10.71 -31.08
C ILE A 912 -58.97 -11.87 -31.88
N SER A 913 -59.80 -12.89 -32.10
CA SER A 913 -59.76 -13.85 -33.24
C SER A 913 -59.85 -15.30 -32.75
N LYS B 6 9.72 -5.14 35.02
CA LYS B 6 10.55 -6.38 34.88
C LYS B 6 10.97 -6.58 33.43
N GLY B 7 12.24 -6.25 33.17
CA GLY B 7 12.83 -6.45 31.86
C GLY B 7 13.30 -7.88 31.63
N TRP B 8 13.94 -8.07 30.49
CA TRP B 8 14.59 -9.32 30.18
C TRP B 8 15.81 -9.54 31.08
N LYS B 9 16.19 -10.80 31.26
CA LYS B 9 17.36 -11.18 32.05
C LYS B 9 18.17 -12.17 31.24
N PHE B 10 19.49 -11.96 31.13
CA PHE B 10 20.34 -12.95 30.51
C PHE B 10 20.38 -14.25 31.34
N GLN B 11 20.50 -15.37 30.65
CA GLN B 11 20.64 -16.71 31.27
C GLN B 11 21.83 -17.37 30.63
N GLY B 12 22.70 -17.95 31.46
CA GLY B 12 23.94 -18.54 30.97
C GLY B 12 24.86 -17.47 30.43
N GLU B 13 25.87 -17.88 29.65
CA GLU B 13 26.97 -17.01 29.24
C GLU B 13 27.15 -16.88 27.73
N GLN B 14 26.17 -17.30 26.94
N GLN B 14 26.14 -17.32 26.98
CA GLN B 14 26.24 -17.18 25.49
CA GLN B 14 26.13 -17.30 25.51
C GLN B 14 25.22 -16.20 24.93
C GLN B 14 25.26 -16.17 24.94
N GLY B 15 24.51 -15.48 25.79
CA GLY B 15 23.65 -14.37 25.36
C GLY B 15 22.17 -14.68 25.33
N GLU B 16 21.81 -15.90 25.70
CA GLU B 16 20.40 -16.25 25.85
C GLU B 16 19.73 -15.36 26.91
N PHE B 17 18.48 -14.97 26.65
CA PHE B 17 17.71 -14.17 27.59
C PHE B 17 16.30 -14.69 27.73
N ARG B 18 15.64 -14.27 28.81
CA ARG B 18 14.26 -14.57 29.11
C ARG B 18 13.55 -13.31 29.53
N LEU B 19 12.29 -13.17 29.10
CA LEU B 19 11.39 -12.09 29.49
C LEU B 19 10.05 -12.69 29.94
N GLU B 20 9.65 -12.42 31.18
CA GLU B 20 8.33 -12.84 31.70
C GLU B 20 7.23 -11.90 31.22
N GLN B 21 6.02 -12.44 31.05
CA GLN B 21 4.84 -11.69 30.57
C GLN B 21 5.17 -10.78 29.38
N PRO B 22 5.80 -11.35 28.34
CA PRO B 22 6.33 -10.54 27.25
C PRO B 22 5.28 -9.79 26.47
N GLU B 23 4.07 -10.34 26.35
CA GLU B 23 3.02 -9.65 25.60
C GLU B 23 2.44 -8.46 26.36
N HIS B 24 2.88 -8.21 27.60
CA HIS B 24 2.51 -6.97 28.33
C HIS B 24 3.29 -5.72 27.81
N ASN B 25 3.97 -5.84 26.67
CA ASN B 25 4.77 -4.80 26.06
C ASN B 25 4.36 -4.67 24.60
N SER B 26 4.04 -3.46 24.15
CA SER B 26 3.65 -3.26 22.78
C SER B 26 4.87 -3.30 21.87
N TYR B 27 4.63 -3.75 20.64
CA TYR B 27 5.57 -3.62 19.53
C TYR B 27 6.82 -4.51 19.55
N LEU B 28 6.97 -5.42 20.51
CA LEU B 28 8.14 -6.29 20.53
C LEU B 28 8.19 -7.26 19.35
N TYR B 29 9.37 -7.43 18.77
CA TYR B 29 9.59 -8.52 17.81
C TYR B 29 11.05 -8.93 17.76
N PHE B 30 11.27 -10.14 17.24
CA PHE B 30 12.55 -10.83 17.24
C PHE B 30 12.83 -11.34 15.83
N PRO B 31 14.08 -11.27 15.36
CA PRO B 31 14.37 -11.63 13.98
C PRO B 31 14.83 -13.09 13.82
N LEU B 32 14.36 -13.74 12.75
CA LEU B 32 14.81 -15.09 12.35
C LEU B 32 15.08 -15.03 10.86
N VAL B 33 16.28 -15.41 10.45
CA VAL B 33 16.72 -15.20 9.07
C VAL B 33 17.83 -16.17 8.68
N ASN B 34 17.93 -16.47 7.39
CA ASN B 34 19.09 -17.20 6.85
C ASN B 34 19.65 -16.59 5.57
N GLU B 35 20.79 -17.11 5.15
CA GLU B 35 21.47 -16.65 3.93
C GLU B 35 20.67 -17.01 2.68
N ALA B 36 19.92 -18.09 2.74
CA ALA B 36 19.10 -18.53 1.60
C ALA B 36 18.04 -17.49 1.23
N GLY B 37 17.64 -16.66 2.20
CA GLY B 37 16.75 -15.54 1.97
C GLY B 37 15.38 -15.61 2.64
N MET B 38 15.17 -16.50 3.60
CA MET B 38 13.94 -16.43 4.42
C MET B 38 14.14 -15.33 5.49
N MET B 39 13.23 -14.38 5.53
CA MET B 39 13.30 -13.24 6.44
C MET B 39 12.02 -13.14 7.24
N SER B 40 12.12 -13.35 8.57
CA SER B 40 10.94 -13.36 9.43
C SER B 40 11.12 -12.47 10.66
N ALA B 41 9.98 -12.12 11.22
CA ALA B 41 9.89 -11.47 12.51
C ALA B 41 8.84 -12.20 13.31
N VAL B 42 9.11 -12.36 14.61
CA VAL B 42 8.18 -13.06 15.50
C VAL B 42 7.99 -12.24 16.80
N THR B 43 6.74 -12.04 17.19
CA THR B 43 6.38 -11.31 18.40
C THR B 43 6.07 -12.31 19.50
N PRO B 44 5.81 -11.81 20.73
CA PRO B 44 5.49 -12.72 21.82
C PRO B 44 4.19 -13.55 21.64
N ASN B 45 3.26 -13.11 20.79
CA ASN B 45 2.04 -13.89 20.51
C ASN B 45 2.12 -14.60 19.13
N LEU B 46 3.33 -14.62 18.54
CA LEU B 46 3.68 -15.25 17.27
C LEU B 46 3.22 -14.49 16.02
N HIS B 47 2.91 -13.21 16.20
CA HIS B 47 2.68 -12.33 15.06
C HIS B 47 4.02 -11.97 14.45
N GLY B 48 3.98 -11.15 13.41
CA GLY B 48 5.19 -10.67 12.72
C GLY B 48 4.95 -10.78 11.23
N GLU B 49 5.92 -11.31 10.51
CA GLU B 49 5.81 -11.46 9.07
C GLU B 49 6.86 -12.47 8.61
N ILE B 50 6.66 -12.98 7.41
CA ILE B 50 7.52 -13.99 6.82
C ILE B 50 7.57 -13.64 5.36
N THR B 51 8.76 -13.45 4.82
CA THR B 51 8.89 -13.07 3.44
C THR B 51 10.25 -13.42 2.87
N SER B 52 10.32 -13.52 1.54
CA SER B 52 11.60 -13.60 0.86
C SER B 52 11.87 -12.37 0.03
N GLY B 53 11.05 -11.33 0.11
CA GLY B 53 11.29 -10.16 -0.74
C GLY B 53 10.05 -9.33 -0.85
N HIS B 54 10.18 -8.16 -1.46
CA HIS B 54 9.05 -7.24 -1.55
C HIS B 54 7.82 -7.85 -2.25
N ASN B 55 8.09 -8.69 -3.24
CA ASN B 55 7.02 -9.29 -4.04
C ASN B 55 6.57 -10.66 -3.59
N THR B 56 7.22 -11.22 -2.55
CA THR B 56 6.99 -12.60 -2.13
C THR B 56 6.84 -12.79 -0.64
N PHE B 57 5.79 -12.20 -0.10
CA PHE B 57 5.41 -12.33 1.31
C PHE B 57 4.56 -13.57 1.55
N LEU B 58 5.00 -14.44 2.46
CA LEU B 58 4.21 -15.60 2.81
C LEU B 58 3.08 -15.21 3.77
N MET B 59 3.43 -14.45 4.78
CA MET B 59 2.45 -13.81 5.68
C MET B 59 2.27 -12.35 5.29
N GLU B 60 1.14 -11.75 5.70
CA GLU B 60 0.79 -10.38 5.30
C GLU B 60 1.87 -9.40 5.71
N PRO B 61 2.21 -8.45 4.84
CA PRO B 61 3.14 -7.38 5.21
C PRO B 61 2.56 -6.57 6.39
N VAL B 62 3.39 -6.23 7.36
CA VAL B 62 2.94 -5.48 8.52
C VAL B 62 3.78 -4.23 8.71
N SER B 63 3.24 -3.31 9.51
CA SER B 63 4.03 -2.26 10.15
C SER B 63 3.84 -2.44 11.63
N ALA B 64 4.31 -1.49 12.43
CA ALA B 64 4.25 -1.60 13.90
C ALA B 64 2.82 -1.74 14.45
N GLU B 65 1.87 -0.95 13.97
CA GLU B 65 0.51 -0.99 14.53
C GLU B 65 -0.18 -2.34 14.28
N SER B 66 0.17 -3.02 13.18
CA SER B 66 -0.35 -4.35 12.90
C SER B 66 -0.10 -5.36 14.02
N LEU B 67 0.98 -5.18 14.77
CA LEU B 67 1.38 -6.18 15.75
C LEU B 67 0.34 -6.34 16.87
N HIS B 68 -0.41 -5.29 17.14
CA HIS B 68 -1.58 -5.37 18.02
C HIS B 68 -2.92 -5.40 17.27
N ASN B 69 -3.02 -4.71 16.13
CA ASN B 69 -4.28 -4.49 15.49
C ASN B 69 -4.78 -5.63 14.57
N SER B 70 -3.86 -6.42 14.05
CA SER B 70 -4.21 -7.55 13.18
C SER B 70 -4.28 -8.81 13.98
N LYS B 71 -5.30 -9.62 13.73
CA LYS B 71 -5.51 -10.88 14.43
C LYS B 71 -4.72 -12.03 13.83
N ALA B 72 -4.08 -11.79 12.68
CA ALA B 72 -3.48 -12.84 11.88
C ALA B 72 -2.05 -13.21 12.27
N SER B 73 -1.86 -13.58 13.54
CA SER B 73 -0.57 -14.11 13.97
C SER B 73 -0.42 -15.55 13.43
N ARG B 74 0.80 -16.06 13.46
CA ARG B 74 0.98 -17.51 13.44
C ARG B 74 0.19 -17.99 14.63
N ASN B 75 -0.41 -19.17 14.51
CA ASN B 75 -1.15 -19.66 15.67
C ASN B 75 -1.09 -21.17 15.69
N PHE B 76 -1.31 -21.70 16.88
CA PHE B 76 -1.49 -23.10 17.07
C PHE B 76 -2.53 -23.23 18.16
N TRP B 77 -3.56 -23.97 17.85
CA TRP B 77 -4.74 -24.10 18.69
C TRP B 77 -4.83 -25.46 19.29
N VAL B 78 -5.38 -25.51 20.49
CA VAL B 78 -5.74 -26.75 21.12
C VAL B 78 -7.17 -26.60 21.59
N PHE B 79 -8.04 -27.52 21.16
CA PHE B 79 -9.38 -27.59 21.71
C PHE B 79 -9.30 -28.58 22.86
N ILE B 80 -9.41 -28.06 24.07
CA ILE B 80 -9.23 -28.83 25.28
C ILE B 80 -10.59 -29.29 25.79
N GLU B 81 -10.78 -30.60 25.95
CA GLU B 81 -12.06 -31.10 26.49
C GLU B 81 -12.30 -30.50 27.88
N GLY B 82 -13.50 -29.96 28.11
CA GLY B 82 -13.85 -29.27 29.37
C GLY B 82 -13.48 -27.78 29.43
N TYR B 83 -12.78 -27.28 28.42
CA TYR B 83 -12.30 -25.90 28.40
C TYR B 83 -12.63 -25.23 27.06
N GLY B 84 -12.32 -25.88 25.94
CA GLY B 84 -12.58 -25.36 24.62
C GLY B 84 -11.32 -24.86 23.93
N ALA B 85 -11.47 -23.89 23.05
CA ALA B 85 -10.39 -23.40 22.22
C ALA B 85 -9.36 -22.61 23.05
N TRP B 86 -8.08 -22.82 22.74
CA TRP B 86 -6.97 -22.18 23.45
C TRP B 86 -5.77 -22.05 22.52
N SER B 87 -5.19 -20.85 22.48
CA SER B 87 -4.04 -20.54 21.64
C SER B 87 -2.77 -20.71 22.46
N VAL B 88 -1.81 -21.44 21.90
CA VAL B 88 -0.55 -21.66 22.62
C VAL B 88 0.29 -20.39 22.85
N SER B 89 0.00 -19.33 22.10
CA SER B 89 0.68 -18.04 22.21
C SER B 89 -0.18 -16.97 22.89
N GLY B 90 -1.38 -17.35 23.35
CA GLY B 90 -2.31 -16.42 23.90
C GLY B 90 -3.09 -15.55 22.91
N ASN B 91 -2.96 -15.80 21.61
CA ASN B 91 -3.71 -15.02 20.67
C ASN B 91 -5.07 -15.66 20.34
N SER B 92 -5.96 -15.58 21.30
CA SER B 92 -7.37 -15.89 21.08
C SER B 92 -8.17 -14.78 21.71
N ALA B 93 -9.38 -14.57 21.20
CA ALA B 93 -10.26 -13.56 21.76
C ALA B 93 -10.48 -13.79 23.23
N ARG B 94 -10.61 -15.05 23.65
CA ARG B 94 -10.84 -15.38 25.03
C ARG B 94 -9.65 -15.01 25.91
N GLN B 95 -8.46 -15.42 25.49
CA GLN B 95 -7.25 -15.12 26.25
C GLN B 95 -6.92 -13.63 26.25
N ASN B 96 -7.12 -12.96 25.12
CA ASN B 96 -6.89 -11.49 25.07
C ASN B 96 -7.81 -10.73 26.00
N ALA B 97 -9.04 -11.22 26.18
CA ALA B 97 -10.01 -10.61 27.09
C ALA B 97 -9.60 -10.60 28.58
N ALA B 98 -8.59 -11.40 28.94
CA ALA B 98 -8.02 -11.41 30.28
C ALA B 98 -6.99 -10.29 30.49
N ARG B 99 -6.47 -9.71 29.41
CA ARG B 99 -5.53 -8.60 29.56
C ARG B 99 -6.15 -7.43 30.37
N PHE B 100 -5.34 -6.92 31.29
CA PHE B 100 -5.70 -5.82 32.20
C PHE B 100 -6.74 -6.16 33.26
N THR B 101 -7.06 -7.44 33.46
CA THR B 101 -8.03 -7.84 34.50
C THR B 101 -7.33 -8.51 35.68
N GLY B 102 -6.00 -8.63 35.64
CA GLY B 102 -5.23 -9.35 36.64
C GLY B 102 -5.44 -10.87 36.62
N GLU B 103 -6.04 -11.40 35.54
CA GLU B 103 -6.29 -12.85 35.38
C GLU B 103 -5.47 -13.47 34.25
N GLU B 104 -4.42 -12.78 33.80
CA GLU B 104 -3.64 -13.23 32.65
C GLU B 104 -2.93 -14.53 32.98
N GLU B 105 -2.80 -15.37 31.96
CA GLU B 105 -2.01 -16.59 32.08
C GLU B 105 -0.52 -16.24 32.17
N ARG B 106 0.22 -17.10 32.83
CA ARG B 106 1.67 -16.96 32.91
C ARG B 106 2.28 -17.33 31.56
N SER B 107 3.19 -16.48 31.10
CA SER B 107 3.83 -16.61 29.82
C SER B 107 5.27 -16.11 29.89
N ALA B 108 6.06 -16.52 28.91
CA ALA B 108 7.44 -16.04 28.78
C ALA B 108 7.97 -16.19 27.36
N VAL B 109 8.94 -15.33 27.02
CA VAL B 109 9.75 -15.46 25.83
C VAL B 109 11.16 -15.81 26.31
N GLU B 110 11.80 -16.79 25.65
CA GLU B 110 13.22 -17.02 25.77
C GLU B 110 13.78 -16.97 24.34
N ALA B 111 15.00 -16.45 24.19
CA ALA B 111 15.62 -16.42 22.87
C ALA B 111 17.13 -16.47 22.93
N GLY B 112 17.70 -16.87 21.82
CA GLY B 112 19.15 -17.02 21.69
C GLY B 112 19.53 -16.90 20.24
N PHE B 113 20.74 -17.34 19.93
CA PHE B 113 21.29 -17.18 18.58
C PHE B 113 21.06 -18.48 17.77
N LEU B 114 20.14 -18.54 16.80
CA LEU B 114 19.10 -17.53 16.49
C LEU B 114 17.75 -18.24 16.48
N TRP B 115 17.04 -18.14 17.59
CA TRP B 115 15.84 -18.91 17.85
C TRP B 115 15.04 -18.20 18.92
N HIS B 116 13.76 -18.56 19.03
CA HIS B 116 12.79 -17.86 19.86
C HIS B 116 11.82 -18.89 20.43
N ALA B 117 11.45 -18.73 21.70
CA ALA B 117 10.56 -19.67 22.35
C ALA B 117 9.49 -18.95 23.15
N VAL B 118 8.23 -19.26 22.90
CA VAL B 118 7.11 -18.71 23.67
C VAL B 118 6.52 -19.81 24.54
N THR B 119 6.35 -19.55 25.83
CA THR B 119 5.76 -20.50 26.76
C THR B 119 4.48 -19.89 27.31
N ARG B 120 3.51 -20.75 27.62
CA ARG B 120 2.27 -20.35 28.23
C ARG B 120 1.68 -21.47 29.06
N GLU B 121 0.96 -21.11 30.12
CA GLU B 121 0.36 -22.08 31.04
C GLU B 121 -1.14 -21.81 31.18
N ASN B 122 -1.94 -22.84 30.94
CA ASN B 122 -3.37 -22.81 31.26
C ASN B 122 -3.51 -23.51 32.60
N GLU B 123 -3.64 -22.73 33.66
CA GLU B 123 -3.80 -23.25 35.02
C GLU B 123 -5.15 -23.94 35.23
N LYS B 124 -6.21 -23.42 34.59
CA LYS B 124 -7.55 -24.03 34.69
C LYS B 124 -7.59 -25.47 34.15
N ALA B 125 -7.01 -25.68 32.98
CA ALA B 125 -7.04 -26.98 32.32
C ALA B 125 -5.88 -27.88 32.74
N GLY B 126 -4.82 -27.28 33.28
CA GLY B 126 -3.60 -28.01 33.60
C GLY B 126 -2.82 -28.37 32.34
N LEU B 127 -2.57 -27.38 31.50
CA LEU B 127 -1.84 -27.57 30.24
C LEU B 127 -0.79 -26.47 30.09
N LYS B 128 0.41 -26.86 29.66
CA LYS B 128 1.50 -25.93 29.38
C LYS B 128 1.89 -26.12 27.92
N ALA B 129 2.30 -25.04 27.26
CA ALA B 129 2.80 -25.11 25.89
C ALA B 129 4.12 -24.36 25.75
N ARG B 130 4.98 -24.87 24.86
CA ARG B 130 6.23 -24.21 24.52
C ARG B 130 6.38 -24.26 23.01
N THR B 131 6.51 -23.09 22.37
CA THR B 131 6.58 -23.01 20.93
C THR B 131 7.91 -22.39 20.51
N VAL B 132 8.74 -23.18 19.82
CA VAL B 132 10.08 -22.77 19.41
C VAL B 132 10.08 -22.48 17.89
N SER B 133 10.50 -21.26 17.52
CA SER B 133 10.60 -20.81 16.13
C SER B 133 12.08 -20.58 15.79
N PHE B 134 12.50 -21.07 14.62
CA PHE B 134 13.76 -20.69 14.05
C PHE B 134 13.76 -20.90 12.52
N VAL B 135 14.70 -20.21 11.85
CA VAL B 135 14.97 -20.41 10.43
C VAL B 135 16.20 -21.31 10.36
N PRO B 136 16.04 -22.53 9.81
CA PRO B 136 17.22 -23.36 9.61
C PRO B 136 18.27 -22.68 8.74
N VAL B 137 19.53 -23.08 8.93
CA VAL B 137 20.65 -22.55 8.17
C VAL B 137 20.98 -23.44 6.97
N THR B 138 19.96 -24.10 6.42
CA THR B 138 20.06 -24.88 5.17
C THR B 138 19.86 -23.95 3.96
N ASP B 139 19.93 -24.51 2.76
CA ASP B 139 19.75 -23.74 1.51
C ASP B 139 18.29 -23.49 1.07
N ASP B 140 17.31 -23.68 1.96
CA ASP B 140 15.91 -23.51 1.65
C ASP B 140 15.40 -22.25 2.32
N LYS B 141 14.37 -21.64 1.74
CA LYS B 141 13.68 -20.53 2.38
C LYS B 141 12.55 -21.12 3.22
N ILE B 142 12.86 -21.33 4.49
CA ILE B 142 11.96 -22.06 5.38
C ILE B 142 12.10 -21.55 6.83
N GLU B 143 10.96 -21.46 7.51
CA GLU B 143 10.87 -21.25 8.93
C GLU B 143 10.19 -22.48 9.53
N LEU B 144 10.72 -22.94 10.65
CA LEU B 144 10.14 -24.07 11.41
C LEU B 144 9.56 -23.62 12.75
N MET B 145 8.54 -24.31 13.19
CA MET B 145 7.89 -24.09 14.47
C MET B 145 7.69 -25.44 15.12
N ARG B 146 8.07 -25.60 16.38
CA ARG B 146 7.72 -26.78 17.15
C ARG B 146 6.90 -26.39 18.37
N VAL B 147 5.72 -26.98 18.48
CA VAL B 147 4.85 -26.77 19.62
C VAL B 147 4.89 -28.02 20.47
N THR B 148 5.23 -27.88 21.75
CA THR B 148 5.22 -28.99 22.69
C THR B 148 4.16 -28.70 23.75
N LEU B 149 3.22 -29.64 23.91
CA LEU B 149 2.12 -29.54 24.87
C LEU B 149 2.40 -30.49 26.00
N THR B 150 2.21 -30.03 27.25
CA THR B 150 2.50 -30.85 28.42
C THR B 150 1.32 -30.80 29.40
N ASN B 151 0.87 -31.96 29.86
CA ASN B 151 -0.17 -32.06 30.85
C ASN B 151 0.47 -31.88 32.25
N THR B 152 0.18 -30.74 32.88
CA THR B 152 0.65 -30.42 34.26
C THR B 152 -0.35 -30.78 35.35
N GLY B 153 -1.53 -31.30 34.99
CA GLY B 153 -2.56 -31.73 35.96
C GLY B 153 -2.49 -33.18 36.39
N ASN B 154 -3.57 -33.63 37.06
CA ASN B 154 -3.66 -34.94 37.72
C ASN B 154 -4.32 -36.05 36.91
N ALA B 155 -5.12 -35.69 35.91
CA ALA B 155 -5.85 -36.66 35.09
C ALA B 155 -5.51 -36.48 33.61
N PRO B 156 -5.76 -37.53 32.79
CA PRO B 156 -5.54 -37.41 31.34
C PRO B 156 -6.28 -36.21 30.72
N LEU B 157 -5.66 -35.54 29.76
CA LEU B 157 -6.29 -34.48 28.96
C LEU B 157 -6.55 -34.96 27.54
N LYS B 158 -7.75 -34.67 27.01
CA LYS B 158 -8.06 -34.96 25.61
C LYS B 158 -8.01 -33.65 24.83
N LEU B 159 -7.18 -33.64 23.79
CA LEU B 159 -6.83 -32.42 23.07
C LEU B 159 -6.96 -32.65 21.58
N THR B 160 -7.50 -31.67 20.88
CA THR B 160 -7.54 -31.63 19.41
C THR B 160 -6.69 -30.46 18.92
N PRO B 161 -5.54 -30.73 18.27
CA PRO B 161 -4.65 -29.63 17.84
C PRO B 161 -4.87 -29.16 16.41
N THR B 162 -4.73 -27.84 16.20
CA THR B 162 -4.84 -27.25 14.87
C THR B 162 -3.79 -26.18 14.69
N ALA B 163 -2.86 -26.37 13.78
CA ALA B 163 -1.91 -25.32 13.42
C ALA B 163 -2.64 -24.39 12.46
N ALA B 164 -2.34 -23.09 12.52
CA ALA B 164 -2.96 -22.12 11.61
C ALA B 164 -2.02 -20.96 11.30
N ILE B 165 -1.38 -21.04 10.15
CA ILE B 165 -0.52 -19.99 9.64
C ILE B 165 -1.27 -19.25 8.53
N PRO B 166 -1.71 -18.01 8.79
CA PRO B 166 -2.45 -17.29 7.73
C PRO B 166 -1.53 -16.93 6.61
N LEU B 167 -2.00 -17.15 5.39
CA LEU B 167 -1.19 -16.96 4.20
C LEU B 167 -1.63 -15.71 3.45
N TYR B 168 -0.66 -15.14 2.76
CA TYR B 168 -0.87 -13.95 1.93
C TYR B 168 -0.39 -14.30 0.54
N GLY B 169 0.90 -14.60 0.39
CA GLY B 169 1.40 -15.26 -0.80
C GLY B 169 1.44 -14.41 -2.06
N ARG B 170 1.84 -13.14 -1.89
CA ARG B 170 1.99 -12.26 -3.03
C ARG B 170 2.75 -10.97 -2.63
N SER B 171 2.74 -9.97 -3.51
CA SER B 171 3.47 -8.74 -3.28
C SER B 171 2.85 -7.85 -2.22
N ALA B 172 3.71 -7.18 -1.46
CA ALA B 172 3.27 -6.09 -0.59
C ALA B 172 2.50 -5.01 -1.33
N ASP B 173 2.72 -4.86 -2.65
CA ASP B 173 1.92 -3.90 -3.43
C ASP B 173 0.41 -4.18 -3.33
N ASP B 174 0.02 -5.43 -3.07
CA ASP B 174 -1.40 -5.82 -3.04
C ASP B 174 -2.03 -5.70 -1.66
N LEU B 175 -1.35 -5.07 -0.70
CA LEU B 175 -1.83 -5.09 0.69
C LEU B 175 -3.27 -4.63 0.77
N ARG B 176 -3.56 -3.49 0.15
CA ARG B 176 -4.93 -3.04 -0.03
C ARG B 176 -5.27 -2.90 -1.52
N ASP B 177 -4.40 -2.24 -2.28
CA ASP B 177 -4.60 -1.93 -3.70
C ASP B 177 -4.76 -3.25 -4.47
N HIS B 178 -5.98 -3.54 -4.94
CA HIS B 178 -6.29 -4.83 -5.58
C HIS B 178 -6.08 -6.01 -4.66
N ARG B 179 -6.22 -5.81 -3.35
CA ARG B 179 -6.09 -6.92 -2.39
C ARG B 179 -7.13 -8.01 -2.73
N HIS B 180 -8.38 -7.60 -2.90
CA HIS B 180 -9.42 -8.58 -3.14
C HIS B 180 -9.30 -9.24 -4.53
N VAL B 181 -9.15 -8.41 -5.56
CA VAL B 181 -8.95 -8.90 -6.91
C VAL B 181 -7.82 -9.92 -6.97
N THR B 182 -6.71 -9.69 -6.28
CA THR B 182 -5.57 -10.60 -6.40
C THR B 182 -5.84 -11.89 -5.64
N SER B 183 -6.75 -11.88 -4.67
CA SER B 183 -7.16 -13.14 -4.01
C SER B 183 -7.81 -14.12 -4.99
N LEU B 184 -8.43 -13.59 -6.05
CA LEU B 184 -9.05 -14.42 -7.09
C LEU B 184 -8.02 -15.23 -7.89
N LEU B 185 -6.76 -14.80 -7.88
CA LEU B 185 -5.67 -15.48 -8.57
C LEU B 185 -5.08 -16.68 -7.77
N HIS B 186 -5.43 -16.77 -6.48
CA HIS B 186 -4.93 -17.85 -5.63
C HIS B 186 -5.37 -19.24 -6.18
N ARG B 187 -4.46 -20.20 -6.02
CA ARG B 187 -4.69 -21.60 -6.31
C ARG B 187 -4.09 -22.31 -5.12
N ILE B 188 -4.90 -23.13 -4.46
CA ILE B 188 -4.50 -23.83 -3.26
C ILE B 188 -4.49 -25.32 -3.55
N PHE B 189 -3.44 -26.00 -3.14
CA PHE B 189 -3.27 -27.45 -3.39
C PHE B 189 -2.95 -28.13 -2.10
N THR B 190 -3.77 -29.11 -1.71
CA THR B 190 -3.47 -29.86 -0.51
C THR B 190 -2.80 -31.17 -0.87
N SER B 191 -1.91 -31.61 0.00
CA SER B 191 -1.27 -32.92 -0.13
C SER B 191 -1.13 -33.52 1.29
N GLU B 192 -0.47 -34.66 1.39
CA GLU B 192 -0.44 -35.43 2.63
C GLU B 192 -0.02 -34.59 3.84
N TYR B 193 1.02 -33.78 3.69
CA TYR B 193 1.61 -33.03 4.80
C TYR B 193 1.16 -31.55 4.89
N GLY B 194 0.38 -31.07 3.93
CA GLY B 194 -0.10 -29.69 4.03
C GLY B 194 -0.57 -29.04 2.76
N ILE B 195 -0.32 -27.72 2.70
CA ILE B 195 -1.03 -26.82 1.81
C ILE B 195 -0.02 -25.97 1.04
N GLU B 196 -0.19 -25.91 -0.27
CA GLU B 196 0.59 -25.04 -1.14
C GLU B 196 -0.33 -23.99 -1.76
N VAL B 197 0.16 -22.75 -1.86
CA VAL B 197 -0.53 -21.70 -2.59
C VAL B 197 0.38 -21.20 -3.70
N GLN B 198 -0.10 -21.26 -4.93
CA GLN B 198 0.67 -20.82 -6.07
C GLN B 198 -0.28 -20.01 -6.92
N PRO B 199 -0.26 -18.67 -6.73
CA PRO B 199 -1.12 -17.85 -7.56
C PRO B 199 -0.87 -18.09 -9.05
N ALA B 200 -1.92 -18.04 -9.85
CA ALA B 200 -1.78 -18.26 -11.30
C ALA B 200 -1.02 -17.11 -11.98
N LEU B 201 -1.30 -15.89 -11.52
CA LEU B 201 -0.67 -14.66 -11.99
C LEU B 201 -0.30 -13.79 -10.80
N SER B 202 0.59 -12.83 -11.03
CA SER B 202 0.88 -11.76 -10.07
C SER B 202 0.48 -10.45 -10.71
N PHE B 203 -0.24 -9.61 -9.95
CA PHE B 203 -0.54 -8.23 -10.34
C PHE B 203 0.14 -7.33 -9.31
N ASP B 204 1.17 -6.59 -9.71
CA ASP B 204 1.87 -5.68 -8.79
C ASP B 204 2.57 -4.59 -9.60
N GLU B 205 3.49 -3.85 -9.01
CA GLU B 205 4.16 -2.78 -9.77
C GLU B 205 5.06 -3.30 -10.90
N ARG B 206 5.37 -4.60 -10.91
CA ARG B 206 6.10 -5.17 -12.07
C ARG B 206 5.18 -5.35 -13.27
N GLY B 207 3.87 -5.23 -13.08
CA GLY B 207 2.90 -5.49 -14.13
C GLY B 207 2.11 -6.77 -13.80
N HIS B 208 1.50 -7.32 -14.85
CA HIS B 208 0.69 -8.51 -14.78
C HIS B 208 1.50 -9.60 -15.43
N ARG B 209 1.88 -10.62 -14.64
CA ARG B 209 2.75 -11.68 -15.12
C ARG B 209 2.30 -13.04 -14.64
N VAL B 210 2.76 -14.08 -15.32
CA VAL B 210 2.58 -15.44 -14.87
C VAL B 210 3.39 -15.62 -13.59
N ASN B 211 2.83 -16.33 -12.62
CA ASN B 211 3.54 -16.64 -11.38
C ASN B 211 3.75 -18.14 -11.21
N LYS B 212 4.93 -18.52 -10.75
CA LYS B 212 5.21 -19.88 -10.29
C LYS B 212 5.60 -19.99 -8.82
N VAL B 213 5.89 -18.87 -8.18
CA VAL B 213 6.27 -18.87 -6.75
C VAL B 213 5.18 -19.54 -5.93
N THR B 214 5.62 -20.43 -5.03
CA THR B 214 4.73 -21.22 -4.23
C THR B 214 5.03 -21.04 -2.75
N TYR B 215 3.98 -20.93 -1.95
CA TYR B 215 4.06 -20.73 -0.53
C TYR B 215 3.42 -21.98 0.11
N GLY B 216 4.14 -22.60 1.04
CA GLY B 216 3.69 -23.85 1.66
C GLY B 216 3.64 -23.79 3.19
N VAL B 217 2.64 -24.44 3.77
CA VAL B 217 2.58 -24.71 5.20
C VAL B 217 2.36 -26.20 5.32
N PHE B 218 3.32 -26.88 5.96
CA PHE B 218 3.30 -28.31 6.14
C PHE B 218 3.53 -28.64 7.61
N GLY B 219 3.09 -29.83 8.01
CA GLY B 219 3.27 -30.21 9.40
C GLY B 219 3.20 -31.70 9.63
N ALA B 220 3.64 -32.10 10.83
CA ALA B 220 3.59 -33.44 11.29
C ALA B 220 3.65 -33.52 12.80
N GLU B 221 3.13 -34.62 13.33
CA GLU B 221 3.36 -34.95 14.74
C GLU B 221 4.85 -35.24 14.92
N ALA B 222 5.30 -35.25 16.16
CA ALA B 222 6.68 -35.55 16.51
C ALA B 222 7.24 -36.80 15.85
N GLY B 223 6.47 -37.85 15.75
CA GLY B 223 6.95 -39.10 15.11
C GLY B 223 6.90 -39.14 13.58
N GLY B 224 6.38 -38.06 12.97
CA GLY B 224 6.32 -37.94 11.52
C GLY B 224 4.95 -38.15 10.93
N THR B 225 3.94 -38.40 11.77
CA THR B 225 2.58 -38.66 11.29
C THR B 225 1.98 -37.40 10.69
N ALA B 226 1.42 -37.52 9.49
CA ALA B 226 0.80 -36.41 8.77
C ALA B 226 -0.44 -35.86 9.49
N PRO B 227 -0.83 -34.62 9.17
CA PRO B 227 -2.11 -34.10 9.69
C PRO B 227 -3.30 -34.97 9.26
N ALA B 228 -4.35 -34.94 10.08
CA ALA B 228 -5.58 -35.68 9.80
C ALA B 228 -6.39 -34.98 8.72
N GLY B 229 -6.21 -33.68 8.56
CA GLY B 229 -6.93 -32.96 7.53
C GLY B 229 -6.64 -31.47 7.57
N PHE B 230 -7.35 -30.71 6.74
CA PHE B 230 -7.03 -29.31 6.48
C PHE B 230 -8.24 -28.40 6.38
N PHE B 231 -8.02 -27.11 6.66
CA PHE B 231 -8.98 -26.06 6.36
C PHE B 231 -8.25 -25.00 5.56
N PRO B 232 -8.06 -25.23 4.25
CA PRO B 232 -7.18 -24.35 3.48
C PRO B 232 -7.73 -22.96 3.10
N VAL B 233 -9.05 -22.79 3.17
CA VAL B 233 -9.70 -21.57 2.75
C VAL B 233 -9.98 -20.76 4.00
N THR B 234 -9.43 -19.55 4.05
CA THR B 234 -9.53 -18.69 5.23
C THR B 234 -10.96 -18.43 5.67
N GLU B 235 -11.83 -18.04 4.75
CA GLU B 235 -13.21 -17.73 5.17
C GLU B 235 -13.99 -18.93 5.73
N ASP B 236 -13.65 -20.15 5.28
CA ASP B 236 -14.25 -21.38 5.80
C ASP B 236 -13.63 -21.77 7.15
N PHE B 237 -12.34 -21.56 7.30
CA PHE B 237 -11.67 -21.79 8.58
C PHE B 237 -12.23 -20.88 9.68
N ILE B 238 -12.33 -19.59 9.41
CA ILE B 238 -12.84 -18.64 10.44
C ILE B 238 -14.35 -18.73 10.63
N GLY B 239 -15.06 -19.09 9.58
CA GLY B 239 -16.52 -19.18 9.61
C GLY B 239 -17.19 -17.84 9.37
N GLU B 240 -18.47 -17.89 9.08
CA GLU B 240 -19.26 -16.70 8.86
C GLU B 240 -19.29 -15.85 10.15
N GLY B 241 -18.80 -14.62 10.04
CA GLY B 241 -18.65 -13.76 11.21
C GLY B 241 -17.49 -14.08 12.14
N GLY B 242 -16.59 -14.97 11.72
CA GLY B 242 -15.43 -15.32 12.54
C GLY B 242 -14.20 -14.48 12.22
N ALA B 243 -13.12 -14.81 12.91
CA ALA B 243 -11.82 -14.13 12.73
C ALA B 243 -10.72 -15.10 13.08
N LEU B 244 -9.50 -14.76 12.70
CA LEU B 244 -8.35 -15.64 12.92
C LEU B 244 -7.94 -15.80 14.38
N ASP B 245 -8.41 -14.91 15.24
CA ASP B 245 -8.20 -15.10 16.68
C ASP B 245 -9.38 -15.76 17.37
N TRP B 246 -10.41 -16.15 16.60
CA TRP B 246 -11.51 -16.94 17.14
C TRP B 246 -12.23 -17.68 15.99
N PRO B 247 -11.56 -18.68 15.41
CA PRO B 247 -12.09 -19.28 14.19
C PRO B 247 -13.05 -20.42 14.46
N GLU B 248 -14.19 -20.44 13.77
CA GLU B 248 -15.21 -21.46 14.00
C GLU B 248 -14.69 -22.89 13.89
N ALA B 249 -13.81 -23.16 12.94
CA ALA B 249 -13.32 -24.52 12.74
C ALA B 249 -12.68 -25.08 14.00
N VAL B 250 -12.03 -24.18 14.77
CA VAL B 250 -11.40 -24.57 16.04
C VAL B 250 -12.41 -24.45 17.14
N VAL B 251 -13.07 -23.30 17.24
CA VAL B 251 -13.95 -23.02 18.36
C VAL B 251 -15.11 -24.02 18.47
N ALA B 252 -15.73 -24.35 17.33
CA ALA B 252 -16.79 -25.37 17.28
C ALA B 252 -16.23 -26.78 16.97
N ASN B 253 -14.90 -26.94 16.96
CA ASN B 253 -14.26 -28.23 16.72
C ASN B 253 -14.87 -28.99 15.52
N ARG B 254 -14.88 -28.36 14.36
CA ARG B 254 -15.46 -28.93 13.13
C ARG B 254 -14.50 -29.99 12.56
N GLU B 255 -15.06 -30.96 11.84
CA GLU B 255 -14.25 -31.88 11.07
C GLU B 255 -13.60 -31.15 9.89
N PRO B 256 -12.40 -31.56 9.48
CA PRO B 256 -11.68 -30.89 8.38
C PRO B 256 -12.45 -30.75 7.07
N ASP B 257 -12.17 -29.66 6.35
CA ASP B 257 -12.83 -29.34 5.09
C ASP B 257 -12.26 -30.12 3.92
N ALA B 258 -10.99 -30.47 4.00
CA ALA B 258 -10.27 -30.98 2.87
C ALA B 258 -9.28 -32.04 3.34
N GLN B 259 -9.03 -32.99 2.46
CA GLN B 259 -7.97 -33.96 2.64
C GLN B 259 -6.96 -33.75 1.50
N ALA B 260 -5.87 -34.49 1.57
CA ALA B 260 -4.86 -34.57 0.51
C ALA B 260 -5.47 -34.73 -0.90
N GLY B 261 -4.92 -34.01 -1.86
CA GLY B 261 -5.35 -34.03 -3.27
C GLY B 261 -6.47 -33.06 -3.67
N THR B 262 -6.98 -32.29 -2.72
CA THR B 262 -7.98 -31.24 -3.01
C THR B 262 -7.28 -29.99 -3.59
N ALA B 263 -7.86 -29.40 -4.64
CA ALA B 263 -7.47 -28.09 -5.14
C ALA B 263 -8.61 -27.09 -4.99
N VAL B 264 -8.31 -25.87 -4.53
CA VAL B 264 -9.33 -24.81 -4.39
C VAL B 264 -8.81 -23.53 -5.00
N GLU B 265 -9.63 -22.87 -5.81
CA GLU B 265 -9.19 -21.68 -6.52
C GLU B 265 -9.98 -20.46 -6.08
N GLY B 266 -9.29 -19.32 -5.98
CA GLY B 266 -9.95 -18.01 -5.93
C GLY B 266 -10.19 -17.39 -4.56
N TYR B 267 -9.60 -17.97 -3.51
CA TYR B 267 -9.82 -17.59 -2.11
C TYR B 267 -8.53 -17.38 -1.33
N GLU B 268 -8.54 -16.40 -0.43
CA GLU B 268 -7.48 -16.25 0.57
C GLU B 268 -7.33 -17.56 1.30
N ALA B 269 -6.08 -17.91 1.56
CA ALA B 269 -5.68 -19.19 2.11
C ALA B 269 -5.11 -19.08 3.51
N VAL B 270 -5.24 -20.17 4.27
CA VAL B 270 -4.64 -20.31 5.60
C VAL B 270 -4.06 -21.71 5.71
N GLY B 271 -2.84 -21.82 6.25
CA GLY B 271 -2.23 -23.12 6.48
C GLY B 271 -2.77 -23.66 7.77
N ALA B 272 -3.99 -24.18 7.69
CA ALA B 272 -4.67 -24.74 8.86
C ALA B 272 -4.63 -26.26 8.78
N LEU B 273 -3.84 -26.85 9.67
CA LEU B 273 -3.55 -28.26 9.69
C LEU B 273 -4.16 -28.83 10.96
N ARG B 274 -5.18 -29.69 10.82
CA ARG B 274 -5.81 -30.37 11.94
C ARG B 274 -5.02 -31.67 12.17
N PHE B 275 -4.56 -31.86 13.40
CA PHE B 275 -3.88 -33.08 13.77
C PHE B 275 -4.89 -33.99 14.46
N ALA B 276 -4.53 -35.26 14.60
CA ALA B 276 -5.39 -36.23 15.27
C ALA B 276 -5.60 -35.83 16.72
N PRO B 277 -6.82 -36.03 17.24
CA PRO B 277 -6.99 -35.83 18.66
C PRO B 277 -6.12 -36.80 19.44
N VAL B 278 -5.73 -36.40 20.64
CA VAL B 278 -4.77 -37.17 21.42
C VAL B 278 -5.12 -37.10 22.90
N GLU B 279 -4.86 -38.20 23.60
CA GLU B 279 -5.02 -38.27 25.04
C GLU B 279 -3.63 -38.17 25.66
N LEU B 280 -3.42 -37.11 26.44
CA LEU B 280 -2.14 -36.79 27.00
C LEU B 280 -2.12 -37.17 28.48
N ALA B 281 -1.21 -38.05 28.88
CA ALA B 281 -1.15 -38.50 30.27
C ALA B 281 -0.57 -37.43 31.22
N PRO B 282 -0.88 -37.53 32.53
CA PRO B 282 -0.31 -36.57 33.48
C PRO B 282 1.21 -36.55 33.42
N GLY B 283 1.79 -35.35 33.35
CA GLY B 283 3.25 -35.20 33.26
C GLY B 283 3.86 -35.43 31.88
N LYS B 284 3.10 -35.83 30.89
CA LYS B 284 3.68 -36.21 29.61
C LYS B 284 3.42 -35.16 28.55
N SER B 285 4.19 -35.25 27.47
CA SER B 285 4.18 -34.28 26.39
C SER B 285 3.87 -34.91 25.03
N VAL B 286 3.32 -34.09 24.12
CA VAL B 286 3.26 -34.37 22.68
C VAL B 286 3.77 -33.15 21.94
N SER B 287 4.42 -33.37 20.81
CA SER B 287 4.97 -32.28 20.00
C SER B 287 4.54 -32.33 18.55
N TYR B 288 4.54 -31.15 17.91
CA TYR B 288 4.13 -30.96 16.50
C TYR B 288 5.17 -30.06 15.85
N VAL B 289 5.51 -30.32 14.59
CA VAL B 289 6.40 -29.45 13.80
C VAL B 289 5.66 -28.91 12.62
N VAL B 290 5.76 -27.59 12.42
CA VAL B 290 5.16 -26.90 11.30
C VAL B 290 6.26 -26.20 10.51
N ALA B 291 6.18 -26.27 9.20
CA ALA B 291 7.17 -25.71 8.28
C ALA B 291 6.47 -24.74 7.32
N MET B 292 7.09 -23.56 7.16
CA MET B 292 6.55 -22.50 6.31
C MET B 292 7.60 -22.29 5.24
N VAL B 293 7.22 -22.44 3.97
CA VAL B 293 8.19 -22.57 2.88
C VAL B 293 7.87 -21.62 1.75
N ILE B 294 8.89 -20.98 1.20
CA ILE B 294 8.75 -20.21 -0.02
C ILE B 294 9.67 -20.82 -1.05
N SER B 295 9.13 -21.10 -2.24
CA SER B 295 9.92 -21.71 -3.31
C SER B 295 9.60 -21.08 -4.65
N GLY B 296 10.55 -21.14 -5.58
CA GLY B 296 10.37 -20.56 -6.94
C GLY B 296 9.38 -21.30 -7.85
N ASP B 297 8.97 -22.52 -7.47
CA ASP B 297 7.98 -23.31 -8.22
C ASP B 297 7.30 -24.25 -7.21
N ARG B 298 6.46 -25.15 -7.70
CA ARG B 298 5.76 -26.08 -6.83
C ARG B 298 6.76 -26.86 -5.98
N ILE B 299 6.38 -27.10 -4.74
CA ILE B 299 7.31 -27.64 -3.76
C ILE B 299 7.34 -29.16 -3.84
N ASP B 300 8.53 -29.74 -3.78
CA ASP B 300 8.69 -31.17 -3.62
C ASP B 300 8.39 -31.50 -2.14
N VAL B 301 7.12 -31.74 -1.84
CA VAL B 301 6.69 -31.83 -0.46
C VAL B 301 7.26 -33.05 0.24
N GLY B 302 7.42 -34.14 -0.50
CA GLY B 302 8.10 -35.34 -0.02
C GLY B 302 9.51 -35.09 0.49
N ARG B 303 10.32 -34.35 -0.28
CA ARG B 303 11.68 -34.03 0.16
C ARG B 303 11.63 -33.15 1.44
N TYR B 304 10.78 -32.12 1.43
CA TYR B 304 10.63 -31.28 2.63
C TYR B 304 10.16 -32.05 3.87
N ALA B 305 9.22 -32.99 3.69
CA ALA B 305 8.79 -33.84 4.80
C ALA B 305 9.94 -34.66 5.36
N ALA B 306 10.75 -35.26 4.49
CA ALA B 306 11.90 -36.05 4.94
C ALA B 306 12.94 -35.17 5.62
N ASP B 307 13.19 -34.00 5.05
CA ASP B 307 14.26 -33.14 5.55
C ASP B 307 13.86 -32.37 6.83
N TYR B 308 12.59 -32.03 7.00
CA TYR B 308 12.15 -31.13 8.07
C TYR B 308 11.12 -31.67 9.05
N LEU B 309 10.29 -32.61 8.60
CA LEU B 309 9.19 -33.14 9.43
C LEU B 309 9.44 -34.51 10.04
N ALA B 310 10.43 -35.25 9.52
CA ALA B 310 10.70 -36.59 10.03
C ALA B 310 11.17 -36.49 11.48
N ALA B 311 11.04 -37.59 12.21
CA ALA B 311 11.30 -37.59 13.65
C ALA B 311 12.76 -37.17 13.93
N GLY B 312 12.93 -36.19 14.82
CA GLY B 312 14.28 -35.71 15.16
C GLY B 312 14.92 -34.64 14.28
N ARG B 313 14.28 -34.29 13.15
N ARG B 313 14.28 -34.29 13.15
CA ARG B 313 14.88 -33.32 12.24
CA ARG B 313 14.87 -33.31 12.22
C ARG B 313 14.86 -31.89 12.82
C ARG B 313 14.85 -31.89 12.79
N PHE B 314 13.73 -31.47 13.39
CA PHE B 314 13.62 -30.14 14.03
C PHE B 314 14.77 -29.94 15.03
N ASP B 315 14.94 -30.90 15.92
CA ASP B 315 15.92 -30.80 17.00
C ASP B 315 17.35 -30.80 16.43
N ALA B 316 17.62 -31.59 15.39
CA ALA B 316 18.96 -31.62 14.77
C ALA B 316 19.29 -30.30 14.05
N LEU B 317 18.28 -29.75 13.37
CA LEU B 317 18.40 -28.51 12.64
C LEU B 317 18.55 -27.31 13.58
N LEU B 318 17.84 -27.36 14.71
CA LEU B 318 17.98 -26.34 15.76
C LEU B 318 19.41 -26.34 16.33
N GLU B 319 19.96 -27.50 16.63
CA GLU B 319 21.36 -27.61 17.05
C GLU B 319 22.31 -27.08 15.96
N GLN B 320 22.04 -27.37 14.70
CA GLN B 320 22.88 -26.86 13.60
C GLN B 320 22.81 -25.31 13.51
N ASN B 321 21.60 -24.75 13.64
CA ASN B 321 21.41 -23.29 13.73
C ASN B 321 22.25 -22.70 14.90
N ARG B 322 22.09 -23.27 16.08
CA ARG B 322 22.82 -22.80 17.27
C ARG B 322 24.35 -22.82 17.07
N ALA B 323 24.86 -23.90 16.50
CA ALA B 323 26.30 -24.00 16.22
C ALA B 323 26.77 -23.03 15.13
N TYR B 324 25.93 -22.80 14.10
CA TYR B 324 26.32 -21.88 13.02
C TYR B 324 26.43 -20.45 13.56
N TRP B 325 25.41 -20.03 14.31
CA TRP B 325 25.38 -18.67 14.82
C TRP B 325 26.46 -18.49 15.90
N ARG B 326 26.65 -19.48 16.76
CA ARG B 326 27.73 -19.42 17.76
C ARG B 326 29.07 -19.22 17.05
N ASP B 327 29.30 -19.98 15.98
CA ASP B 327 30.51 -19.84 15.20
C ASP B 327 30.70 -18.43 14.57
N LYS B 328 29.65 -17.85 13.98
CA LYS B 328 29.71 -16.51 13.41
C LYS B 328 30.03 -15.45 14.47
N LEU B 329 29.41 -15.56 15.63
CA LEU B 329 29.51 -14.55 16.67
C LEU B 329 30.75 -14.72 17.58
N ASP B 330 31.33 -15.91 17.66
CA ASP B 330 32.60 -16.13 18.37
C ASP B 330 33.82 -15.42 17.76
N THR B 331 33.67 -14.75 16.61
CA THR B 331 34.76 -13.95 16.03
C THR B 331 35.09 -12.66 16.82
N VAL B 332 34.17 -12.20 17.66
CA VAL B 332 34.35 -11.03 18.54
C VAL B 332 33.71 -11.35 19.89
N ARG B 333 34.49 -11.39 20.97
CA ARG B 333 33.94 -11.55 22.30
C ARG B 333 34.62 -10.60 23.27
N PHE B 334 33.81 -9.89 24.06
CA PHE B 334 34.31 -8.96 25.05
C PHE B 334 34.13 -9.56 26.43
N SER B 335 35.09 -9.31 27.32
CA SER B 335 35.01 -9.77 28.68
C SER B 335 35.57 -8.68 29.62
N SER B 336 34.72 -8.18 30.51
CA SER B 336 35.05 -7.03 31.36
C SER B 336 34.37 -7.16 32.72
N GLY B 337 34.54 -6.13 33.57
CA GLY B 337 33.82 -6.03 34.82
C GLY B 337 32.32 -5.83 34.69
N ASP B 338 31.84 -5.49 33.49
CA ASP B 338 30.41 -5.29 33.20
C ASP B 338 29.90 -6.50 32.38
N GLY B 339 29.60 -7.59 33.10
CA GLY B 339 29.17 -8.86 32.50
C GLY B 339 27.94 -8.71 31.63
N GLU B 340 26.97 -7.94 32.12
CA GLU B 340 25.74 -7.68 31.35
C GLU B 340 26.04 -6.94 30.05
N GLN B 341 26.90 -5.92 30.08
CA GLN B 341 27.23 -5.21 28.83
C GLN B 341 27.99 -6.08 27.82
N ASP B 342 28.83 -6.99 28.32
CA ASP B 342 29.57 -7.94 27.47
C ASP B 342 28.58 -8.83 26.64
N LEU B 343 27.51 -9.25 27.30
CA LEU B 343 26.51 -10.12 26.66
C LEU B 343 25.60 -9.33 25.73
N TRP B 344 25.24 -8.12 26.17
CA TRP B 344 24.51 -7.22 25.31
C TRP B 344 25.28 -6.95 24.03
N MET B 345 26.62 -6.81 24.14
CA MET B 345 27.46 -6.60 22.96
C MET B 345 27.48 -7.78 21.97
N LYS B 346 27.19 -9.00 22.42
N LYS B 346 27.17 -9.00 22.42
CA LYS B 346 27.08 -10.14 21.49
CA LYS B 346 27.06 -10.13 21.49
C LYS B 346 25.88 -9.95 20.54
C LYS B 346 25.88 -9.91 20.54
N TRP B 347 24.78 -9.40 21.07
CA TRP B 347 23.63 -9.06 20.27
C TRP B 347 23.93 -7.90 19.30
N VAL B 348 24.71 -6.92 19.76
CA VAL B 348 25.17 -5.86 18.87
C VAL B 348 26.02 -6.46 17.75
N THR B 349 26.85 -7.45 18.09
CA THR B 349 27.70 -8.13 17.13
C THR B 349 26.94 -8.88 16.02
N LEU B 350 25.76 -9.38 16.37
CA LEU B 350 24.83 -10.02 15.43
C LEU B 350 24.27 -9.05 14.42
N GLN B 351 24.01 -7.82 14.87
CA GLN B 351 23.26 -6.86 14.06
C GLN B 351 23.77 -6.56 12.67
N PRO B 352 25.09 -6.43 12.48
CA PRO B 352 25.55 -6.12 11.12
C PRO B 352 25.23 -7.26 10.11
N ILE B 353 25.26 -8.50 10.61
CA ILE B 353 24.84 -9.67 9.80
C ILE B 353 23.35 -9.55 9.40
N LEU B 354 22.52 -9.21 10.38
CA LEU B 354 21.09 -8.99 10.17
C LEU B 354 20.81 -7.92 9.12
N ARG B 355 21.56 -6.81 9.21
CA ARG B 355 21.38 -5.74 8.25
C ARG B 355 21.66 -6.24 6.84
N ARG B 356 22.74 -7.00 6.66
CA ARG B 356 23.04 -7.58 5.37
C ARG B 356 21.92 -8.53 4.90
N LEU B 357 21.44 -9.39 5.77
CA LEU B 357 20.50 -10.46 5.36
C LEU B 357 19.08 -9.98 5.16
N TYR B 358 18.68 -8.88 5.81
CA TYR B 358 17.39 -8.29 5.63
C TYR B 358 17.41 -7.18 4.59
N GLY B 359 18.59 -6.76 4.13
CA GLY B 359 18.69 -5.58 3.26
C GLY B 359 18.00 -4.36 3.86
N ASN B 360 18.21 -4.19 5.16
CA ASN B 360 17.61 -3.07 5.90
C ASN B 360 16.06 -2.94 5.77
N SER B 361 15.37 -4.08 5.60
CA SER B 361 13.94 -4.10 5.29
C SER B 361 13.26 -5.24 6.00
N PHE B 362 11.95 -5.33 5.84
CA PHE B 362 11.20 -6.52 6.22
C PHE B 362 11.26 -6.90 7.71
N LEU B 363 11.33 -5.88 8.55
CA LEU B 363 10.98 -6.01 9.95
C LEU B 363 9.89 -4.95 10.20
N PRO B 364 9.02 -5.16 11.21
CA PRO B 364 7.83 -4.31 11.31
C PRO B 364 8.03 -2.78 11.27
N TYR B 365 9.00 -2.21 12.00
CA TYR B 365 9.22 -0.74 11.90
C TYR B 365 9.76 -0.35 10.52
N HIS B 366 10.59 -1.22 9.94
CA HIS B 366 11.20 -0.97 8.65
C HIS B 366 10.20 -1.30 7.53
N ASP B 367 9.13 -0.54 7.51
CA ASP B 367 7.95 -0.84 6.70
C ASP B 367 8.04 -0.29 5.25
N TYR B 368 9.16 0.38 4.89
CA TYR B 368 9.30 0.95 3.54
C TYR B 368 10.40 0.27 2.72
N GLY B 369 11.37 -0.36 3.36
CA GLY B 369 12.45 -0.99 2.59
C GLY B 369 11.95 -2.11 1.65
N ARG B 370 12.58 -2.21 0.48
CA ARG B 370 12.31 -3.30 -0.50
C ARG B 370 13.50 -4.26 -0.65
N GLY B 371 14.40 -4.24 0.31
CA GLY B 371 15.49 -5.20 0.41
C GLY B 371 16.78 -4.84 -0.31
N GLY B 372 16.83 -3.71 -0.99
CA GLY B 372 18.04 -3.31 -1.73
C GLY B 372 19.19 -2.83 -0.85
N ARG B 373 20.24 -2.39 -1.51
CA ARG B 373 21.37 -1.76 -0.87
C ARG B 373 21.51 -0.36 -1.45
N GLY B 374 21.87 0.60 -0.60
CA GLY B 374 22.27 1.94 -1.03
C GLY B 374 23.78 2.09 -1.06
N TRP B 375 24.25 3.22 -1.57
CA TRP B 375 25.68 3.49 -1.71
C TRP B 375 26.36 3.39 -0.35
N ARG B 376 25.75 3.98 0.69
CA ARG B 376 26.36 3.95 2.01
C ARG B 376 26.57 2.52 2.53
N ASP B 377 25.58 1.65 2.29
CA ASP B 377 25.63 0.26 2.70
C ASP B 377 26.82 -0.49 2.12
N LEU B 378 27.21 -0.15 0.89
CA LEU B 378 28.33 -0.84 0.25
C LEU B 378 29.61 -0.72 1.06
N TRP B 379 29.79 0.45 1.68
CA TRP B 379 31.00 0.73 2.45
C TRP B 379 30.77 0.28 3.89
N GLN B 380 29.60 0.59 4.45
CA GLN B 380 29.37 0.27 5.85
C GLN B 380 29.38 -1.25 6.10
N ASP B 381 28.85 -2.03 5.17
CA ASP B 381 28.86 -3.50 5.31
C ASP B 381 30.30 -4.05 5.42
N CYS B 382 31.28 -3.35 4.86
CA CYS B 382 32.67 -3.76 5.00
C CYS B 382 33.24 -3.67 6.42
N LEU B 383 32.67 -2.80 7.26
CA LEU B 383 33.21 -2.58 8.62
C LEU B 383 33.16 -3.87 9.44
N ALA B 384 31.96 -4.45 9.58
CA ALA B 384 31.81 -5.66 10.38
C ALA B 384 32.53 -6.84 9.76
N LEU B 385 32.51 -6.91 8.43
CA LEU B 385 33.15 -8.02 7.74
C LEU B 385 34.66 -8.04 7.95
N MET B 386 35.27 -6.85 8.01
CA MET B 386 36.71 -6.76 8.27
C MET B 386 37.15 -7.42 9.56
N VAL B 387 36.30 -7.39 10.57
CA VAL B 387 36.63 -8.01 11.85
C VAL B 387 36.00 -9.37 12.06
N MET B 388 34.96 -9.72 11.31
CA MET B 388 34.24 -10.99 11.48
C MET B 388 34.46 -12.03 10.37
N GLU B 389 34.65 -11.58 9.13
CA GLU B 389 34.65 -12.45 7.94
C GLU B 389 35.41 -11.73 6.83
N PRO B 390 36.72 -11.56 6.99
CA PRO B 390 37.44 -10.60 6.13
C PRO B 390 37.66 -10.99 4.68
N ALA B 391 37.47 -12.27 4.32
CA ALA B 391 37.89 -12.78 2.99
C ALA B 391 37.25 -12.03 1.81
N GLU B 392 36.00 -11.62 1.98
CA GLU B 392 35.25 -10.98 0.91
C GLU B 392 35.60 -9.46 0.73
N VAL B 393 36.21 -8.80 1.72
CA VAL B 393 36.24 -7.33 1.73
C VAL B 393 36.98 -6.70 0.55
N ARG B 394 38.14 -7.24 0.20
CA ARG B 394 38.93 -6.68 -0.89
C ARG B 394 38.11 -6.61 -2.18
N HIS B 395 37.48 -7.72 -2.58
CA HIS B 395 36.65 -7.74 -3.80
C HIS B 395 35.46 -6.75 -3.70
N LEU B 396 34.84 -6.66 -2.53
CA LEU B 396 33.72 -5.71 -2.33
C LEU B 396 34.16 -4.26 -2.55
N LEU B 397 35.30 -3.88 -1.99
CA LEU B 397 35.78 -2.51 -2.13
C LEU B 397 36.06 -2.16 -3.59
N LEU B 398 36.77 -3.04 -4.29
CA LEU B 398 37.07 -2.83 -5.71
C LEU B 398 35.82 -2.65 -6.55
N ASN B 399 34.86 -3.54 -6.35
CA ASN B 399 33.57 -3.48 -7.05
C ASN B 399 32.83 -2.18 -6.78
N ASN B 400 32.87 -1.71 -5.52
CA ASN B 400 32.18 -0.49 -5.14
C ASN B 400 32.65 0.73 -5.90
N TYR B 401 33.97 0.84 -6.13
CA TYR B 401 34.50 2.02 -6.85
C TYR B 401 34.01 2.17 -8.29
N ALA B 402 33.47 1.10 -8.89
CA ALA B 402 32.88 1.20 -10.25
C ALA B 402 31.69 2.17 -10.32
N GLY B 403 31.09 2.44 -9.14
CA GLY B 403 29.96 3.35 -9.02
C GLY B 403 30.27 4.83 -9.07
N VAL B 404 31.53 5.20 -8.96
CA VAL B 404 31.93 6.59 -8.92
C VAL B 404 31.84 7.20 -10.32
N ARG B 405 31.26 8.41 -10.43
CA ARG B 405 31.29 9.18 -11.68
C ARG B 405 32.54 10.04 -11.74
N MET B 406 32.88 10.51 -12.95
CA MET B 406 34.07 11.34 -13.16
C MET B 406 33.95 12.77 -12.56
N ASP B 407 32.79 13.11 -11.98
CA ASP B 407 32.65 14.35 -11.20
C ASP B 407 32.70 14.12 -9.70
N GLY B 408 33.11 12.93 -9.27
CA GLY B 408 33.20 12.60 -7.85
C GLY B 408 31.92 12.13 -7.20
N SER B 409 30.78 12.31 -7.88
CA SER B 409 29.50 11.81 -7.38
C SER B 409 29.43 10.31 -7.66
N ASN B 410 28.26 9.70 -7.48
CA ASN B 410 28.16 8.25 -7.65
C ASN B 410 26.77 7.81 -7.99
N ALA B 411 26.69 6.60 -8.54
CA ALA B 411 25.43 5.92 -8.73
C ALA B 411 24.81 5.74 -7.37
N THR B 412 23.48 5.77 -7.33
CA THR B 412 22.75 5.59 -6.09
C THR B 412 21.78 4.42 -6.11
N ILE B 413 21.65 3.71 -7.24
CA ILE B 413 20.86 2.47 -7.31
C ILE B 413 21.84 1.33 -7.57
N ILE B 414 21.82 0.32 -6.69
CA ILE B 414 22.78 -0.79 -6.75
C ILE B 414 22.11 -2.00 -7.41
N GLY B 415 22.76 -2.53 -8.45
CA GLY B 415 22.22 -3.64 -9.24
C GLY B 415 22.51 -5.02 -8.65
N ALA B 416 22.11 -6.06 -9.40
CA ALA B 416 22.30 -7.45 -8.98
C ALA B 416 23.78 -7.89 -8.96
N GLY B 417 24.49 -7.72 -10.09
CA GLY B 417 25.87 -8.25 -10.23
C GLY B 417 27.01 -7.52 -9.48
N PRO B 418 28.20 -8.15 -9.40
CA PRO B 418 29.38 -7.52 -8.76
C PRO B 418 29.82 -6.26 -9.50
N GLY B 419 29.74 -5.11 -8.83
CA GLY B 419 30.05 -3.82 -9.46
C GLY B 419 29.01 -3.33 -10.46
N GLU B 420 27.79 -3.88 -10.42
CA GLU B 420 26.66 -3.43 -11.25
C GLU B 420 25.95 -2.28 -10.55
N PHE B 421 25.81 -1.18 -11.28
CA PHE B 421 25.09 0.00 -10.84
C PHE B 421 24.06 0.33 -11.93
N VAL B 422 22.92 0.89 -11.54
CA VAL B 422 21.79 1.13 -12.46
C VAL B 422 21.53 2.63 -12.59
N ALA B 423 21.36 3.13 -13.81
CA ALA B 423 20.96 4.52 -14.06
C ALA B 423 19.45 4.69 -13.75
N ASP B 424 19.09 5.87 -13.25
CA ASP B 424 17.76 6.13 -12.63
C ASP B 424 16.58 6.41 -13.60
N ARG B 425 15.62 5.47 -13.66
CA ARG B 425 14.28 5.74 -14.22
C ARG B 425 13.41 6.56 -13.24
N PRO B 429 16.57 13.13 -9.72
CA PRO B 429 18.01 13.06 -9.48
C PRO B 429 18.41 13.73 -8.16
N ARG B 430 19.17 13.01 -7.34
CA ARG B 430 19.53 13.53 -5.97
C ARG B 430 21.01 13.19 -5.73
N VAL B 431 21.80 14.16 -5.25
CA VAL B 431 23.16 13.93 -4.85
C VAL B 431 23.23 14.14 -3.34
N TRP B 432 23.85 13.19 -2.64
CA TRP B 432 24.13 13.30 -1.21
C TRP B 432 25.62 13.68 -1.11
N MET B 433 25.89 14.84 -0.50
CA MET B 433 27.25 15.42 -0.50
C MET B 433 28.25 14.58 0.29
N ASP B 434 27.77 13.84 1.29
CA ASP B 434 28.61 12.95 2.11
C ASP B 434 29.05 11.65 1.42
N HIS B 435 28.41 11.29 0.32
CA HIS B 435 28.67 9.98 -0.30
C HIS B 435 30.12 9.76 -0.70
N GLY B 436 30.82 10.85 -1.07
CA GLY B 436 32.22 10.78 -1.41
C GLY B 436 33.19 10.63 -0.24
N ALA B 437 32.73 10.85 1.00
CA ALA B 437 33.59 10.88 2.19
C ALA B 437 33.83 9.49 2.78
N TRP B 438 32.76 8.69 2.84
CA TRP B 438 32.79 7.40 3.52
C TRP B 438 33.74 6.35 2.91
N PRO B 439 33.91 6.33 1.57
CA PRO B 439 34.77 5.32 0.95
C PRO B 439 36.23 5.34 1.41
N LEU B 440 36.85 6.53 1.43
CA LEU B 440 38.20 6.65 1.97
C LEU B 440 38.25 6.15 3.41
N MET B 441 37.28 6.54 4.24
CA MET B 441 37.29 6.11 5.63
C MET B 441 37.29 4.59 5.75
N THR B 442 36.41 3.95 4.98
CA THR B 442 36.34 2.48 4.98
C THR B 442 37.60 1.85 4.39
N THR B 443 38.09 2.42 3.31
CA THR B 443 39.23 1.88 2.61
C THR B 443 40.52 1.98 3.45
N LEU B 444 40.67 3.10 4.15
CA LEU B 444 41.81 3.27 5.06
C LEU B 444 41.79 2.24 6.16
N LEU B 445 40.62 1.96 6.71
CA LEU B 445 40.48 0.90 7.72
C LEU B 445 40.96 -0.44 7.15
N TYR B 446 40.53 -0.76 5.95
CA TYR B 446 40.99 -1.97 5.27
C TYR B 446 42.52 -2.01 5.12
N LEU B 447 43.10 -0.90 4.64
CA LEU B 447 44.54 -0.82 4.43
C LEU B 447 45.30 -1.06 5.73
N HIS B 448 44.79 -0.52 6.84
CA HIS B 448 45.46 -0.64 8.13
C HIS B 448 45.28 -2.03 8.75
N GLN B 449 44.12 -2.68 8.55
CA GLN B 449 43.90 -4.07 9.04
C GLN B 449 44.68 -5.13 8.24
N SER B 450 44.77 -4.94 6.93
CA SER B 450 45.30 -5.96 6.01
C SER B 450 46.74 -5.71 5.61
N GLY B 451 47.14 -4.44 5.50
CA GLY B 451 48.44 -4.08 4.97
C GLY B 451 48.49 -4.14 3.45
N ASP B 452 47.32 -4.23 2.80
CA ASP B 452 47.24 -4.49 1.34
C ASP B 452 47.21 -3.16 0.58
N LEU B 453 48.36 -2.48 0.57
CA LEU B 453 48.49 -1.16 -0.06
C LEU B 453 48.34 -1.19 -1.58
N ASP B 454 48.62 -2.34 -2.20
CA ASP B 454 48.45 -2.50 -3.64
C ASP B 454 47.01 -2.37 -4.12
N LEU B 455 46.03 -2.52 -3.22
CA LEU B 455 44.62 -2.21 -3.55
C LEU B 455 44.46 -0.90 -4.29
N LEU B 456 45.19 0.11 -3.84
CA LEU B 456 45.09 1.48 -4.38
C LEU B 456 45.43 1.63 -5.85
N PHE B 457 46.22 0.70 -6.39
CA PHE B 457 46.66 0.76 -7.78
C PHE B 457 45.94 -0.22 -8.68
N GLN B 458 44.83 -0.79 -8.21
CA GLN B 458 44.02 -1.65 -9.07
C GLN B 458 43.22 -0.79 -10.04
N PRO B 459 43.00 -1.29 -11.27
CA PRO B 459 42.20 -0.52 -12.22
C PRO B 459 40.70 -0.64 -11.96
N GLN B 460 39.96 0.41 -12.28
CA GLN B 460 38.51 0.36 -12.21
C GLN B 460 37.85 1.40 -13.11
N SER B 461 36.69 1.07 -13.65
CA SER B 461 35.91 1.97 -14.49
C SER B 461 35.18 3.03 -13.64
N TYR B 462 34.54 3.96 -14.33
CA TYR B 462 33.74 4.98 -13.71
C TYR B 462 32.34 4.86 -14.29
N PHE B 463 31.36 5.10 -13.44
CA PHE B 463 29.95 5.07 -13.82
C PHE B 463 29.56 6.30 -14.65
N ARG B 464 28.63 6.12 -15.57
CA ARG B 464 28.19 7.16 -16.48
C ARG B 464 26.70 6.95 -16.74
N ASP B 465 25.92 8.01 -16.65
CA ASP B 465 24.51 8.01 -17.04
C ASP B 465 24.19 9.39 -17.63
N VAL B 466 22.91 9.72 -17.81
CA VAL B 466 22.56 11.00 -18.41
C VAL B 466 22.95 12.23 -17.56
N PHE B 467 23.13 12.04 -16.25
CA PHE B 467 23.38 13.15 -15.34
C PHE B 467 24.85 13.53 -15.19
N VAL B 468 25.14 14.80 -15.47
CA VAL B 468 26.50 15.34 -15.39
C VAL B 468 26.59 16.59 -14.50
N LYS B 469 27.82 16.96 -14.16
CA LYS B 469 28.12 18.09 -13.26
C LYS B 469 27.40 17.90 -11.93
N ARG B 470 27.58 16.71 -11.35
CA ARG B 470 26.94 16.31 -10.10
C ARG B 470 25.41 16.48 -10.15
N CYS B 471 24.83 15.92 -11.22
CA CYS B 471 23.40 15.97 -11.49
C CYS B 471 22.78 17.35 -11.62
N ARG B 472 23.57 18.35 -11.99
CA ARG B 472 23.09 19.72 -12.20
C ARG B 472 22.50 19.91 -13.59
N GLU B 473 22.95 19.10 -14.55
CA GLU B 473 22.38 19.10 -15.89
C GLU B 473 22.29 17.71 -16.51
N ARG B 474 21.51 17.62 -17.58
CA ARG B 474 21.42 16.44 -18.43
C ARG B 474 22.37 16.61 -19.60
N ASP B 475 23.14 15.56 -19.90
CA ASP B 475 24.01 15.57 -21.08
C ASP B 475 23.17 15.47 -22.38
N ALA B 476 23.33 16.47 -23.26
CA ALA B 476 22.67 16.50 -24.56
C ALA B 476 23.09 15.34 -25.47
N SER B 477 24.38 14.98 -25.43
CA SER B 477 24.93 13.90 -26.29
C SER B 477 24.62 12.44 -25.90
N TRP B 478 23.94 12.23 -24.78
CA TRP B 478 23.59 10.91 -24.28
C TRP B 478 22.56 10.20 -25.14
N THR B 479 22.72 8.88 -25.24
CA THR B 479 21.73 7.96 -25.81
C THR B 479 21.79 6.61 -25.04
N PRO B 480 20.94 5.62 -25.39
CA PRO B 480 21.18 4.24 -24.91
C PRO B 480 22.54 3.62 -25.35
N GLU B 481 23.07 4.08 -26.49
CA GLU B 481 24.33 3.60 -27.07
C GLU B 481 25.61 4.05 -26.37
N GLN B 482 25.56 4.98 -25.43
CA GLN B 482 26.76 5.30 -24.63
C GLN B 482 27.12 4.17 -23.65
N GLY B 483 26.10 3.49 -23.09
CA GLY B 483 26.29 2.50 -22.03
C GLY B 483 26.48 3.15 -20.65
N ASN B 484 26.80 2.32 -19.66
CA ASN B 484 26.90 2.74 -18.25
C ASN B 484 28.32 3.06 -17.74
N LYS B 485 29.27 3.19 -18.66
CA LYS B 485 30.67 3.42 -18.29
C LYS B 485 31.27 4.60 -19.02
N LEU B 486 32.11 5.34 -18.31
CA LEU B 486 32.77 6.52 -18.89
C LEU B 486 33.66 6.07 -20.03
N LEU B 487 33.61 6.81 -21.14
CA LEU B 487 34.35 6.49 -22.33
C LEU B 487 35.46 7.49 -22.60
N THR B 488 36.50 7.03 -23.29
CA THR B 488 37.59 7.89 -23.76
C THR B 488 37.24 8.52 -25.11
N ALA B 489 38.08 9.45 -25.55
CA ALA B 489 37.95 10.06 -26.88
C ALA B 489 37.91 9.03 -28.00
N ASP B 490 38.76 8.00 -27.92
CA ASP B 490 38.84 6.94 -28.94
C ASP B 490 37.78 5.82 -28.76
N GLY B 491 36.79 6.01 -27.88
CA GLY B 491 35.69 5.07 -27.71
C GLY B 491 35.97 3.86 -26.84
N GLN B 492 37.00 3.92 -25.98
CA GLN B 492 37.36 2.83 -25.07
C GLN B 492 36.83 3.16 -23.67
N ILE B 493 36.62 2.13 -22.85
CA ILE B 493 36.18 2.29 -21.49
C ILE B 493 37.38 2.81 -20.68
N TYR B 494 37.22 3.98 -20.04
CA TYR B 494 38.32 4.52 -19.23
C TYR B 494 38.46 3.74 -17.94
N GLU B 495 39.70 3.41 -17.59
CA GLU B 495 40.00 2.85 -16.28
C GLU B 495 41.08 3.67 -15.59
N GLY B 496 40.84 3.97 -14.32
CA GLY B 496 41.78 4.66 -13.48
C GLY B 496 42.00 3.86 -12.23
N THR B 497 43.08 4.17 -11.53
CA THR B 497 43.36 3.49 -10.26
C THR B 497 42.30 3.77 -9.21
N ILE B 498 42.21 2.86 -8.25
CA ILE B 498 41.35 3.09 -7.09
C ILE B 498 41.73 4.41 -6.43
N LEU B 499 43.02 4.69 -6.35
CA LEU B 499 43.49 5.93 -5.75
C LEU B 499 42.98 7.16 -6.50
N GLU B 500 42.93 7.09 -7.83
CA GLU B 500 42.39 8.17 -8.64
C GLU B 500 40.93 8.44 -8.30
N HIS B 501 40.16 7.37 -8.12
CA HIS B 501 38.75 7.44 -7.72
C HIS B 501 38.65 8.18 -6.38
N ILE B 502 39.46 7.75 -5.42
CA ILE B 502 39.45 8.33 -4.08
C ILE B 502 39.80 9.83 -4.11
N LEU B 503 40.86 10.17 -4.83
CA LEU B 503 41.26 11.58 -4.98
C LEU B 503 40.13 12.43 -5.53
N LEU B 504 39.50 11.93 -6.58
CA LEU B 504 38.39 12.63 -7.20
C LEU B 504 37.23 12.91 -6.23
N GLN B 505 36.83 11.88 -5.52
CA GLN B 505 35.72 11.99 -4.54
C GLN B 505 35.94 13.06 -3.47
N ASN B 506 37.20 13.31 -3.14
CA ASN B 506 37.53 14.24 -2.05
C ASN B 506 37.92 15.62 -2.54
N ILE B 507 38.58 15.71 -3.68
N ILE B 507 38.60 15.74 -3.68
CA ILE B 507 38.98 17.01 -4.21
CA ILE B 507 38.97 17.06 -4.18
C ILE B 507 37.82 17.76 -4.86
C ILE B 507 37.84 17.78 -4.90
N VAL B 508 36.87 17.06 -5.47
CA VAL B 508 35.75 17.78 -6.11
C VAL B 508 34.94 18.57 -5.06
N PRO B 509 34.54 17.91 -3.95
CA PRO B 509 33.80 18.66 -2.92
C PRO B 509 34.54 19.88 -2.39
N PHE B 510 35.87 19.80 -2.30
CA PHE B 510 36.67 20.94 -1.89
C PHE B 510 36.34 22.22 -2.68
N PHE B 511 36.15 22.09 -4.00
CA PHE B 511 35.84 23.24 -4.82
C PHE B 511 34.37 23.58 -4.91
N ASN B 512 33.50 22.67 -4.44
CA ASN B 512 32.05 22.81 -4.62
C ASN B 512 31.45 23.57 -3.45
N VAL B 513 31.80 24.85 -3.37
CA VAL B 513 31.50 25.66 -2.16
C VAL B 513 30.33 26.60 -2.37
N GLY B 514 29.62 26.88 -1.29
CA GLY B 514 28.51 27.83 -1.29
C GLY B 514 29.00 29.23 -0.97
N GLU B 515 28.04 30.14 -0.79
CA GLU B 515 28.33 31.56 -0.63
C GLU B 515 29.03 31.89 0.70
N HIS B 516 28.99 31.01 1.69
CA HIS B 516 29.77 31.17 2.92
C HIS B 516 31.08 30.36 2.96
N GLY B 517 31.44 29.72 1.84
CA GLY B 517 32.77 29.12 1.64
C GLY B 517 32.95 27.67 2.09
N ASN B 518 31.87 27.07 2.60
CA ASN B 518 31.87 25.69 3.02
C ASN B 518 31.25 24.87 1.91
N ILE B 519 31.39 23.56 2.00
CA ILE B 519 30.98 22.67 0.93
C ILE B 519 29.44 22.58 0.88
N LYS B 520 28.89 22.61 -0.34
CA LYS B 520 27.44 22.60 -0.55
C LYS B 520 26.77 21.35 0.03
N LEU B 521 25.58 21.58 0.62
CA LEU B 521 24.76 20.50 1.16
C LEU B 521 24.22 19.56 0.06
N GLU B 522 24.01 20.12 -1.14
CA GLU B 522 23.39 19.40 -2.23
C GLU B 522 22.05 18.83 -1.73
N GLY B 523 21.76 17.55 -2.00
CA GLY B 523 20.45 16.97 -1.67
C GLY B 523 20.25 16.56 -0.24
N ALA B 524 21.36 16.54 0.52
CA ALA B 524 21.46 16.19 1.95
C ALA B 524 22.88 15.67 2.20
N ASP B 525 23.27 15.59 3.47
CA ASP B 525 24.49 14.88 3.86
C ASP B 525 24.05 13.55 4.52
N TRP B 526 24.78 13.08 5.54
CA TRP B 526 24.40 11.88 6.28
C TRP B 526 22.96 11.93 6.76
N ASN B 527 22.52 13.13 7.14
CA ASN B 527 21.16 13.35 7.58
C ASN B 527 20.28 13.43 6.35
N ASP B 528 19.60 12.33 6.04
CA ASP B 528 18.71 12.26 4.88
C ASP B 528 17.56 13.26 4.94
N GLY B 529 17.25 13.73 6.15
CA GLY B 529 16.21 14.70 6.38
C GLY B 529 16.56 16.16 6.16
N LEU B 530 17.82 16.45 5.81
CA LEU B 530 18.24 17.81 5.47
C LEU B 530 18.25 17.94 3.93
N ASP B 531 17.05 17.88 3.38
CA ASP B 531 16.80 17.76 1.95
C ASP B 531 16.17 18.99 1.31
N LEU B 532 16.01 20.08 2.05
CA LEU B 532 15.34 21.25 1.49
C LEU B 532 16.28 22.46 1.33
N ALA B 533 17.57 22.21 1.23
CA ALA B 533 18.50 23.30 0.94
C ALA B 533 19.50 22.98 -0.17
N PRO B 534 19.04 22.42 -1.30
CA PRO B 534 19.97 22.16 -2.40
C PRO B 534 20.55 23.41 -3.09
N GLU B 535 19.84 24.53 -3.10
CA GLU B 535 20.33 25.73 -3.81
C GLU B 535 21.45 26.45 -3.04
N ARG B 536 21.23 26.76 -1.77
CA ARG B 536 22.16 27.56 -0.98
C ARG B 536 22.64 26.93 0.32
N GLY B 537 22.18 25.72 0.64
CA GLY B 537 22.59 25.07 1.88
C GLY B 537 24.06 24.64 1.82
N GLU B 538 24.68 24.57 3.00
CA GLU B 538 26.05 24.16 3.16
C GLU B 538 26.12 23.20 4.33
N SER B 539 26.88 22.12 4.16
CA SER B 539 27.18 21.22 5.27
C SER B 539 28.58 21.50 5.77
N VAL B 540 28.67 22.40 6.75
CA VAL B 540 29.92 22.64 7.45
C VAL B 540 30.36 21.35 8.11
N ALA B 541 29.40 20.59 8.62
CA ALA B 541 29.66 19.33 9.31
C ALA B 541 30.55 18.39 8.49
N PHE B 542 30.18 18.21 7.21
CA PHE B 542 30.96 17.34 6.32
C PHE B 542 32.11 18.04 5.62
N THR B 543 32.15 19.38 5.63
CA THR B 543 33.36 20.09 5.22
C THR B 543 34.55 19.68 6.10
N ALA B 544 34.30 19.53 7.41
CA ALA B 544 35.33 19.06 8.34
C ALA B 544 35.81 17.63 8.02
N PHE B 545 34.89 16.78 7.58
CA PHE B 545 35.15 15.38 7.18
C PHE B 545 36.03 15.40 5.90
N TYR B 546 35.67 16.18 4.89
CA TYR B 546 36.48 16.26 3.68
C TYR B 546 37.84 16.90 3.97
N ALA B 547 37.90 17.87 4.89
CA ALA B 547 39.17 18.48 5.27
C ALA B 547 40.13 17.43 5.86
N SER B 548 39.59 16.62 6.74
CA SER B 548 40.31 15.54 7.38
C SER B 548 40.73 14.46 6.37
N ASN B 549 39.84 14.10 5.47
CA ASN B 549 40.13 13.14 4.40
C ASN B 549 41.32 13.59 3.55
N LEU B 550 41.34 14.86 3.15
CA LEU B 550 42.42 15.39 2.35
C LEU B 550 43.75 15.31 3.07
N MET B 551 43.73 15.65 4.36
CA MET B 551 44.92 15.55 5.22
C MET B 551 45.41 14.10 5.35
N GLU B 552 44.49 13.17 5.55
CA GLU B 552 44.86 11.75 5.65
C GLU B 552 45.41 11.25 4.34
N LEU B 553 44.85 11.72 3.25
CA LEU B 553 45.31 11.34 1.92
C LEU B 553 46.73 11.78 1.70
N SER B 554 47.02 13.05 2.04
CA SER B 554 48.40 13.56 2.01
C SER B 554 49.33 12.66 2.81
N GLU B 555 48.97 12.34 4.05
CA GLU B 555 49.79 11.46 4.89
C GLU B 555 49.93 10.06 4.28
N LEU B 556 48.82 9.52 3.76
CA LEU B 556 48.84 8.22 3.07
C LEU B 556 49.84 8.20 1.91
N LEU B 557 49.81 9.20 1.05
CA LEU B 557 50.72 9.24 -0.10
C LEU B 557 52.19 9.27 0.32
N LEU B 558 52.52 10.06 1.34
CA LEU B 558 53.88 10.10 1.84
C LEU B 558 54.27 8.79 2.49
N GLU B 559 53.33 8.12 3.16
CA GLU B 559 53.62 6.82 3.74
C GLU B 559 53.76 5.73 2.67
N LEU B 560 53.02 5.86 1.56
CA LEU B 560 53.20 4.96 0.41
C LEU B 560 54.61 5.02 -0.15
N GLN B 561 55.15 6.23 -0.28
CA GLN B 561 56.53 6.40 -0.73
C GLN B 561 57.51 5.79 0.27
N LYS B 562 57.36 6.16 1.55
CA LYS B 562 58.24 5.67 2.64
C LYS B 562 58.24 4.15 2.77
N ARG B 563 57.10 3.50 2.51
CA ARG B 563 56.94 2.05 2.71
C ARG B 563 57.07 1.21 1.45
N THR B 564 56.50 1.68 0.34
CA THR B 564 56.55 0.95 -0.93
C THR B 564 57.77 1.35 -1.81
N GLY B 565 58.22 2.61 -1.70
CA GLY B 565 59.18 3.20 -2.67
C GLY B 565 58.51 3.87 -3.87
N LYS B 566 57.17 3.89 -3.91
CA LYS B 566 56.40 4.45 -5.03
C LYS B 566 56.64 5.98 -5.11
N ASP B 567 57.00 6.45 -6.29
CA ASP B 567 57.33 7.88 -6.52
C ASP B 567 56.33 8.64 -7.41
N SER B 568 55.46 7.93 -8.12
CA SER B 568 54.52 8.55 -9.07
C SER B 568 53.08 8.05 -8.86
N LEU B 569 52.13 8.82 -9.39
CA LEU B 569 50.73 8.46 -9.42
C LEU B 569 50.21 8.67 -10.82
N ASP B 570 49.58 7.63 -11.36
CA ASP B 570 48.99 7.71 -12.71
C ASP B 570 47.58 8.27 -12.53
N ILE B 571 47.34 9.43 -13.14
CA ILE B 571 46.07 10.16 -12.98
C ILE B 571 45.60 10.70 -14.33
N ALA B 572 44.29 10.70 -14.57
CA ALA B 572 43.71 11.27 -15.80
C ALA B 572 44.13 12.72 -15.96
N GLU B 573 44.58 13.09 -17.17
CA GLU B 573 45.15 14.44 -17.43
C GLU B 573 44.25 15.58 -16.94
N GLU B 574 42.92 15.42 -17.12
CA GLU B 574 41.93 16.43 -16.76
C GLU B 574 41.89 16.73 -15.26
N MET B 575 42.17 15.72 -14.44
CA MET B 575 42.26 15.90 -13.00
C MET B 575 43.37 16.82 -12.55
N ALA B 576 44.41 17.00 -13.36
CA ALA B 576 45.46 17.99 -13.08
C ALA B 576 44.92 19.41 -12.87
N LEU B 577 43.80 19.76 -13.52
CA LEU B 577 43.17 21.06 -13.30
C LEU B 577 42.81 21.28 -11.83
N LEU B 578 42.39 20.21 -11.15
CA LEU B 578 41.97 20.24 -9.75
C LEU B 578 43.12 20.21 -8.74
N LEU B 579 44.27 19.71 -9.19
CA LEU B 579 45.51 19.76 -8.43
C LEU B 579 46.29 21.01 -8.86
N ASP B 580 45.65 22.18 -8.70
CA ASP B 580 46.18 23.46 -9.18
C ASP B 580 47.52 23.88 -8.59
N THR B 581 47.85 23.37 -7.40
CA THR B 581 49.16 23.61 -6.80
C THR B 581 50.33 23.16 -7.69
N LEU B 582 50.11 22.16 -8.54
CA LEU B 582 51.15 21.68 -9.46
C LEU B 582 51.34 22.53 -10.72
N GLY B 583 50.31 23.28 -11.12
CA GLY B 583 50.36 24.15 -12.31
C GLY B 583 50.37 25.62 -11.93
N LYS B 584 49.30 26.34 -12.31
CA LYS B 584 49.10 27.75 -11.93
C LYS B 584 48.10 27.79 -10.76
N PRO B 585 48.59 28.00 -9.52
CA PRO B 585 47.65 27.96 -8.38
C PRO B 585 46.56 29.03 -8.44
N ILE B 586 45.34 28.69 -8.05
CA ILE B 586 44.26 29.67 -7.87
C ILE B 586 44.23 30.09 -6.41
N SER B 587 43.49 31.14 -6.08
CA SER B 587 43.30 31.54 -4.68
C SER B 587 42.17 30.72 -4.08
N TYR B 588 42.49 29.97 -3.02
CA TYR B 588 41.48 29.22 -2.31
C TYR B 588 40.59 30.11 -1.44
N ASP B 589 40.97 31.37 -1.24
CA ASP B 589 40.08 32.36 -0.59
C ASP B 589 38.90 32.81 -1.47
N SER B 590 38.99 32.59 -2.78
CA SER B 590 37.95 33.02 -3.73
C SER B 590 37.00 31.86 -4.03
N ILE B 591 35.74 32.06 -3.64
CA ILE B 591 34.65 31.16 -3.99
C ILE B 591 34.50 31.12 -5.51
N GLN B 592 34.45 32.30 -6.13
CA GLN B 592 34.31 32.42 -7.58
C GLN B 592 35.38 31.60 -8.33
N GLU B 593 36.64 31.76 -7.95
CA GLU B 593 37.75 31.03 -8.59
C GLU B 593 37.68 29.52 -8.36
N LYS B 594 37.24 29.09 -7.18
CA LYS B 594 37.07 27.65 -6.93
C LYS B 594 35.97 27.05 -7.79
N ARG B 595 34.84 27.76 -7.90
CA ARG B 595 33.69 27.30 -8.67
C ARG B 595 34.02 27.30 -10.15
N SER B 596 34.74 28.31 -10.63
CA SER B 596 35.14 28.41 -12.04
C SER B 596 36.09 27.29 -12.45
N LEU B 597 37.05 26.98 -11.59
CA LEU B 597 37.98 25.89 -11.82
C LEU B 597 37.25 24.53 -11.87
N LEU B 598 36.26 24.36 -10.99
CA LEU B 598 35.44 23.15 -11.01
C LEU B 598 34.61 23.03 -12.30
N ASP B 599 34.02 24.13 -12.75
CA ASP B 599 33.29 24.17 -14.03
C ASP B 599 34.17 23.84 -15.22
N ARG B 600 35.42 24.35 -15.21
CA ARG B 600 36.43 24.02 -16.24
C ARG B 600 36.71 22.52 -16.22
N TYR B 601 36.85 21.94 -15.02
CA TYR B 601 37.07 20.50 -14.89
C TYR B 601 35.90 19.69 -15.45
N TYR B 602 34.68 20.06 -15.07
CA TYR B 602 33.48 19.39 -15.58
C TYR B 602 33.40 19.42 -17.11
N ASP B 603 33.72 20.58 -17.70
CA ASP B 603 33.75 20.76 -19.15
C ASP B 603 34.79 19.85 -19.81
N ALA B 604 35.94 19.71 -19.16
CA ALA B 604 37.02 18.86 -19.69
C ALA B 604 36.69 17.35 -19.70
N VAL B 605 35.79 16.90 -18.82
CA VAL B 605 35.42 15.47 -18.71
C VAL B 605 33.99 15.09 -19.18
N THR B 606 33.25 16.03 -19.76
CA THR B 606 31.88 15.80 -20.25
C THR B 606 31.84 16.12 -21.75
N PRO B 607 31.41 15.19 -22.61
CA PRO B 607 30.83 13.89 -22.24
C PRO B 607 31.86 12.74 -22.00
N ARG B 608 33.09 12.93 -22.46
CA ARG B 608 34.14 11.89 -22.43
C ARG B 608 35.45 12.47 -21.88
N VAL B 609 36.35 11.59 -21.42
CA VAL B 609 37.72 11.98 -21.10
C VAL B 609 38.57 11.73 -22.33
N SER B 610 39.78 12.27 -22.35
CA SER B 610 40.71 12.08 -23.47
C SER B 610 41.29 10.69 -23.44
N GLY B 611 41.40 10.11 -22.24
CA GLY B 611 42.03 8.82 -22.05
C GLY B 611 43.50 8.94 -21.68
N LYS B 612 44.11 10.10 -21.99
CA LYS B 612 45.52 10.35 -21.67
C LYS B 612 45.68 10.54 -20.16
N LYS B 613 46.79 10.01 -19.64
CA LYS B 613 47.13 10.09 -18.22
C LYS B 613 48.45 10.83 -18.02
N LEU B 614 48.54 11.60 -16.92
CA LEU B 614 49.80 12.20 -16.50
C LEU B 614 50.36 11.41 -15.32
N LEU B 615 51.67 11.26 -15.27
CA LEU B 615 52.36 10.76 -14.08
C LEU B 615 52.88 11.94 -13.23
N LEU B 616 52.42 12.02 -11.98
CA LEU B 616 52.68 13.17 -11.09
C LEU B 616 53.49 12.72 -9.88
N ASP B 617 54.42 13.57 -9.42
CA ASP B 617 55.27 13.27 -8.25
C ASP B 617 54.40 13.08 -7.03
N ILE B 618 54.55 11.96 -6.34
CA ILE B 618 53.68 11.62 -5.20
C ILE B 618 53.79 12.62 -4.06
N ARG B 619 54.98 13.21 -3.87
CA ARG B 619 55.18 14.27 -2.85
C ARG B 619 54.51 15.58 -3.24
N LYS B 620 54.52 15.92 -4.54
CA LYS B 620 53.88 17.14 -5.01
C LYS B 620 52.34 17.05 -4.94
N VAL B 621 51.79 15.86 -5.20
CA VAL B 621 50.34 15.63 -5.04
C VAL B 621 49.97 15.73 -3.56
N ALA B 622 50.77 15.10 -2.72
CA ALA B 622 50.62 15.20 -1.27
C ALA B 622 50.65 16.65 -0.76
N GLU B 623 51.56 17.44 -1.31
CA GLU B 623 51.63 18.87 -0.99
C GLU B 623 50.36 19.61 -1.41
N ASP B 624 49.82 19.30 -2.60
CA ASP B 624 48.55 19.91 -3.03
C ASP B 624 47.42 19.55 -2.06
N LEU B 625 47.37 18.29 -1.65
CA LEU B 625 46.31 17.82 -0.76
C LEU B 625 46.40 18.48 0.63
N LYS B 626 47.62 18.60 1.15
CA LYS B 626 47.85 19.24 2.43
C LYS B 626 47.49 20.75 2.41
N ARG B 627 47.78 21.42 1.30
CA ARG B 627 47.39 22.81 1.12
C ARG B 627 45.88 22.98 1.18
N LYS B 628 45.15 22.15 0.44
CA LYS B 628 43.69 22.11 0.53
C LYS B 628 43.22 21.89 1.97
N ALA B 629 43.78 20.87 2.62
CA ALA B 629 43.35 20.51 3.97
C ALA B 629 43.65 21.65 4.96
N ASP B 630 44.84 22.22 4.87
CA ASP B 630 45.25 23.38 5.70
C ASP B 630 44.34 24.59 5.50
N TRP B 631 43.96 24.86 4.25
CA TRP B 631 43.06 25.98 3.96
C TRP B 631 41.71 25.73 4.65
N ALA B 632 41.18 24.52 4.50
CA ALA B 632 39.87 24.20 5.07
C ALA B 632 39.88 24.25 6.59
N VAL B 633 40.92 23.69 7.19
CA VAL B 633 41.05 23.70 8.65
C VAL B 633 41.06 25.15 9.19
N ALA B 634 41.89 26.02 8.60
CA ALA B 634 41.95 27.42 8.99
C ALA B 634 40.63 28.16 8.79
N HIS B 635 39.96 27.91 7.66
CA HIS B 635 38.67 28.55 7.40
C HIS B 635 37.59 28.12 8.40
N LEU B 636 37.50 26.83 8.72
CA LEU B 636 36.53 26.36 9.70
C LEU B 636 36.81 26.95 11.09
N ARG B 637 38.07 26.92 11.50
CA ARG B 637 38.44 27.43 12.83
C ARG B 637 38.20 28.93 12.97
N GLY B 638 38.44 29.68 11.89
CA GLY B 638 38.32 31.14 11.90
C GLY B 638 36.92 31.67 11.59
N SER B 639 36.09 30.88 10.89
CA SER B 639 34.77 31.36 10.44
C SER B 639 33.56 30.61 10.95
N GLU B 640 33.72 29.37 11.38
CA GLU B 640 32.58 28.57 11.76
C GLU B 640 32.58 28.15 13.22
N TRP B 641 33.55 28.63 13.99
CA TRP B 641 33.57 28.45 15.42
C TRP B 641 32.63 29.50 16.02
N ILE B 642 31.57 29.08 16.72
CA ILE B 642 30.60 30.02 17.25
C ILE B 642 30.45 29.94 18.77
N GLN B 643 29.81 30.94 19.34
CA GLN B 643 29.63 31.02 20.79
C GLN B 643 28.23 31.54 21.11
N SER B 644 27.58 30.95 22.10
CA SER B 644 26.30 31.50 22.57
C SER B 644 26.58 32.65 23.55
N LYS B 645 25.59 33.51 23.79
CA LYS B 645 25.73 34.58 24.80
C LYS B 645 26.04 34.04 26.19
N GLU B 646 25.55 32.84 26.51
CA GLU B 646 25.89 32.20 27.76
C GLU B 646 27.39 31.82 27.87
N GLY B 647 28.09 31.69 26.75
CA GLY B 647 29.55 31.42 26.72
C GLY B 647 29.94 29.97 26.34
N TYR B 648 28.99 29.14 25.94
CA TYR B 648 29.33 27.84 25.38
C TYR B 648 29.76 28.05 23.93
N ALA B 649 30.65 27.18 23.44
CA ALA B 649 31.20 27.35 22.09
C ALA B 649 31.30 26.01 21.38
N TRP B 650 31.09 26.04 20.07
CA TRP B 650 31.07 24.82 19.26
C TRP B 650 31.14 25.17 17.77
N PHE B 651 31.17 24.16 16.88
CA PHE B 651 31.18 24.44 15.43
C PHE B 651 29.76 24.52 14.84
N ASN B 652 29.46 25.59 14.11
CA ASN B 652 28.28 25.62 13.26
C ASN B 652 28.35 24.48 12.27
N GLY B 653 27.23 23.76 12.12
CA GLY B 653 27.16 22.63 11.21
C GLY B 653 26.58 22.91 9.83
N TYR B 654 25.74 23.94 9.73
CA TYR B 654 24.89 24.13 8.54
C TYR B 654 24.59 25.59 8.19
N TYR B 655 24.39 25.82 6.91
CA TYR B 655 23.67 26.98 6.41
C TYR B 655 22.42 26.48 5.69
N ASN B 656 21.33 27.22 5.81
CA ASN B 656 20.05 26.81 5.25
C ASN B 656 19.89 27.36 3.83
N ASN B 657 18.71 27.17 3.23
CA ASN B 657 18.50 27.54 1.84
C ASN B 657 18.31 29.03 1.61
N ASP B 658 18.25 29.81 2.69
CA ASP B 658 18.32 31.27 2.58
C ASP B 658 19.74 31.80 2.84
N GLY B 659 20.74 30.92 2.88
CA GLY B 659 22.12 31.29 3.16
C GLY B 659 22.39 31.77 4.58
N GLU B 660 21.54 31.36 5.53
CA GLU B 660 21.65 31.79 6.92
C GLU B 660 22.31 30.70 7.72
N ARG B 661 23.16 31.12 8.65
CA ARG B 661 23.77 30.23 9.64
C ARG B 661 22.68 29.54 10.47
N VAL B 662 22.76 28.22 10.60
CA VAL B 662 21.68 27.48 11.28
C VAL B 662 21.85 27.53 12.80
N GLU B 663 23.06 27.34 13.29
CA GLU B 663 23.29 27.13 14.71
C GLU B 663 23.64 28.43 15.46
N GLY B 664 23.40 28.41 16.78
CA GLY B 664 23.67 29.54 17.66
C GLY B 664 22.40 29.95 18.40
N ASP B 665 22.45 31.13 19.00
CA ASP B 665 21.30 31.67 19.72
C ASP B 665 20.11 31.89 18.77
N HIS B 666 18.92 31.68 19.31
CA HIS B 666 17.71 31.77 18.52
C HIS B 666 16.55 32.00 19.47
N PRO B 667 15.52 32.74 19.01
CA PRO B 667 14.25 32.72 19.75
C PRO B 667 13.78 31.30 20.09
N ASP B 668 13.29 31.14 21.32
CA ASP B 668 12.84 29.87 21.85
C ASP B 668 13.91 28.82 22.11
N GLY B 669 15.18 29.16 21.92
CA GLY B 669 16.26 28.27 22.36
C GLY B 669 17.38 28.12 21.39
N VAL B 670 18.57 27.90 21.94
CA VAL B 670 19.79 27.66 21.19
C VAL B 670 19.62 26.49 20.23
N ARG B 671 20.10 26.67 19.00
CA ARG B 671 20.11 25.63 17.97
C ARG B 671 21.50 25.07 17.85
N MET B 672 21.62 23.76 18.07
CA MET B 672 22.89 23.05 17.96
C MET B 672 22.65 21.67 17.36
N THR B 673 23.61 21.17 16.57
CA THR B 673 23.53 19.83 16.01
C THR B 673 24.72 19.03 16.50
N LEU B 674 24.50 17.75 16.75
CA LEU B 674 25.57 16.85 17.06
C LEU B 674 26.45 16.62 15.84
N THR B 675 25.82 16.53 14.66
CA THR B 675 26.57 16.22 13.42
C THR B 675 27.66 17.23 13.11
N GLY B 676 27.39 18.51 13.39
CA GLY B 676 28.36 19.57 13.21
C GLY B 676 29.62 19.47 14.08
N GLN B 677 29.60 18.60 15.08
CA GLN B 677 30.71 18.43 15.99
C GLN B 677 31.53 17.19 15.70
N VAL B 678 30.88 16.13 15.24
CA VAL B 678 31.48 14.79 15.24
C VAL B 678 32.74 14.67 14.38
N PHE B 679 32.67 15.14 13.15
CA PHE B 679 33.80 15.02 12.21
C PHE B 679 34.87 16.07 12.43
N ALA B 680 34.50 17.25 12.95
CA ALA B 680 35.49 18.22 13.40
C ALA B 680 36.41 17.61 14.47
N ILE B 681 35.80 16.91 15.42
CA ILE B 681 36.57 16.21 16.46
C ILE B 681 37.37 15.03 15.89
N MET B 682 36.69 14.16 15.16
CA MET B 682 37.30 12.91 14.68
C MET B 682 38.53 13.17 13.79
N GLY B 683 38.40 14.19 12.94
CA GLY B 683 39.40 14.47 11.94
C GLY B 683 40.47 15.48 12.25
N GLY B 684 40.30 16.23 13.33
CA GLY B 684 41.31 17.16 13.79
C GLY B 684 41.06 18.62 13.45
N VAL B 685 39.96 18.94 12.76
CA VAL B 685 39.61 20.35 12.58
C VAL B 685 39.47 21.05 13.94
N ALA B 686 38.82 20.37 14.88
CA ALA B 686 38.76 20.84 16.25
C ALA B 686 40.12 20.62 16.93
N THR B 687 40.69 21.69 17.48
CA THR B 687 41.87 21.57 18.39
C THR B 687 41.46 20.83 19.66
N ASP B 688 42.43 20.45 20.48
CA ASP B 688 42.11 19.83 21.78
C ASP B 688 41.26 20.77 22.64
N GLU B 689 41.57 22.07 22.61
CA GLU B 689 40.83 23.06 23.40
C GLU B 689 39.39 23.20 22.86
N GLN B 690 39.25 23.25 21.53
CA GLN B 690 37.94 23.29 20.91
C GLN B 690 37.12 22.04 21.23
N THR B 691 37.78 20.89 21.23
CA THR B 691 37.13 19.61 21.52
C THR B 691 36.59 19.58 22.97
N GLU B 692 37.38 20.07 23.93
CA GLU B 692 36.91 20.17 25.30
C GLU B 692 35.67 21.05 25.37
N LYS B 693 35.70 22.18 24.68
CA LYS B 693 34.59 23.11 24.68
C LYS B 693 33.36 22.55 23.98
N ILE B 694 33.57 21.85 22.86
CA ILE B 694 32.46 21.19 22.17
C ILE B 694 31.78 20.20 23.12
N SER B 695 32.57 19.38 23.81
N SER B 695 32.57 19.40 23.82
CA SER B 695 32.02 18.39 24.72
CA SER B 695 32.05 18.39 24.71
C SER B 695 31.17 19.03 25.82
C SER B 695 31.20 19.01 25.85
N GLN B 696 31.61 20.18 26.33
CA GLN B 696 30.83 20.96 27.29
C GLN B 696 29.51 21.47 26.69
N ALA B 697 29.57 21.99 25.47
CA ALA B 697 28.36 22.47 24.77
C ALA B 697 27.37 21.33 24.48
N VAL B 698 27.89 20.20 24.02
CA VAL B 698 27.07 19.00 23.80
C VAL B 698 26.36 18.60 25.09
N ASN B 699 27.11 18.50 26.17
CA ASN B 699 26.51 18.11 27.45
C ASN B 699 25.48 19.12 27.95
N ARG B 700 25.71 20.37 27.65
CA ARG B 700 24.82 21.45 28.05
C ARG B 700 23.52 21.52 27.25
N TYR B 701 23.61 21.42 25.92
CA TYR B 701 22.48 21.65 25.03
C TYR B 701 21.83 20.37 24.48
N LEU B 702 22.60 19.28 24.37
CA LEU B 702 22.15 18.08 23.70
C LEU B 702 21.91 16.86 24.59
N LYS B 703 22.60 16.77 25.73
CA LYS B 703 22.54 15.62 26.59
C LYS B 703 21.29 15.71 27.44
N ASP B 704 20.31 14.87 27.14
CA ASP B 704 19.07 14.84 27.86
C ASP B 704 19.20 13.79 28.98
N GLU B 705 18.74 14.11 30.18
N GLU B 705 18.75 14.10 30.21
CA GLU B 705 18.92 13.17 31.28
CA GLU B 705 18.86 13.14 31.34
C GLU B 705 18.06 11.89 31.12
C GLU B 705 18.05 11.85 31.12
N ARG B 706 16.94 11.96 30.39
CA ARG B 706 16.07 10.80 30.15
C ARG B 706 16.48 10.01 28.91
N ILE B 707 16.81 10.67 27.80
CA ILE B 707 17.03 9.98 26.55
C ILE B 707 18.43 10.06 25.94
N GLY B 708 19.38 10.68 26.63
CA GLY B 708 20.76 10.71 26.16
C GLY B 708 21.09 11.82 25.16
N TYR B 709 22.10 11.55 24.35
CA TYR B 709 22.68 12.56 23.47
C TYR B 709 21.84 12.77 22.23
N ARG B 710 21.07 13.85 22.20
CA ARG B 710 20.23 14.18 21.08
C ARG B 710 21.00 14.59 19.84
N LEU B 711 20.38 14.35 18.68
CA LEU B 711 20.98 14.67 17.41
C LEU B 711 21.04 16.17 17.17
N ASN B 712 20.10 16.89 17.76
CA ASN B 712 19.99 18.33 17.64
C ASN B 712 19.09 18.82 18.74
N SER B 713 19.19 20.10 19.08
CA SER B 713 18.26 20.75 19.99
C SER B 713 17.00 21.13 19.20
N ARG B 714 15.99 21.61 19.92
CA ARG B 714 14.69 21.88 19.34
C ARG B 714 14.64 23.13 18.45
N PHE B 715 14.22 22.92 17.20
CA PHE B 715 13.89 24.01 16.32
C PHE B 715 12.35 24.04 16.35
N GLY B 716 11.75 25.15 16.70
CA GLY B 716 10.29 25.19 16.79
C GLY B 716 9.58 25.12 15.42
N GLY B 717 8.75 24.13 15.23
CA GLY B 717 8.00 23.95 13.99
C GLY B 717 8.80 23.47 12.78
N ILE B 718 8.11 23.38 11.66
CA ILE B 718 8.72 22.91 10.40
C ILE B 718 9.75 23.93 9.89
N GLN B 719 10.70 23.42 9.13
CA GLN B 719 11.84 24.22 8.68
C GLN B 719 12.00 23.97 7.20
N GLN B 720 11.12 24.59 6.42
CA GLN B 720 11.01 24.33 4.97
C GLN B 720 12.16 24.90 4.10
N ASN B 721 13.08 25.65 4.70
CA ASN B 721 14.32 26.06 4.06
C ASN B 721 15.50 25.18 4.50
N LEU B 722 15.25 24.08 5.19
CA LEU B 722 16.33 23.23 5.66
C LEU B 722 16.07 21.75 5.44
N GLY B 723 14.96 21.23 5.96
CA GLY B 723 14.70 19.82 5.77
C GLY B 723 13.40 19.28 6.31
N ARG B 724 12.94 18.19 5.70
CA ARG B 724 11.69 17.53 6.08
C ARG B 724 11.82 16.88 7.47
N ALA B 725 13.05 16.64 7.93
CA ALA B 725 13.26 16.10 9.28
C ALA B 725 12.52 16.90 10.37
N PHE B 726 12.43 18.21 10.17
CA PHE B 726 11.80 19.07 11.16
C PHE B 726 10.26 19.00 11.18
N GLY B 727 9.67 18.24 10.27
CA GLY B 727 8.27 17.87 10.35
C GLY B 727 8.01 16.73 11.29
N PHE B 728 9.05 15.95 11.62
CA PHE B 728 8.92 14.94 12.67
C PHE B 728 8.82 15.64 14.02
N ALA B 729 8.05 15.05 14.92
CA ALA B 729 7.97 15.49 16.29
C ALA B 729 9.38 15.45 16.90
N PHE B 730 9.65 16.43 17.76
CA PHE B 730 10.95 16.53 18.44
C PHE B 730 11.18 15.30 19.29
N GLY B 731 12.36 14.73 19.19
CA GLY B 731 12.67 13.47 19.85
C GLY B 731 12.42 12.19 19.04
N HIS B 732 12.24 12.30 17.73
CA HIS B 732 11.96 11.14 16.92
C HIS B 732 12.72 11.19 15.61
N LYS B 733 13.34 10.08 15.23
CA LYS B 733 14.04 9.93 13.96
C LYS B 733 15.14 11.01 13.88
N GLU B 734 15.31 11.69 12.74
CA GLU B 734 16.39 12.67 12.65
C GLU B 734 16.03 14.05 13.26
N ASN B 735 14.87 14.20 13.90
CA ASN B 735 14.61 15.42 14.65
C ASN B 735 14.80 15.23 16.16
N GLY B 736 16.05 15.32 16.58
CA GLY B 736 16.38 15.42 18.01
C GLY B 736 16.21 14.18 18.87
N ALA B 737 16.12 13.01 18.23
CA ALA B 737 16.13 11.77 18.99
C ALA B 737 17.59 11.49 19.37
N MET B 738 17.77 10.50 20.24
CA MET B 738 19.11 9.94 20.47
C MET B 738 19.33 9.02 19.28
N PHE B 739 20.05 9.53 18.27
CA PHE B 739 20.22 8.77 17.06
C PHE B 739 21.54 8.02 17.12
N SER B 740 21.45 6.71 17.36
CA SER B 740 22.58 5.90 17.80
C SER B 740 23.79 5.99 16.91
N HIS B 741 23.57 6.01 15.61
CA HIS B 741 24.66 6.01 14.68
C HIS B 741 25.54 7.26 14.88
N MET B 742 24.92 8.43 15.01
CA MET B 742 25.69 9.64 15.17
C MET B 742 26.35 9.71 16.57
N THR B 743 25.63 9.23 17.59
CA THR B 743 26.13 9.25 18.95
C THR B 743 27.32 8.32 19.10
N VAL B 744 27.28 7.14 18.46
CA VAL B 744 28.44 6.26 18.46
C VAL B 744 29.63 6.91 17.78
N MET B 745 29.38 7.58 16.66
CA MET B 745 30.44 8.28 15.96
C MET B 745 31.05 9.41 16.78
N TYR B 746 30.22 10.12 17.53
CA TYR B 746 30.68 11.08 18.50
C TYR B 746 31.62 10.45 19.53
N ALA B 747 31.22 9.33 20.12
CA ALA B 747 32.08 8.60 21.06
C ALA B 747 33.38 8.17 20.42
N ASN B 748 33.29 7.61 19.23
CA ASN B 748 34.49 7.18 18.48
C ASN B 748 35.45 8.35 18.31
N ALA B 749 34.92 9.51 17.91
CA ALA B 749 35.71 10.70 17.74
C ALA B 749 36.42 11.11 19.07
N LEU B 750 35.67 11.09 20.17
CA LEU B 750 36.24 11.41 21.48
C LEU B 750 37.37 10.47 21.86
N TYR B 751 37.16 9.16 21.74
CA TYR B 751 38.21 8.19 22.02
C TYR B 751 39.45 8.40 21.14
N LYS B 752 39.23 8.60 19.85
CA LYS B 752 40.32 8.87 18.90
C LYS B 752 41.20 10.03 19.36
N ARG B 753 40.59 11.08 19.93
CA ARG B 753 41.30 12.28 20.37
C ARG B 753 41.84 12.22 21.80
N GLY B 754 41.64 11.10 22.49
CA GLY B 754 42.12 10.92 23.86
C GLY B 754 41.15 11.36 24.94
N PHE B 755 39.92 11.76 24.58
CA PHE B 755 38.91 12.15 25.56
C PHE B 755 38.16 10.92 26.04
N VAL B 756 38.87 10.09 26.80
CA VAL B 756 38.39 8.75 27.13
C VAL B 756 37.22 8.72 28.12
N GLN B 757 37.26 9.53 29.18
CA GLN B 757 36.15 9.59 30.15
C GLN B 757 34.87 10.09 29.47
N GLU B 758 35.03 11.04 28.55
CA GLU B 758 33.90 11.62 27.85
C GLU B 758 33.34 10.58 26.88
N GLY B 759 34.22 9.95 26.13
CA GLY B 759 33.84 8.86 25.23
C GLY B 759 33.13 7.73 25.94
N PHE B 760 33.67 7.31 27.09
CA PHE B 760 33.06 6.28 27.90
C PHE B 760 31.62 6.64 28.30
N GLU B 761 31.40 7.88 28.74
CA GLU B 761 30.08 8.36 29.13
C GLU B 761 29.09 8.20 27.99
N VAL B 762 29.54 8.52 26.78
CA VAL B 762 28.68 8.43 25.60
C VAL B 762 28.28 6.98 25.30
N LEU B 763 29.27 6.09 25.20
CA LEU B 763 29.00 4.68 24.91
C LEU B 763 28.18 4.00 25.99
N ASP B 764 28.51 4.29 27.25
CA ASP B 764 27.75 3.75 28.38
C ASP B 764 26.28 4.23 28.37
N SER B 765 26.03 5.48 27.98
N SER B 765 26.04 5.48 27.98
CA SER B 765 24.67 5.99 27.88
CA SER B 765 24.70 6.02 27.86
C SER B 765 23.83 5.21 26.84
C SER B 765 23.84 5.20 26.86
N ILE B 766 24.43 4.87 25.71
CA ILE B 766 23.74 4.09 24.67
C ILE B 766 23.32 2.71 25.22
N TYR B 767 24.26 2.02 25.84
CA TYR B 767 23.94 0.75 26.50
C TYR B 767 22.87 0.90 27.59
N ARG B 768 23.04 1.86 28.48
CA ARG B 768 22.11 1.98 29.60
C ARG B 768 20.68 2.31 29.13
N LEU B 769 20.56 3.19 28.17
CA LEU B 769 19.26 3.50 27.56
C LEU B 769 18.64 2.28 26.88
N SER B 770 19.43 1.57 26.11
CA SER B 770 18.95 0.39 25.36
C SER B 770 18.49 -0.72 26.30
N ALA B 771 19.22 -0.90 27.39
CA ALA B 771 18.94 -1.97 28.34
C ALA B 771 17.96 -1.61 29.47
N ASP B 772 17.51 -0.37 29.54
CA ASP B 772 16.54 0.05 30.56
C ASP B 772 15.14 -0.27 30.01
N PHE B 773 14.78 -1.55 30.10
CA PHE B 773 13.63 -2.12 29.39
C PHE B 773 12.32 -1.43 29.71
N GLU B 774 12.15 -1.03 30.96
CA GLU B 774 10.95 -0.29 31.36
C GLU B 774 10.64 0.89 30.42
N ASN B 775 11.68 1.56 29.94
CA ASN B 775 11.52 2.63 28.94
C ASN B 775 11.79 2.16 27.52
N SER B 776 12.89 1.44 27.29
CA SER B 776 13.29 1.08 25.94
C SER B 776 12.33 0.09 25.27
N ARG B 777 11.78 -0.84 26.05
CA ARG B 777 10.86 -1.86 25.58
C ARG B 777 11.40 -2.64 24.35
N ILE B 778 12.69 -2.93 24.35
CA ILE B 778 13.32 -3.72 23.32
C ILE B 778 14.14 -4.82 23.93
N TYR B 779 14.36 -5.84 23.11
CA TYR B 779 15.26 -6.93 23.42
C TYR B 779 16.73 -6.45 23.34
N PRO B 780 17.68 -7.26 23.82
CA PRO B 780 19.08 -6.89 23.68
C PRO B 780 19.47 -6.53 22.25
N GLY B 781 20.20 -5.42 22.14
CA GLY B 781 20.64 -4.86 20.89
C GLY B 781 20.60 -3.35 20.99
N VAL B 782 21.17 -2.70 20.00
CA VAL B 782 21.17 -1.23 19.91
C VAL B 782 20.14 -0.82 18.85
N PRO B 783 19.19 0.07 19.20
CA PRO B 783 18.18 0.48 18.23
C PRO B 783 18.70 1.61 17.36
N GLU B 784 18.01 1.92 16.27
CA GLU B 784 18.35 3.10 15.47
C GLU B 784 18.29 4.40 16.30
N TYR B 785 17.26 4.52 17.11
CA TYR B 785 17.12 5.64 17.98
C TYR B 785 16.36 5.35 19.25
N ILE B 786 16.64 6.16 20.26
CA ILE B 786 15.85 6.21 21.48
C ILE B 786 15.05 7.49 21.35
N ASN B 787 13.74 7.37 21.55
CA ASN B 787 12.83 8.46 21.24
C ASN B 787 12.50 9.31 22.48
N GLU B 788 11.62 10.28 22.28
CA GLU B 788 11.24 11.23 23.31
C GLU B 788 10.70 10.59 24.58
N ARG B 789 10.15 9.37 24.48
CA ARG B 789 9.65 8.67 25.65
C ARG B 789 10.62 7.64 26.17
N GLY B 790 11.80 7.58 25.60
CA GLY B 790 12.82 6.61 25.96
C GLY B 790 12.69 5.26 25.30
N ARG B 791 11.80 5.11 24.31
CA ARG B 791 11.57 3.83 23.63
C ARG B 791 12.61 3.59 22.55
N GLY B 792 13.07 2.34 22.45
CA GLY B 792 13.93 1.91 21.37
C GLY B 792 13.15 1.68 20.07
N MET B 793 13.61 2.29 18.99
CA MET B 793 12.91 2.33 17.74
C MET B 793 13.79 1.84 16.60
N TYR B 794 13.16 1.14 15.66
CA TYR B 794 13.83 0.58 14.45
C TYR B 794 15.00 -0.31 14.89
N THR B 795 14.63 -1.47 15.43
CA THR B 795 15.57 -2.36 16.05
C THR B 795 16.35 -3.18 15.04
N TYR B 796 17.47 -3.71 15.48
CA TYR B 796 18.29 -4.72 14.76
C TYR B 796 19.06 -4.23 13.53
N LEU B 797 18.42 -3.54 12.59
CA LEU B 797 19.04 -3.34 11.28
C LEU B 797 19.92 -2.09 11.18
N THR B 798 19.96 -1.31 12.22
CA THR B 798 20.72 -0.04 12.26
C THR B 798 22.22 -0.20 12.03
N GLY B 799 22.78 0.65 11.17
CA GLY B 799 24.23 0.78 11.00
C GLY B 799 25.03 1.17 12.22
N SER B 800 24.36 1.65 13.27
CA SER B 800 25.02 1.97 14.49
C SER B 800 25.74 0.76 15.11
N ALA B 801 25.20 -0.45 14.91
CA ALA B 801 25.82 -1.65 15.48
C ALA B 801 27.21 -1.85 14.93
N SER B 802 27.38 -1.65 13.62
CA SER B 802 28.71 -1.78 13.02
C SER B 802 29.70 -0.84 13.68
N TRP B 803 29.27 0.41 13.85
CA TRP B 803 30.13 1.41 14.46
C TRP B 803 30.41 1.13 15.93
N LEU B 804 29.39 0.65 16.65
CA LEU B 804 29.56 0.32 18.05
C LEU B 804 30.55 -0.81 18.23
N LEU B 805 30.38 -1.88 17.45
CA LEU B 805 31.32 -3.01 17.42
C LEU B 805 32.73 -2.53 17.13
N LEU B 806 32.88 -1.76 16.06
CA LEU B 806 34.19 -1.28 15.67
C LEU B 806 34.84 -0.37 16.73
N THR B 807 34.05 0.49 17.34
CA THR B 807 34.55 1.41 18.34
C THR B 807 35.00 0.68 19.62
N GLN B 808 34.20 -0.28 20.07
CA GLN B 808 34.57 -1.09 21.23
C GLN B 808 35.87 -1.84 20.98
N LEU B 809 36.01 -2.42 19.79
CA LEU B 809 37.18 -3.23 19.47
C LEU B 809 38.42 -2.38 19.21
N THR B 810 38.30 -1.36 18.36
CA THR B 810 39.47 -0.63 17.87
C THR B 810 39.85 0.61 18.67
N GLU B 811 38.92 1.14 19.44
CA GLU B 811 39.19 2.32 20.28
C GLU B 811 39.20 2.02 21.77
N VAL B 812 38.16 1.38 22.27
CA VAL B 812 38.03 1.12 23.70
C VAL B 812 39.06 0.08 24.14
N TYR B 813 39.00 -1.12 23.57
CA TYR B 813 40.02 -2.15 23.81
C TYR B 813 41.30 -1.87 23.02
N GLY B 814 41.18 -1.06 21.96
CA GLY B 814 42.33 -0.52 21.26
C GLY B 814 43.13 -1.54 20.49
N VAL B 815 42.43 -2.51 19.93
CA VAL B 815 43.05 -3.56 19.10
C VAL B 815 42.76 -3.21 17.64
N LYS B 816 43.78 -2.78 16.92
CA LYS B 816 43.62 -2.25 15.56
C LYS B 816 44.89 -2.43 14.77
N GLY B 817 44.73 -2.44 13.46
CA GLY B 817 45.85 -2.47 12.54
C GLY B 817 46.47 -1.10 12.34
N ARG B 818 47.77 -1.11 12.04
CA ARG B 818 48.51 0.05 11.51
C ARG B 818 49.36 -0.51 10.38
N PHE B 819 48.98 -0.20 9.14
CA PHE B 819 49.59 -0.76 7.92
C PHE B 819 49.82 -2.27 8.00
N GLY B 820 48.87 -2.99 8.60
CA GLY B 820 48.91 -4.44 8.68
C GLY B 820 49.53 -5.01 9.93
N ASP B 821 50.36 -4.21 10.63
CA ASP B 821 50.88 -4.59 11.93
C ASP B 821 49.80 -4.39 12.98
N LEU B 822 49.91 -5.12 14.08
CA LEU B 822 48.94 -5.05 15.17
C LEU B 822 49.36 -4.01 16.19
N ARG B 823 48.49 -3.03 16.44
CA ARG B 823 48.72 -2.00 17.43
C ARG B 823 47.76 -2.26 18.60
N LEU B 824 48.32 -2.26 19.81
CA LEU B 824 47.57 -2.35 21.06
C LEU B 824 47.65 -1.02 21.79
N GLU B 825 46.51 -0.34 21.98
CA GLU B 825 46.44 0.96 22.69
C GLU B 825 45.15 1.02 23.53
N PRO B 826 45.12 0.31 24.68
CA PRO B 826 43.90 0.26 25.48
C PRO B 826 43.43 1.65 25.94
N LYS B 827 42.12 1.88 25.87
CA LYS B 827 41.50 3.09 26.42
C LYS B 827 40.37 2.70 27.34
N LEU B 828 40.64 1.69 28.15
CA LEU B 828 39.70 1.16 29.12
C LEU B 828 39.79 2.03 30.37
N VAL B 829 38.66 2.36 30.97
CA VAL B 829 38.64 3.03 32.28
C VAL B 829 38.74 1.97 33.38
N GLN B 830 39.12 2.40 34.58
CA GLN B 830 39.40 1.48 35.71
C GLN B 830 38.17 0.64 36.06
N ALA B 831 36.99 1.26 36.02
CA ALA B 831 35.75 0.53 36.30
C ALA B 831 35.48 -0.63 35.32
N GLN B 832 36.11 -0.66 34.16
CA GLN B 832 35.91 -1.74 33.18
C GLN B 832 36.65 -3.02 33.50
N PHE B 833 37.63 -2.98 34.41
CA PHE B 833 38.38 -4.18 34.75
C PHE B 833 37.57 -5.05 35.72
N ASP B 834 37.65 -6.37 35.55
CA ASP B 834 36.90 -7.31 36.39
C ASP B 834 37.55 -7.52 37.77
N GLY B 835 36.97 -8.41 38.57
CA GLY B 835 37.45 -8.72 39.92
C GLY B 835 38.89 -9.25 40.03
N SER B 836 39.43 -9.80 38.95
CA SER B 836 40.85 -10.22 38.96
C SER B 836 41.76 -9.19 38.25
N GLY B 837 41.24 -7.99 38.00
CA GLY B 837 42.00 -6.91 37.39
C GLY B 837 42.22 -7.05 35.89
N GLU B 838 41.28 -7.67 35.20
CA GLU B 838 41.45 -8.02 33.79
C GLU B 838 40.31 -7.54 32.94
N ALA B 839 40.61 -7.21 31.69
CA ALA B 839 39.61 -7.02 30.66
C ALA B 839 40.19 -7.62 29.40
N ALA B 840 39.35 -8.30 28.63
CA ALA B 840 39.85 -9.08 27.49
C ALA B 840 38.94 -8.95 26.28
N VAL B 841 39.53 -9.08 25.10
CA VAL B 841 38.76 -9.18 23.86
C VAL B 841 39.33 -10.29 22.99
N GLU B 842 38.45 -11.15 22.48
CA GLU B 842 38.83 -12.17 21.50
C GLU B 842 38.44 -11.62 20.13
N THR B 843 39.36 -11.68 19.18
CA THR B 843 39.21 -11.03 17.89
C THR B 843 40.13 -11.65 16.87
N LEU B 844 39.69 -11.60 15.63
CA LEU B 844 40.39 -12.15 14.48
C LEU B 844 41.33 -11.09 13.93
N PHE B 845 42.62 -11.38 13.82
CA PHE B 845 43.57 -10.49 13.18
C PHE B 845 44.59 -11.23 12.33
N ALA B 846 44.77 -10.75 11.09
CA ALA B 846 45.70 -11.36 10.12
C ALA B 846 45.48 -12.89 10.00
N GLY B 847 44.21 -13.26 9.94
CA GLY B 847 43.80 -14.65 9.83
C GLY B 847 43.93 -15.52 11.08
N ARG B 848 44.08 -14.93 12.28
CA ARG B 848 44.26 -15.71 13.52
C ARG B 848 43.37 -15.20 14.63
N MET B 849 42.82 -16.10 15.45
CA MET B 849 42.06 -15.69 16.64
C MET B 849 43.03 -15.36 17.80
N LEU B 850 42.97 -14.11 18.26
CA LEU B 850 43.75 -13.62 19.39
C LEU B 850 42.80 -13.33 20.56
N ARG B 851 43.22 -13.68 21.77
CA ARG B 851 42.60 -13.22 23.00
C ARG B 851 43.56 -12.22 23.63
N VAL B 852 43.28 -10.93 23.44
CA VAL B 852 44.08 -9.88 24.04
C VAL B 852 43.58 -9.63 25.45
N VAL B 853 44.40 -9.96 26.45
CA VAL B 853 44.04 -9.78 27.87
C VAL B 853 44.86 -8.64 28.48
N TYR B 854 44.17 -7.60 28.93
CA TYR B 854 44.78 -6.48 29.61
C TYR B 854 44.71 -6.71 31.13
N ARG B 855 45.87 -6.74 31.78
CA ARG B 855 45.97 -6.86 33.24
C ARG B 855 46.33 -5.52 33.86
N ASN B 856 45.54 -5.08 34.84
CA ASN B 856 45.73 -3.78 35.51
C ASN B 856 45.78 -4.04 37.01
N PRO B 857 46.81 -4.78 37.48
CA PRO B 857 46.90 -5.17 38.89
C PRO B 857 47.03 -3.98 39.86
N GLN B 858 47.62 -2.89 39.39
CA GLN B 858 47.72 -1.66 40.19
C GLN B 858 46.41 -0.83 40.17
N ALA B 859 45.41 -1.31 39.42
CA ALA B 859 44.12 -0.64 39.32
C ALA B 859 44.26 0.85 38.97
N ALA B 860 45.14 1.14 38.01
CA ALA B 860 45.35 2.50 37.51
C ALA B 860 44.22 2.93 36.60
N GLU B 861 43.84 4.20 36.71
CA GLU B 861 42.86 4.82 35.80
C GLU B 861 43.54 5.07 34.43
N HIS B 862 42.74 5.16 33.36
CA HIS B 862 43.29 5.58 32.04
C HIS B 862 43.97 6.93 32.20
N GLY B 863 45.10 7.08 31.51
CA GLY B 863 45.99 8.25 31.70
C GLY B 863 47.08 8.02 32.73
N GLN B 864 46.86 7.13 33.70
CA GLN B 864 47.85 6.77 34.70
C GLN B 864 48.52 5.43 34.37
N TYR B 865 48.12 4.73 33.31
CA TYR B 865 48.75 3.46 32.94
C TYR B 865 49.44 3.48 31.58
N ARG B 866 50.39 2.55 31.43
CA ARG B 866 51.12 2.32 30.20
C ARG B 866 51.33 0.82 30.07
N VAL B 867 51.76 0.39 28.89
CA VAL B 867 52.05 -1.04 28.64
C VAL B 867 53.43 -1.40 29.21
N ASP B 868 53.47 -2.31 30.19
CA ASP B 868 54.75 -2.71 30.85
C ASP B 868 55.41 -3.91 30.18
N SER B 869 54.60 -4.86 29.71
CA SER B 869 55.09 -6.01 28.94
C SER B 869 53.95 -6.72 28.21
N VAL B 870 54.35 -7.48 27.19
CA VAL B 870 53.45 -8.25 26.35
C VAL B 870 54.04 -9.64 26.15
N SER B 871 53.24 -10.68 26.40
CA SER B 871 53.62 -12.06 26.10
C SER B 871 52.63 -12.71 25.14
N LEU B 872 53.11 -13.64 24.33
CA LEU B 872 52.31 -14.29 23.28
C LEU B 872 52.52 -15.81 23.36
N ASN B 873 51.47 -16.53 23.73
CA ASN B 873 51.53 -17.98 24.04
C ASN B 873 52.64 -18.38 25.02
N GLY B 874 52.97 -17.51 25.98
CA GLY B 874 54.06 -17.76 26.96
C GLY B 874 55.49 -17.41 26.57
N GLN B 875 55.68 -16.67 25.47
CA GLN B 875 56.99 -16.11 25.08
C GLN B 875 56.88 -14.57 25.05
N SER B 876 58.01 -13.90 25.30
CA SER B 876 58.09 -12.44 25.37
C SER B 876 58.03 -11.81 23.97
N VAL B 877 57.32 -10.68 23.83
CA VAL B 877 57.13 -10.01 22.52
C VAL B 877 57.77 -8.62 22.48
N ASP B 878 58.44 -8.31 21.36
CA ASP B 878 59.02 -6.97 21.08
C ASP B 878 57.89 -6.01 20.64
N CYS B 879 57.99 -4.71 20.97
CA CYS B 879 56.87 -3.77 20.87
C CYS B 879 57.15 -2.42 20.15
N GLN B 880 58.14 -2.40 19.26
CA GLN B 880 58.55 -1.18 18.51
C GLN B 880 58.58 0.12 19.34
N ALA B 884 52.32 6.34 21.43
CA ALA B 884 50.90 6.08 21.68
C ALA B 884 50.69 4.78 22.49
N GLY B 885 50.94 3.63 21.86
CA GLY B 885 50.84 2.33 22.52
C GLY B 885 51.96 1.37 22.11
N CYS B 886 51.58 0.11 21.90
CA CYS B 886 52.50 -0.98 21.58
C CYS B 886 52.20 -1.59 20.20
N LEU B 887 53.24 -1.82 19.41
CA LEU B 887 53.12 -2.24 18.01
C LEU B 887 53.82 -3.59 17.71
N ILE B 888 53.06 -4.57 17.23
CA ILE B 888 53.56 -5.95 16.99
C ILE B 888 53.54 -6.25 15.49
N GLY B 889 54.70 -6.65 14.94
CA GLY B 889 54.82 -6.96 13.52
C GLY B 889 53.88 -8.07 13.06
N ARG B 890 53.33 -7.92 11.86
CA ARG B 890 52.32 -8.85 11.36
C ARG B 890 52.84 -10.30 11.23
N SER B 891 54.13 -10.47 10.92
CA SER B 891 54.71 -11.81 10.77
C SER B 891 54.62 -12.66 12.04
N LEU B 892 54.75 -12.04 13.21
CA LEU B 892 54.63 -12.75 14.49
C LEU B 892 53.22 -13.34 14.70
N ILE B 893 52.18 -12.63 14.23
CA ILE B 893 50.82 -13.13 14.33
C ILE B 893 50.64 -14.26 13.30
N GLU B 894 51.10 -14.02 12.06
CA GLU B 894 50.97 -14.99 10.96
C GLU B 894 51.71 -16.32 11.19
N ALA B 895 52.83 -16.27 11.92
CA ALA B 895 53.56 -17.49 12.29
C ALA B 895 52.83 -18.39 13.29
N LEU B 896 51.79 -17.88 13.97
CA LEU B 896 50.99 -18.69 14.91
C LEU B 896 50.19 -19.77 14.16
N PRO B 897 49.88 -20.91 14.84
CA PRO B 897 48.99 -21.92 14.23
C PRO B 897 47.61 -21.39 13.85
N ALA B 898 47.02 -21.98 12.81
CA ALA B 898 45.70 -21.54 12.30
C ALA B 898 44.57 -21.82 13.30
N ASP B 899 44.54 -23.04 13.84
CA ASP B 899 43.50 -23.44 14.80
C ASP B 899 43.78 -22.87 16.19
N GLY B 900 42.71 -22.60 16.94
CA GLY B 900 42.78 -22.22 18.35
C GLY B 900 42.77 -20.72 18.57
N VAL B 901 42.59 -20.33 19.83
CA VAL B 901 42.65 -18.93 20.26
C VAL B 901 44.00 -18.72 20.96
N HIS B 902 44.78 -17.78 20.47
CA HIS B 902 46.14 -17.52 21.00
C HIS B 902 46.12 -16.32 21.98
N GLU B 903 46.56 -16.57 23.20
CA GLU B 903 46.43 -15.61 24.28
C GLU B 903 47.59 -14.61 24.24
N LEU B 904 47.25 -13.33 24.26
CA LEU B 904 48.23 -12.24 24.20
C LEU B 904 48.02 -11.40 25.47
N ILE B 905 48.96 -11.48 26.41
CA ILE B 905 48.78 -10.89 27.73
C ILE B 905 49.55 -9.58 27.82
N VAL B 906 48.81 -8.48 27.97
CA VAL B 906 49.38 -7.14 28.04
C VAL B 906 49.28 -6.71 29.48
N THR B 907 50.44 -6.53 30.13
CA THR B 907 50.49 -6.14 31.53
C THR B 907 50.63 -4.63 31.60
N LEU B 908 49.66 -3.97 32.23
CA LEU B 908 49.67 -2.52 32.44
C LEU B 908 50.26 -2.12 33.82
N GLY B 909 51.13 -1.11 33.80
CA GLY B 909 51.67 -0.51 35.04
C GLY B 909 51.62 1.00 35.04
N ARG B 910 51.91 1.60 36.19
CA ARG B 910 51.80 3.05 36.40
C ARG B 910 52.90 3.85 35.70
#